data_5J9W
#
_entry.id   5J9W
#
_cell.length_a   87.260
_cell.length_b   138.570
_cell.length_c   167.868
_cell.angle_alpha   90.00
_cell.angle_beta   97.11
_cell.angle_gamma   90.00
#
_symmetry.space_group_name_H-M   'P 1 21 1'
#
loop_
_entity.id
_entity.type
_entity.pdbx_description
1 polymer 'Histone acetyltransferase ESA1'
2 polymer 'Chromatin modification-related protein EAF6'
3 polymer 'Enhancer of polycomb-like protein 1'
4 polymer 'Chromatin modification-related protein YNG2'
5 non-polymer 'ACETYL COENZYME *A'
#
loop_
_entity_poly.entity_id
_entity_poly.type
_entity_poly.pdbx_seq_one_letter_code
_entity_poly.pdbx_strand_id
1 'polypeptide(L)'
;HEDEIKKLRTSGSMTQNPHEVARVRNLNRIIMGKYEIEPWYFSPYPIELTDEDFIYIDDFTLQYFGSKKQYERYRKKCTL
RHPPGNEIYRDDYVSFFEIDGRKQRTWCRNLCLLSKLFLDH(ALY)TLYYDVDPFLFYCMTRRDELGHHLVGYFSKEKES
ADGYNVACILTLPQYQRMGYGKLLIEFSYELSKKENKVGSPQKPLSDLGLLSYRAYWSDTLITLLVEHQKEITIDEISSM
TSMTTTDILHTAKTLNILRYYKGQHIIFLNEDILDRYNRLKAKKRRTIDPNRLIWKPPVFTASQLRFAW
;
E,A,I
2 'polypeptide(L)'
;MTDELKSYEALKAELKKSLQDRREQEDTFDNLQQEIYDKETEYFSHNSNNNHSGHGGAHGSKSHYSGNIIKGFDTFSKSH
HSHADSAFNNNDRIFSLSSATYVKQQHGQSQND
;
F,B,J
3 'polypeptide(L)'
;IPTPDASMTWNEYDKFYTGSFQETTSYIKFSATVEDCCGTNYNMDERDETFLNEQVNKGSSDILTEDEFEILCSSFEHAI
HERQPFLSMDPESILSFEELKPTLIKSDMADFNLRNQLNHEINSHKTHFITQFDPVSQMNTRPLIQLIEKFGSKIYDYWR
ERKIEVNGYEIFPQLKFERPGEKEEIDPYVCFRRREVRHPRKTRRIDILNSQRLRALHQELKNAKDLALLVAKRENVSLN
WINDELKIFDQRVKIKNLKRSLNISGEDDDLINHKRKRPT
;
G,C,K
4 'polypeptide(L)'
;MDPSLVLEQTIQDVSNLPSEFRYLLEEIGSNDLKLIEEKKKYEQKESQIHKFIRQQGSIPKHPQEDGLDKEIKESLLKCQ
SLQREKCVLANTALFLIARHLNKLEKNIALLEEDGVLAPV
;
H,D,L
#
# COMPACT_ATOMS: atom_id res chain seq x y z
N GLU A 20 12.79 15.28 22.43
CA GLU A 20 13.35 16.49 23.03
C GLU A 20 12.23 17.41 23.52
N VAL A 21 11.31 17.79 22.62
CA VAL A 21 10.22 18.67 23.02
C VAL A 21 9.24 17.92 23.92
N ALA A 22 9.05 16.63 23.68
CA ALA A 22 8.11 15.83 24.46
C ALA A 22 8.58 15.59 25.88
N ARG A 23 9.85 15.87 26.18
CA ARG A 23 10.42 15.63 27.49
C ARG A 23 10.29 16.82 28.43
N VAL A 24 9.51 17.84 28.06
CA VAL A 24 9.28 19.01 28.90
C VAL A 24 7.79 19.30 28.97
N ARG A 25 7.40 19.97 30.07
CA ARG A 25 6.02 20.36 30.29
C ARG A 25 5.53 21.28 29.17
N ASN A 26 4.42 20.87 28.52
CA ASN A 26 3.95 21.56 27.34
C ASN A 26 3.15 22.82 27.66
N LEU A 27 2.23 22.74 28.62
CA LEU A 27 1.27 23.81 28.88
C LEU A 27 1.53 24.44 30.24
N ASN A 28 1.03 25.68 30.41
CA ASN A 28 1.21 26.40 31.66
C ASN A 28 0.24 25.94 32.75
N ARG A 29 -0.99 26.45 32.71
CA ARG A 29 -1.99 26.11 33.72
C ARG A 29 -3.35 25.91 33.06
N ILE A 30 -4.10 24.95 33.57
CA ILE A 30 -5.35 24.51 32.96
C ILE A 30 -6.48 24.59 33.99
N ILE A 31 -7.62 25.11 33.58
CA ILE A 31 -8.81 25.21 34.43
C ILE A 31 -9.83 24.22 33.89
N MET A 32 -9.93 23.05 34.52
CA MET A 32 -10.94 22.04 34.17
C MET A 32 -12.09 22.16 35.15
N GLY A 33 -13.25 22.62 34.66
CA GLY A 33 -14.38 22.84 35.52
C GLY A 33 -14.11 23.97 36.50
N LYS A 34 -14.20 23.68 37.79
CA LYS A 34 -13.94 24.66 38.83
C LYS A 34 -12.54 24.56 39.39
N TYR A 35 -11.82 23.48 39.06
CA TYR A 35 -10.49 23.23 39.61
C TYR A 35 -9.41 23.57 38.60
N GLU A 36 -8.43 24.35 39.03
CA GLU A 36 -7.25 24.66 38.24
C GLU A 36 -6.19 23.59 38.46
N ILE A 37 -5.69 23.02 37.37
CA ILE A 37 -4.68 21.97 37.47
C ILE A 37 -3.40 22.42 36.78
N GLU A 38 -2.27 21.88 37.25
CA GLU A 38 -0.96 22.18 36.67
C GLU A 38 -0.44 20.95 35.98
N PRO A 39 -0.32 20.94 34.65
CA PRO A 39 0.11 19.74 33.94
C PRO A 39 1.53 19.35 34.31
N TRP A 40 1.81 18.05 34.18
CA TRP A 40 3.12 17.47 34.52
C TRP A 40 3.97 17.19 33.29
N TYR A 41 3.38 16.73 32.19
CA TYR A 41 4.14 16.31 31.03
C TYR A 41 3.59 16.94 29.75
N PHE A 42 4.30 16.69 28.66
CA PHE A 42 3.91 17.15 27.33
C PHE A 42 2.62 16.47 26.87
N SER A 43 1.82 17.20 26.10
CA SER A 43 0.62 16.62 25.51
C SER A 43 0.36 17.29 24.17
N PRO A 44 0.12 16.51 23.10
CA PRO A 44 0.03 17.10 21.76
C PRO A 44 -1.19 17.96 21.51
N TYR A 45 -1.53 18.85 22.45
CA TYR A 45 -2.58 19.82 22.21
C TYR A 45 -2.20 20.72 21.04
N PRO A 46 -3.19 21.41 20.43
CA PRO A 46 -2.85 22.35 19.35
C PRO A 46 -1.77 23.33 19.78
N ILE A 47 -0.65 23.34 19.05
CA ILE A 47 0.50 24.11 19.47
C ILE A 47 0.17 25.58 19.66
N GLU A 48 -0.90 26.08 19.02
CA GLU A 48 -1.31 27.46 19.22
C GLU A 48 -1.68 27.73 20.68
N LEU A 49 -2.13 26.71 21.40
CA LEU A 49 -2.54 26.88 22.80
C LEU A 49 -1.35 27.04 23.73
N THR A 50 -0.15 26.67 23.30
CA THR A 50 1.03 26.83 24.13
C THR A 50 1.41 28.29 24.34
N ASP A 51 0.86 29.19 23.56
CA ASP A 51 1.13 30.62 23.68
C ASP A 51 0.14 31.33 24.59
N GLU A 52 -0.77 30.58 25.20
CA GLU A 52 -1.81 31.13 26.06
C GLU A 52 -1.46 30.94 27.53
N ASP A 53 -1.95 31.86 28.36
CA ASP A 53 -1.75 31.73 29.80
C ASP A 53 -2.69 30.68 30.39
N PHE A 54 -3.97 30.75 30.02
CA PHE A 54 -4.99 29.83 30.51
C PHE A 54 -5.50 28.95 29.36
N ILE A 55 -5.70 27.68 29.66
CA ILE A 55 -6.42 26.76 28.79
C ILE A 55 -7.61 26.24 29.58
N TYR A 56 -8.80 26.29 28.97
CA TYR A 56 -10.03 25.82 29.60
C TYR A 56 -10.36 24.42 29.09
N ILE A 57 -10.72 23.53 30.00
CA ILE A 57 -11.18 22.18 29.66
C ILE A 57 -12.60 22.02 30.18
N ASP A 58 -13.52 21.73 29.28
CA ASP A 58 -14.90 21.47 29.67
C ASP A 58 -14.95 20.28 30.62
N ASP A 59 -15.81 20.39 31.64
CA ASP A 59 -15.87 19.34 32.65
C ASP A 59 -16.66 18.12 32.21
N PHE A 60 -17.40 18.23 31.10
CA PHE A 60 -18.24 17.15 30.59
C PHE A 60 -17.77 16.61 29.24
N THR A 61 -17.33 17.48 28.34
CA THR A 61 -16.85 17.05 27.02
C THR A 61 -15.33 17.02 26.94
N LEU A 62 -14.63 17.57 27.92
CA LEU A 62 -13.17 17.62 27.97
C LEU A 62 -12.59 18.42 26.80
N GLN A 63 -13.41 19.25 26.16
CA GLN A 63 -12.94 20.08 25.07
C GLN A 63 -12.05 21.18 25.59
N TYR A 64 -11.00 21.51 24.83
CA TYR A 64 -10.01 22.51 25.18
C TYR A 64 -10.35 23.86 24.56
N PHE A 65 -10.02 24.93 25.28
CA PHE A 65 -10.30 26.29 24.84
C PHE A 65 -9.18 27.22 25.25
N GLY A 66 -8.77 28.07 24.33
CA GLY A 66 -7.83 29.14 24.64
C GLY A 66 -8.55 30.46 24.82
N SER A 67 -9.71 30.58 24.18
CA SER A 67 -10.52 31.79 24.23
C SER A 67 -11.63 31.65 25.27
N LYS A 68 -11.67 32.60 26.20
CA LYS A 68 -12.72 32.56 27.22
C LYS A 68 -14.10 32.79 26.61
N LYS A 69 -14.18 33.54 25.51
CA LYS A 69 -15.46 33.79 24.86
C LYS A 69 -15.97 32.51 24.18
N GLN A 70 -15.08 31.79 23.49
CA GLN A 70 -15.48 30.52 22.87
C GLN A 70 -15.93 29.53 23.94
N TYR A 71 -15.28 29.57 25.11
CA TYR A 71 -15.69 28.71 26.22
C TYR A 71 -17.11 29.04 26.67
N GLU A 72 -17.39 30.33 26.83
CA GLU A 72 -18.72 30.77 27.25
C GLU A 72 -19.79 30.32 26.27
N ARG A 73 -19.57 30.57 24.98
CA ARG A 73 -20.53 30.18 23.96
C ARG A 73 -20.73 28.67 23.95
N TYR A 74 -19.64 27.92 24.17
CA TYR A 74 -19.72 26.46 24.17
C TYR A 74 -20.55 25.96 25.34
N ARG A 75 -20.34 26.51 26.54
CA ARG A 75 -21.08 26.05 27.71
C ARG A 75 -22.58 26.33 27.57
N LYS A 76 -22.94 27.43 26.90
CA LYS A 76 -24.35 27.77 26.75
C LYS A 76 -25.07 26.82 25.78
N LYS A 77 -24.34 26.11 24.93
CA LYS A 77 -24.94 25.24 23.93
C LYS A 77 -24.71 23.76 24.20
N CYS A 78 -23.91 23.41 25.20
CA CYS A 78 -23.56 22.03 25.49
C CYS A 78 -24.59 21.41 26.43
N THR A 79 -25.25 20.36 25.98
CA THR A 79 -26.26 19.65 26.76
C THR A 79 -25.72 18.37 27.38
N LEU A 80 -24.49 17.99 27.06
CA LEU A 80 -23.88 16.79 27.64
C LEU A 80 -23.49 17.05 29.09
N ARG A 81 -23.93 16.17 29.99
CA ARG A 81 -23.66 16.35 31.41
C ARG A 81 -23.12 15.06 32.05
N HIS A 82 -22.57 14.16 31.24
CA HIS A 82 -21.97 12.92 31.69
C HIS A 82 -21.20 12.31 30.52
N PRO A 83 -20.29 11.39 30.78
CA PRO A 83 -19.56 10.70 29.69
C PRO A 83 -20.50 10.10 28.66
N PRO A 84 -20.20 10.30 27.38
CA PRO A 84 -21.12 9.84 26.32
C PRO A 84 -21.19 8.33 26.18
N GLY A 85 -21.83 7.66 27.13
CA GLY A 85 -21.93 6.21 27.06
C GLY A 85 -22.91 5.71 28.10
N ASN A 86 -23.03 4.39 28.18
CA ASN A 86 -23.94 3.77 29.14
C ASN A 86 -23.34 3.76 30.53
N GLU A 87 -24.17 4.08 31.52
CA GLU A 87 -23.79 3.98 32.93
C GLU A 87 -23.86 2.52 33.35
N ILE A 88 -22.72 1.92 33.68
CA ILE A 88 -22.66 0.50 34.02
C ILE A 88 -22.49 0.26 35.51
N TYR A 89 -22.36 1.32 36.30
CA TYR A 89 -22.19 1.17 37.75
C TYR A 89 -22.63 2.46 38.44
N ARG A 90 -23.27 2.31 39.60
CA ARG A 90 -23.69 3.50 40.37
C ARG A 90 -23.92 3.14 41.82
N ASP A 91 -23.21 3.81 42.72
CA ASP A 91 -23.56 3.84 44.14
C ASP A 91 -23.74 5.31 44.54
N ASP A 92 -23.89 5.56 45.84
CA ASP A 92 -24.09 6.93 46.31
C ASP A 92 -22.81 7.76 46.29
N TYR A 93 -21.68 7.16 45.91
CA TYR A 93 -20.39 7.83 45.89
C TYR A 93 -19.91 8.12 44.48
N VAL A 94 -19.72 7.08 43.65
CA VAL A 94 -19.21 7.25 42.29
C VAL A 94 -20.04 6.42 41.32
N SER A 95 -19.88 6.73 40.03
CA SER A 95 -20.48 5.98 38.93
C SER A 95 -19.43 5.69 37.88
N PHE A 96 -19.66 4.63 37.10
CA PHE A 96 -18.76 4.23 36.02
C PHE A 96 -19.50 4.21 34.69
N PHE A 97 -18.83 4.72 33.65
CA PHE A 97 -19.34 4.75 32.29
C PHE A 97 -18.38 4.00 31.37
N GLU A 98 -18.95 3.19 30.47
CA GLU A 98 -18.17 2.43 29.50
C GLU A 98 -18.25 3.12 28.14
N ILE A 99 -17.10 3.53 27.60
CA ILE A 99 -17.05 4.30 26.37
C ILE A 99 -16.10 3.63 25.38
N ASP A 100 -16.61 3.38 24.18
CA ASP A 100 -15.83 2.82 23.09
C ASP A 100 -15.14 3.96 22.34
N GLY A 101 -13.82 3.82 22.13
CA GLY A 101 -13.10 4.85 21.41
C GLY A 101 -13.58 5.00 19.98
N ARG A 102 -14.04 3.89 19.37
CA ARG A 102 -14.52 3.97 18.00
C ARG A 102 -15.84 4.72 17.91
N LYS A 103 -16.68 4.61 18.94
CA LYS A 103 -17.98 5.27 18.93
C LYS A 103 -17.90 6.74 19.33
N GLN A 104 -17.03 7.08 20.26
CA GLN A 104 -16.90 8.44 20.79
C GLN A 104 -15.50 8.97 20.50
N ARG A 105 -15.22 9.23 19.22
CA ARG A 105 -13.89 9.65 18.80
C ARG A 105 -13.48 10.97 19.44
N THR A 106 -14.34 11.99 19.32
CA THR A 106 -13.99 13.32 19.83
C THR A 106 -13.77 13.30 21.32
N TRP A 107 -14.68 12.69 22.07
CA TRP A 107 -14.57 12.68 23.52
C TRP A 107 -13.33 11.93 23.99
N CYS A 108 -13.06 10.76 23.41
CA CYS A 108 -11.94 9.95 23.84
C CYS A 108 -10.61 10.60 23.47
N ARG A 109 -10.55 11.29 22.34
CA ARG A 109 -9.34 12.05 21.99
C ARG A 109 -9.07 13.11 23.05
N ASN A 110 -10.11 13.84 23.45
CA ASN A 110 -9.97 14.85 24.49
C ASN A 110 -9.51 14.22 25.80
N LEU A 111 -10.02 13.03 26.11
CA LEU A 111 -9.60 12.34 27.33
C LEU A 111 -8.14 11.93 27.25
N CYS A 112 -7.72 11.39 26.10
CA CYS A 112 -6.33 10.99 25.93
C CYS A 112 -5.40 12.19 25.98
N LEU A 113 -5.82 13.30 25.35
CA LEU A 113 -5.02 14.53 25.41
C LEU A 113 -4.88 15.01 26.85
N LEU A 114 -5.98 14.97 27.61
CA LEU A 114 -5.95 15.39 29.00
C LEU A 114 -5.11 14.45 29.84
N SER A 115 -5.25 13.14 29.62
CA SER A 115 -4.50 12.16 30.40
C SER A 115 -3.01 12.24 30.11
N LYS A 116 -2.63 12.55 28.86
CA LYS A 116 -1.22 12.63 28.51
C LYS A 116 -0.50 13.70 29.33
N LEU A 117 -1.23 14.72 29.79
CA LEU A 117 -0.64 15.75 30.63
C LEU A 117 -0.08 15.18 31.92
N PHE A 118 -0.55 14.01 32.34
CA PHE A 118 -0.17 13.44 33.61
C PHE A 118 0.39 12.02 33.48
N LEU A 119 0.47 11.49 32.26
CA LEU A 119 1.11 10.21 31.98
C LEU A 119 2.29 10.46 31.04
N ASP A 120 3.50 10.12 31.50
CA ASP A 120 4.70 10.40 30.72
C ASP A 120 4.79 9.54 29.47
N HIS A 121 4.36 8.28 29.54
CA HIS A 121 4.59 7.32 28.46
C HIS A 121 3.32 6.98 27.66
N THR A 123 0.89 7.11 24.84
CA THR A 123 1.09 7.41 23.43
C THR A 123 -0.20 7.78 22.71
N LEU A 124 -0.15 8.92 22.01
CA LEU A 124 -1.27 9.34 21.18
C LEU A 124 -0.90 9.18 19.70
N TYR A 125 0.00 8.24 19.44
CA TYR A 125 0.50 8.01 18.08
C TYR A 125 -0.63 7.56 17.16
N TYR A 126 -1.42 6.59 17.62
CA TYR A 126 -2.57 6.10 16.86
C TYR A 126 -3.88 6.64 17.44
N ASP A 127 -4.95 6.46 16.68
CA ASP A 127 -6.26 6.95 17.10
C ASP A 127 -6.79 6.10 18.25
N VAL A 128 -7.96 6.50 18.79
CA VAL A 128 -8.48 5.92 20.01
C VAL A 128 -9.34 4.68 19.78
N ASP A 129 -9.47 4.23 18.53
CA ASP A 129 -10.33 3.09 18.20
C ASP A 129 -10.08 1.83 19.02
N PRO A 130 -8.86 1.35 19.19
CA PRO A 130 -8.67 0.02 19.82
C PRO A 130 -8.82 -0.01 21.34
N PHE A 131 -9.34 1.04 21.97
CA PHE A 131 -9.43 1.08 23.42
C PHE A 131 -10.87 1.24 23.90
N LEU A 132 -11.14 0.65 25.05
CA LEU A 132 -12.34 0.88 25.82
C LEU A 132 -11.97 1.77 27.01
N PHE A 133 -12.83 2.73 27.33
CA PHE A 133 -12.57 3.70 28.39
C PHE A 133 -13.63 3.58 29.48
N TYR A 134 -13.21 3.16 30.68
CA TYR A 134 -14.08 3.06 31.85
C TYR A 134 -13.82 4.27 32.74
N CYS A 135 -14.79 5.18 32.79
CA CYS A 135 -14.62 6.49 33.39
C CYS A 135 -15.44 6.60 34.67
N MET A 136 -14.77 6.93 35.78
CA MET A 136 -15.41 7.08 37.07
C MET A 136 -15.80 8.54 37.29
N THR A 137 -17.05 8.75 37.68
CA THR A 137 -17.58 10.09 37.89
C THR A 137 -18.25 10.19 39.25
N ARG A 138 -18.31 11.42 39.78
CA ARG A 138 -19.09 11.73 40.96
C ARG A 138 -20.26 12.62 40.55
N ARG A 139 -21.46 12.29 41.02
CA ARG A 139 -22.66 12.99 40.59
C ARG A 139 -22.89 14.26 41.41
N ASP A 140 -23.53 15.23 40.78
CA ASP A 140 -23.73 16.56 41.36
C ASP A 140 -25.05 17.10 40.82
N GLU A 141 -25.39 18.31 41.27
CA GLU A 141 -26.57 18.97 40.72
C GLU A 141 -26.38 19.29 39.24
N LEU A 142 -25.14 19.55 38.84
CA LEU A 142 -24.85 19.89 37.45
C LEU A 142 -24.70 18.65 36.57
N GLY A 143 -24.35 17.51 37.15
CA GLY A 143 -24.23 16.28 36.41
C GLY A 143 -23.11 15.43 36.97
N HIS A 144 -22.60 14.53 36.13
CA HIS A 144 -21.52 13.64 36.49
C HIS A 144 -20.19 14.31 36.17
N HIS A 145 -19.32 14.44 37.17
CA HIS A 145 -18.01 15.05 37.01
C HIS A 145 -16.94 13.97 37.00
N LEU A 146 -16.21 13.88 35.90
CA LEU A 146 -15.14 12.89 35.77
C LEU A 146 -14.06 13.10 36.82
N VAL A 147 -13.74 12.04 37.57
CA VAL A 147 -12.69 12.09 38.58
C VAL A 147 -11.51 11.20 38.24
N GLY A 148 -11.69 10.21 37.39
CA GLY A 148 -10.61 9.31 37.03
C GLY A 148 -11.12 8.31 36.02
N TYR A 149 -10.19 7.51 35.50
CA TYR A 149 -10.55 6.52 34.49
C TYR A 149 -9.43 5.51 34.36
N PHE A 150 -9.72 4.42 33.65
CA PHE A 150 -8.70 3.49 33.18
C PHE A 150 -9.13 2.93 31.83
N SER A 151 -8.16 2.77 30.93
CA SER A 151 -8.44 2.22 29.61
C SER A 151 -8.17 0.72 29.57
N LYS A 152 -8.58 0.08 28.48
CA LYS A 152 -8.47 -1.36 28.35
C LYS A 152 -8.51 -1.71 26.88
N GLU A 153 -7.52 -2.49 26.42
CA GLU A 153 -7.50 -2.94 25.04
C GLU A 153 -8.68 -3.86 24.77
N LYS A 154 -9.32 -3.67 23.61
CA LYS A 154 -10.43 -4.55 23.24
C LYS A 154 -9.96 -5.99 23.12
N GLU A 155 -8.78 -6.20 22.52
CA GLU A 155 -8.15 -7.51 22.44
C GLU A 155 -6.67 -7.34 22.79
N SER A 156 -6.31 -7.67 24.02
CA SER A 156 -4.93 -7.54 24.50
C SER A 156 -4.22 -8.88 24.41
N ALA A 157 -3.08 -8.89 23.72
CA ALA A 157 -2.32 -10.12 23.58
C ALA A 157 -1.77 -10.60 24.91
N ASP A 158 -1.33 -9.66 25.76
CA ASP A 158 -0.76 -10.00 27.05
C ASP A 158 -1.83 -10.14 28.14
N GLY A 159 -3.09 -9.99 27.79
CA GLY A 159 -4.16 -10.14 28.77
C GLY A 159 -4.21 -9.04 29.79
N TYR A 160 -3.80 -7.83 29.44
CA TYR A 160 -3.86 -6.73 30.38
C TYR A 160 -5.30 -6.27 30.57
N ASN A 161 -5.68 -6.09 31.82
CA ASN A 161 -6.99 -5.57 32.13
C ASN A 161 -7.00 -4.06 32.29
N VAL A 162 -5.82 -3.43 32.28
CA VAL A 162 -5.68 -1.98 32.35
C VAL A 162 -4.53 -1.55 31.45
N ALA A 163 -4.79 -0.59 30.58
CA ALA A 163 -3.72 -0.04 29.72
C ALA A 163 -3.11 1.19 30.41
N CYS A 164 -3.89 2.26 30.52
CA CYS A 164 -3.50 3.45 31.25
C CYS A 164 -4.55 3.73 32.32
N ILE A 165 -4.10 4.15 33.50
CA ILE A 165 -4.99 4.45 34.61
C ILE A 165 -4.60 5.80 35.19
N LEU A 166 -5.60 6.61 35.52
CA LEU A 166 -5.36 7.98 35.95
C LEU A 166 -6.47 8.45 36.87
N THR A 167 -6.08 9.07 37.98
CA THR A 167 -6.98 9.86 38.80
C THR A 167 -6.61 11.32 38.59
N LEU A 168 -7.59 12.13 38.21
CA LEU A 168 -7.30 13.53 37.93
C LEU A 168 -6.71 14.22 39.15
N PRO A 169 -5.73 15.11 38.97
CA PRO A 169 -5.04 15.69 40.12
C PRO A 169 -5.96 16.36 41.15
N GLN A 170 -7.11 16.90 40.74
CA GLN A 170 -7.99 17.57 41.70
C GLN A 170 -8.76 16.60 42.60
N TYR A 171 -8.68 15.30 42.33
CA TYR A 171 -9.42 14.31 43.10
C TYR A 171 -8.47 13.27 43.69
N GLN A 172 -7.17 13.54 43.68
CA GLN A 172 -6.20 12.59 44.18
C GLN A 172 -6.18 12.60 45.71
N ARG A 173 -5.57 11.57 46.28
CA ARG A 173 -5.45 11.40 47.73
C ARG A 173 -6.82 11.29 48.41
N MET A 174 -7.81 10.80 47.69
CA MET A 174 -9.17 10.62 48.20
C MET A 174 -9.63 9.18 48.12
N GLY A 175 -8.75 8.26 47.71
CA GLY A 175 -9.09 6.87 47.57
C GLY A 175 -9.73 6.53 46.25
N TYR A 176 -9.81 7.49 45.32
CA TYR A 176 -10.38 7.23 44.00
C TYR A 176 -9.51 6.26 43.21
N GLY A 177 -8.18 6.37 43.34
CA GLY A 177 -7.30 5.45 42.65
C GLY A 177 -7.55 4.02 43.04
N LYS A 178 -7.87 3.78 44.31
CA LYS A 178 -8.17 2.42 44.75
C LYS A 178 -9.45 1.91 44.09
N LEU A 179 -10.47 2.76 44.00
CA LEU A 179 -11.73 2.36 43.39
C LEU A 179 -11.56 2.02 41.92
N LEU A 180 -10.67 2.73 41.23
CA LEU A 180 -10.39 2.43 39.83
C LEU A 180 -9.79 1.03 39.69
N ILE A 181 -8.83 0.70 40.55
CA ILE A 181 -8.19 -0.61 40.49
C ILE A 181 -9.17 -1.72 40.86
N GLU A 182 -10.01 -1.48 41.88
CA GLU A 182 -11.01 -2.48 42.26
C GLU A 182 -11.94 -2.78 41.09
N PHE A 183 -12.46 -1.73 40.45
CA PHE A 183 -13.40 -1.91 39.35
C PHE A 183 -12.74 -2.64 38.18
N SER A 184 -11.45 -2.42 37.98
CA SER A 184 -10.75 -3.10 36.89
C SER A 184 -10.74 -4.60 37.09
N TYR A 185 -10.62 -5.05 38.35
CA TYR A 185 -10.64 -6.47 38.63
C TYR A 185 -12.06 -7.02 38.66
N GLU A 186 -13.03 -6.19 39.04
CA GLU A 186 -14.43 -6.63 38.99
C GLU A 186 -14.87 -6.92 37.56
N LEU A 187 -14.29 -6.20 36.60
CA LEU A 187 -14.54 -6.50 35.20
C LEU A 187 -13.89 -7.82 34.81
N SER A 188 -12.67 -8.06 35.29
CA SER A 188 -11.97 -9.31 35.01
C SER A 188 -12.69 -10.49 35.64
N LYS A 189 -13.23 -10.30 36.84
CA LYS A 189 -13.98 -11.37 37.50
C LYS A 189 -15.26 -11.67 36.74
N LYS A 190 -15.90 -10.64 36.19
CA LYS A 190 -17.10 -10.84 35.39
C LYS A 190 -16.77 -11.45 34.03
N GLU A 191 -15.51 -11.35 33.61
CA GLU A 191 -15.04 -11.95 32.36
C GLU A 191 -14.49 -13.36 32.56
N ASN A 192 -14.43 -13.83 33.81
CA ASN A 192 -13.82 -15.13 34.14
C ASN A 192 -12.39 -15.21 33.62
N LYS A 193 -11.66 -14.11 33.76
CA LYS A 193 -10.28 -14.02 33.31
C LYS A 193 -9.41 -13.44 34.42
N VAL A 194 -8.12 -13.76 34.36
CA VAL A 194 -7.14 -13.12 35.25
C VAL A 194 -6.58 -11.91 34.52
N GLY A 195 -6.11 -10.93 35.27
CA GLY A 195 -5.63 -9.70 34.67
C GLY A 195 -4.56 -9.02 35.49
N SER A 196 -3.75 -8.23 34.80
CA SER A 196 -2.70 -7.46 35.43
C SER A 196 -2.57 -6.15 34.66
N PRO A 197 -2.24 -5.05 35.34
CA PRO A 197 -2.10 -3.78 34.62
C PRO A 197 -0.92 -3.83 33.67
N GLN A 198 -0.98 -3.00 32.62
CA GLN A 198 0.07 -2.96 31.59
C GLN A 198 1.45 -2.74 32.22
N LYS A 199 2.46 -3.45 31.71
CA LYS A 199 3.59 -3.81 32.57
C LYS A 199 4.47 -2.62 32.97
N PRO A 200 4.82 -1.68 32.08
CA PRO A 200 5.54 -0.48 32.53
C PRO A 200 4.64 0.40 33.45
N LEU A 201 4.75 0.12 34.75
CA LEU A 201 3.98 0.86 35.76
C LEU A 201 4.77 2.08 36.19
N SER A 202 4.08 3.20 36.37
CA SER A 202 4.77 4.41 36.81
C SER A 202 5.16 4.27 38.28
N ASP A 203 5.93 5.22 38.77
CA ASP A 203 6.34 5.17 40.17
C ASP A 203 5.13 5.31 41.08
N LEU A 204 4.27 6.29 40.79
CA LEU A 204 3.06 6.47 41.57
C LEU A 204 2.06 5.35 41.31
N GLY A 205 2.02 4.85 40.07
CA GLY A 205 1.10 3.76 39.75
C GLY A 205 1.50 2.45 40.40
N LEU A 206 2.80 2.13 40.39
CA LEU A 206 3.28 0.93 41.04
C LEU A 206 2.96 0.96 42.54
N LEU A 207 3.16 2.13 43.17
CA LEU A 207 2.90 2.27 44.59
C LEU A 207 1.44 1.96 44.92
N SER A 208 0.51 2.34 44.03
CA SER A 208 -0.91 2.13 44.29
C SER A 208 -1.32 0.68 44.08
N TYR A 209 -0.71 0.01 43.09
CA TYR A 209 -1.06 -1.39 42.84
C TYR A 209 -0.51 -2.30 43.93
N ARG A 210 0.71 -2.02 44.41
CA ARG A 210 1.25 -2.78 45.52
C ARG A 210 0.36 -2.64 46.75
N ALA A 211 -0.21 -1.44 46.94
CA ALA A 211 -1.09 -1.22 48.09
C ALA A 211 -2.40 -1.97 47.91
N TYR A 212 -2.93 -1.99 46.70
CA TYR A 212 -4.17 -2.74 46.45
C TYR A 212 -3.94 -4.24 46.57
N TRP A 213 -2.85 -4.73 45.99
CA TRP A 213 -2.57 -6.16 46.02
C TRP A 213 -2.38 -6.65 47.45
N SER A 214 -1.68 -5.88 48.28
CA SER A 214 -1.51 -6.24 49.69
C SER A 214 -2.86 -6.26 50.40
N ASP A 215 -3.65 -5.21 50.22
CA ASP A 215 -4.92 -5.08 50.94
C ASP A 215 -5.88 -6.21 50.60
N THR A 216 -5.99 -6.57 49.32
CA THR A 216 -6.94 -7.62 48.93
C THR A 216 -6.44 -9.00 49.33
N LEU A 217 -5.12 -9.23 49.24
CA LEU A 217 -4.58 -10.53 49.64
C LEU A 217 -4.70 -10.72 51.15
N ILE A 218 -4.38 -9.69 51.93
CA ILE A 218 -4.47 -9.80 53.38
C ILE A 218 -5.92 -10.02 53.81
N THR A 219 -6.85 -9.32 53.17
CA THR A 219 -8.26 -9.47 53.53
C THR A 219 -8.78 -10.85 53.16
N LEU A 220 -8.39 -11.36 52.00
CA LEU A 220 -8.87 -12.67 51.55
C LEU A 220 -8.35 -13.80 52.43
N LEU A 221 -7.06 -13.78 52.75
CA LEU A 221 -6.47 -14.82 53.59
C LEU A 221 -7.13 -14.87 54.97
N VAL A 222 -7.30 -13.69 55.59
CA VAL A 222 -7.83 -13.62 56.95
C VAL A 222 -9.28 -14.10 57.01
N GLU A 223 -10.12 -13.62 56.09
CA GLU A 223 -11.52 -14.02 56.09
C GLU A 223 -11.73 -15.48 55.69
N HIS A 224 -10.88 -16.02 54.80
CA HIS A 224 -11.06 -17.42 54.41
C HIS A 224 -10.85 -18.34 55.61
N GLN A 225 -9.83 -18.03 56.43
CA GLN A 225 -9.46 -18.69 57.69
C GLN A 225 -8.97 -20.12 57.50
N LYS A 226 -8.63 -20.51 56.28
CA LYS A 226 -8.19 -21.86 55.96
C LYS A 226 -7.14 -21.74 54.89
N GLU A 227 -6.31 -22.78 54.77
CA GLU A 227 -5.30 -22.77 53.75
C GLU A 227 -5.96 -22.66 52.40
N ILE A 228 -5.41 -21.83 51.52
CA ILE A 228 -5.99 -21.61 50.21
C ILE A 228 -4.88 -21.69 49.18
N THR A 229 -5.20 -22.30 48.04
CA THR A 229 -4.22 -22.51 47.00
C THR A 229 -4.00 -21.22 46.22
N ILE A 230 -2.84 -21.14 45.58
CA ILE A 230 -2.55 -20.00 44.72
C ILE A 230 -3.60 -19.90 43.62
N ASP A 231 -3.96 -21.05 43.02
CA ASP A 231 -4.94 -21.06 41.96
C ASP A 231 -6.33 -20.68 42.47
N GLU A 232 -6.61 -20.93 43.74
CA GLU A 232 -7.89 -20.54 44.32
C GLU A 232 -7.93 -19.05 44.62
N ILE A 233 -6.78 -18.46 44.99
CA ILE A 233 -6.71 -17.02 45.18
C ILE A 233 -6.84 -16.32 43.84
N SER A 234 -6.14 -16.84 42.82
CA SER A 234 -6.22 -16.26 41.48
C SER A 234 -7.64 -16.36 40.91
N SER A 235 -8.39 -17.37 41.32
CA SER A 235 -9.75 -17.54 40.82
C SER A 235 -10.74 -16.57 41.48
N MET A 236 -10.51 -16.23 42.75
CA MET A 236 -11.44 -15.39 43.50
C MET A 236 -11.16 -13.90 43.32
N THR A 237 -9.94 -13.53 42.95
CA THR A 237 -9.55 -12.13 42.84
C THR A 237 -9.17 -11.70 41.44
N SER A 238 -9.09 -12.64 40.49
CA SER A 238 -8.68 -12.41 39.10
C SER A 238 -7.26 -11.86 39.00
N MET A 239 -6.48 -11.93 40.07
CA MET A 239 -5.08 -11.55 40.01
C MET A 239 -4.27 -12.68 39.40
N THR A 240 -3.28 -12.32 38.57
CA THR A 240 -2.42 -13.34 38.00
C THR A 240 -1.54 -13.96 39.07
N THR A 241 -1.10 -15.20 38.83
CA THR A 241 -0.24 -15.87 39.79
C THR A 241 1.04 -15.10 40.03
N THR A 242 1.53 -14.40 38.99
CA THR A 242 2.74 -13.60 39.14
C THR A 242 2.56 -12.51 40.21
N ASP A 243 1.46 -11.77 40.13
CA ASP A 243 1.21 -10.70 41.09
C ASP A 243 0.95 -11.24 42.49
N ILE A 244 0.31 -12.40 42.59
CA ILE A 244 0.02 -12.97 43.90
C ILE A 244 1.30 -13.41 44.60
N LEU A 245 2.16 -14.14 43.87
CA LEU A 245 3.43 -14.59 44.45
C LEU A 245 4.28 -13.40 44.88
N HIS A 246 4.38 -12.39 44.02
CA HIS A 246 5.17 -11.21 44.34
C HIS A 246 4.61 -10.48 45.55
N THR A 247 3.29 -10.44 45.69
CA THR A 247 2.68 -9.79 46.85
C THR A 247 2.98 -10.57 48.13
N ALA A 248 3.00 -11.90 48.04
CA ALA A 248 3.30 -12.73 49.21
C ALA A 248 4.75 -12.58 49.63
N LYS A 249 5.67 -12.49 48.67
CA LYS A 249 7.08 -12.33 49.01
C LYS A 249 7.32 -11.03 49.78
N THR A 250 6.62 -9.96 49.40
CA THR A 250 6.78 -8.69 50.10
C THR A 250 6.30 -8.79 51.54
N LEU A 251 5.21 -9.54 51.76
CA LEU A 251 4.67 -9.72 53.09
C LEU A 251 5.38 -10.80 53.89
N ASN A 252 6.39 -11.45 53.29
CA ASN A 252 7.17 -12.51 53.94
C ASN A 252 6.28 -13.67 54.39
N ILE A 253 5.30 -14.04 53.56
CA ILE A 253 4.37 -15.11 53.88
C ILE A 253 4.36 -16.19 52.80
N LEU A 254 5.40 -16.27 51.98
CA LEU A 254 5.48 -17.27 50.92
C LEU A 254 6.62 -18.26 51.21
N ARG A 255 6.35 -19.54 51.00
CA ARG A 255 7.36 -20.59 51.15
C ARG A 255 7.23 -21.60 50.03
N TYR A 256 8.31 -22.36 49.81
CA TYR A 256 8.41 -23.34 48.74
C TYR A 256 8.51 -24.75 49.33
N TYR A 257 7.58 -25.63 48.93
CA TYR A 257 7.57 -27.01 49.42
C TYR A 257 7.13 -27.95 48.31
N LYS A 258 7.98 -28.93 48.01
CA LYS A 258 7.66 -30.00 47.05
C LYS A 258 7.30 -29.46 45.67
N GLY A 259 8.02 -28.43 45.23
CA GLY A 259 7.83 -27.89 43.91
C GLY A 259 6.64 -26.97 43.74
N GLN A 260 6.02 -26.53 44.83
CA GLN A 260 4.85 -25.67 44.76
C GLN A 260 4.92 -24.60 45.85
N HIS A 261 4.36 -23.43 45.54
CA HIS A 261 4.35 -22.30 46.46
C HIS A 261 3.17 -22.38 47.42
N ILE A 262 3.42 -22.00 48.68
CA ILE A 262 2.42 -22.04 49.74
C ILE A 262 2.42 -20.71 50.49
N ILE A 263 1.23 -20.17 50.75
CA ILE A 263 1.04 -18.93 51.49
C ILE A 263 0.43 -19.25 52.85
N PHE A 264 1.02 -18.73 53.93
CA PHE A 264 0.54 -18.95 55.29
C PHE A 264 0.13 -17.61 55.92
N LEU A 265 -0.13 -17.64 57.23
CA LEU A 265 -0.52 -16.47 58.00
C LEU A 265 0.36 -16.33 59.24
N ASN A 266 0.71 -15.09 59.58
CA ASN A 266 1.48 -14.82 60.79
C ASN A 266 0.87 -13.71 61.63
N GLU A 267 1.62 -13.20 62.61
CA GLU A 267 1.15 -12.10 63.45
C GLU A 267 1.00 -10.83 62.63
N ASP A 268 1.91 -10.62 61.67
CA ASP A 268 1.92 -9.38 60.89
C ASP A 268 0.65 -9.23 60.06
N ILE A 269 0.24 -10.31 59.38
CA ILE A 269 -0.94 -10.23 58.52
C ILE A 269 -2.20 -9.96 59.35
N LEU A 270 -2.34 -10.65 60.48
CA LEU A 270 -3.49 -10.41 61.34
C LEU A 270 -3.48 -8.99 61.90
N ASP A 271 -2.28 -8.46 62.15
CA ASP A 271 -2.17 -7.08 62.60
C ASP A 271 -2.48 -6.10 61.46
N ARG A 272 -2.01 -6.40 60.25
CA ARG A 272 -2.30 -5.55 59.10
C ARG A 272 -3.79 -5.54 58.80
N TYR A 273 -4.46 -6.68 58.98
CA TYR A 273 -5.89 -6.75 58.69
C TYR A 273 -6.69 -5.86 59.64
N ASN A 274 -6.25 -5.74 60.90
CA ASN A 274 -6.95 -4.90 61.85
C ASN A 274 -6.84 -3.42 61.48
N ARG A 275 -5.61 -2.97 61.20
CA ARG A 275 -5.42 -1.57 60.84
C ARG A 275 -6.13 -1.24 59.54
N LEU A 276 -6.18 -2.20 58.61
CA LEU A 276 -6.85 -1.99 57.33
C LEU A 276 -8.35 -1.80 57.50
N LYS A 277 -8.98 -2.66 58.32
CA LYS A 277 -10.42 -2.58 58.50
C LYS A 277 -10.82 -1.29 59.20
N ALA A 278 -9.98 -0.77 60.08
CA ALA A 278 -10.31 0.46 60.79
C ALA A 278 -10.35 1.67 59.86
N LYS A 279 -9.71 1.59 58.70
CA LYS A 279 -9.64 2.73 57.78
C LYS A 279 -11.02 3.11 57.22
N LYS A 280 -11.93 2.14 57.09
CA LYS A 280 -13.30 2.38 56.63
C LYS A 280 -13.33 2.99 55.23
N ARG A 281 -12.60 2.39 54.31
CA ARG A 281 -12.51 2.89 52.95
C ARG A 281 -13.78 2.57 52.15
N ARG A 282 -14.08 3.44 51.19
CA ARG A 282 -15.15 3.17 50.22
C ARG A 282 -14.74 2.01 49.32
N THR A 283 -15.72 1.20 48.92
CA THR A 283 -15.43 0.03 48.08
C THR A 283 -16.47 -0.11 46.97
N ILE A 284 -16.12 -0.90 45.97
CA ILE A 284 -16.98 -1.19 44.83
C ILE A 284 -17.95 -2.32 45.21
N ASP A 285 -19.24 -2.10 44.97
CA ASP A 285 -20.25 -3.11 45.26
C ASP A 285 -20.55 -3.90 43.99
N PRO A 286 -20.09 -5.15 43.88
CA PRO A 286 -20.32 -5.90 42.62
C PRO A 286 -21.78 -6.08 42.27
N ASN A 287 -22.69 -6.00 43.25
CA ASN A 287 -24.10 -6.17 42.96
C ASN A 287 -24.69 -4.98 42.21
N ARG A 288 -24.01 -3.83 42.24
CA ARG A 288 -24.45 -2.64 41.54
C ARG A 288 -23.83 -2.52 40.15
N LEU A 289 -23.02 -3.49 39.76
CA LEU A 289 -22.39 -3.52 38.44
C LEU A 289 -23.29 -4.29 37.48
N ILE A 290 -24.04 -3.56 36.65
CA ILE A 290 -24.89 -4.14 35.61
C ILE A 290 -24.09 -4.04 34.31
N TRP A 291 -23.40 -5.12 33.95
CA TRP A 291 -22.48 -5.05 32.82
C TRP A 291 -22.18 -6.45 32.29
N LYS A 292 -22.22 -6.61 30.96
CA LYS A 292 -21.79 -7.81 30.26
C LYS A 292 -20.65 -7.47 29.28
N PRO A 293 -19.63 -8.32 29.20
CA PRO A 293 -18.45 -8.04 28.34
C PRO A 293 -18.84 -7.81 26.89
N PRO A 294 -18.37 -6.71 26.30
CA PRO A 294 -18.66 -6.41 24.88
C PRO A 294 -18.13 -7.51 23.96
N VAL A 295 -18.88 -7.78 22.90
CA VAL A 295 -18.54 -8.81 21.92
C VAL A 295 -18.11 -8.14 20.62
N PHE A 296 -16.84 -8.34 20.24
CA PHE A 296 -16.28 -7.80 19.01
C PHE A 296 -16.09 -8.93 18.00
N THR A 297 -16.55 -8.70 16.77
CA THR A 297 -16.44 -9.70 15.71
C THR A 297 -15.08 -9.65 15.03
N SER B 7 -67.64 42.71 24.42
CA SER B 7 -66.48 42.03 24.98
C SER B 7 -66.90 40.67 25.58
N TYR B 8 -68.10 40.64 26.15
CA TYR B 8 -68.63 39.41 26.72
C TYR B 8 -68.93 38.38 25.63
N GLU B 9 -69.44 38.83 24.49
CA GLU B 9 -69.77 37.90 23.42
C GLU B 9 -68.52 37.28 22.80
N ALA B 10 -67.44 38.04 22.72
CA ALA B 10 -66.20 37.53 22.14
C ALA B 10 -65.59 36.42 22.99
N LEU B 11 -65.56 36.62 24.30
CA LEU B 11 -64.96 35.62 25.19
C LEU B 11 -65.74 34.31 25.15
N LYS B 12 -67.08 34.38 25.08
CA LYS B 12 -67.90 33.19 25.07
C LYS B 12 -67.77 32.41 23.77
N ALA B 13 -67.49 33.10 22.66
CA ALA B 13 -67.45 32.44 21.36
C ALA B 13 -66.09 31.78 21.11
N GLU B 14 -65.01 32.37 21.61
CA GLU B 14 -63.68 31.78 21.44
C GLU B 14 -63.39 30.74 22.51
N LEU B 15 -64.29 30.58 23.49
CA LEU B 15 -64.23 29.51 24.47
C LEU B 15 -64.91 28.25 23.97
N LYS B 16 -65.98 28.40 23.21
CA LYS B 16 -66.61 27.25 22.58
C LYS B 16 -65.68 26.62 21.55
N LYS B 17 -64.85 27.44 20.89
CA LYS B 17 -63.89 26.92 19.92
C LYS B 17 -62.73 26.21 20.62
N SER B 18 -62.32 26.72 21.79
CA SER B 18 -61.23 26.07 22.51
C SER B 18 -61.71 24.83 23.25
N LEU B 19 -62.98 24.81 23.67
CA LEU B 19 -63.55 23.59 24.22
C LEU B 19 -63.70 22.54 23.13
N GLN B 20 -63.97 23.00 21.90
CA GLN B 20 -64.01 22.09 20.76
C GLN B 20 -62.63 21.54 20.45
N ASP B 21 -61.59 22.37 20.49
CA ASP B 21 -60.24 21.87 20.24
C ASP B 21 -59.85 20.84 21.29
N ARG B 22 -60.14 21.12 22.57
CA ARG B 22 -59.89 20.13 23.61
C ARG B 22 -60.64 18.84 23.29
N ARG B 23 -61.88 18.97 22.83
CA ARG B 23 -62.65 17.81 22.38
C ARG B 23 -61.93 17.08 21.25
N GLU B 24 -61.38 17.83 20.29
CA GLU B 24 -60.66 17.20 19.18
C GLU B 24 -59.38 16.53 19.63
N GLN B 25 -58.63 17.18 20.54
CA GLN B 25 -57.37 16.60 21.00
C GLN B 25 -57.60 15.31 21.80
N GLU B 26 -58.69 15.26 22.57
CA GLU B 26 -58.99 14.04 23.32
C GLU B 26 -59.35 12.89 22.40
N ASP B 27 -60.05 13.18 21.29
CA ASP B 27 -60.45 12.12 20.37
C ASP B 27 -59.24 11.54 19.64
N THR B 28 -58.37 12.40 19.11
CA THR B 28 -57.19 11.91 18.44
C THR B 28 -56.22 11.25 19.41
N PHE B 29 -56.25 11.66 20.68
CA PHE B 29 -55.43 11.00 21.70
C PHE B 29 -55.87 9.56 21.90
N ASP B 30 -57.19 9.34 22.01
CA ASP B 30 -57.70 7.99 22.19
C ASP B 30 -57.38 7.11 20.98
N ASN B 31 -57.43 7.69 19.77
CA ASN B 31 -57.10 6.94 18.57
C ASN B 31 -55.63 6.51 18.60
N LEU B 32 -54.73 7.44 18.92
CA LEU B 32 -53.31 7.11 18.97
C LEU B 32 -53.03 6.01 19.98
N GLN B 33 -53.65 6.08 21.16
CA GLN B 33 -53.49 5.03 22.17
C GLN B 33 -53.84 3.67 21.58
N GLN B 34 -54.99 3.59 20.89
CA GLN B 34 -55.39 2.33 20.27
C GLN B 34 -54.45 1.95 19.13
N GLU B 35 -54.08 2.92 18.30
CA GLU B 35 -53.19 2.64 17.18
C GLU B 35 -51.83 2.15 17.66
N ILE B 36 -51.32 2.74 18.74
CA ILE B 36 -50.04 2.27 19.31
C ILE B 36 -50.17 0.82 19.75
N TYR B 37 -51.25 0.49 20.45
CA TYR B 37 -51.44 -0.89 20.91
C TYR B 37 -51.57 -1.85 19.74
N ASP B 38 -52.30 -1.44 18.69
CA ASP B 38 -52.47 -2.32 17.53
C ASP B 38 -51.17 -2.50 16.77
N LYS B 39 -50.39 -1.42 16.60
CA LYS B 39 -49.11 -1.54 15.89
C LYS B 39 -48.13 -2.41 16.66
N GLU B 40 -48.17 -2.35 17.99
CA GLU B 40 -47.33 -3.26 18.78
C GLU B 40 -47.68 -4.71 18.48
N THR B 41 -48.98 -5.00 18.32
CA THR B 41 -49.42 -6.35 18.04
C THR B 41 -49.01 -6.78 16.63
N GLU B 42 -49.24 -5.91 15.65
CA GLU B 42 -48.93 -6.25 14.26
C GLU B 42 -47.43 -6.46 14.06
N TYR B 43 -46.61 -5.53 14.53
CA TYR B 43 -45.18 -5.56 14.23
C TYR B 43 -44.42 -6.60 15.05
N PHE B 44 -44.92 -6.97 16.22
CA PHE B 44 -44.17 -7.84 17.14
C PHE B 44 -44.90 -9.15 17.43
N SER B 45 -45.67 -9.65 16.47
CA SER B 45 -46.34 -10.94 16.63
C SER B 45 -46.63 -11.59 15.28
N SER B 66 -36.23 -12.60 15.33
CA SER B 66 -34.93 -12.34 14.74
C SER B 66 -34.38 -10.99 15.22
N GLY B 67 -34.78 -9.91 14.56
CA GLY B 67 -34.36 -8.58 14.95
C GLY B 67 -35.52 -7.72 15.41
N ASN B 68 -35.36 -7.04 16.54
CA ASN B 68 -36.45 -6.24 17.09
C ASN B 68 -35.91 -5.05 17.86
N ILE B 69 -36.69 -3.97 17.87
CA ILE B 69 -36.40 -2.84 18.75
C ILE B 69 -36.69 -3.23 20.19
N ILE B 70 -37.44 -4.31 20.40
CA ILE B 70 -37.76 -4.79 21.73
C ILE B 70 -36.69 -5.74 22.25
N LYS B 71 -36.06 -6.52 21.37
CA LYS B 71 -35.18 -7.61 21.77
C LYS B 71 -33.70 -7.36 21.53
N GLY B 72 -33.32 -6.58 20.52
CA GLY B 72 -31.92 -6.24 20.40
C GLY B 72 -31.31 -6.15 19.02
N PHE B 73 -32.08 -6.43 17.97
CA PHE B 73 -31.66 -6.35 16.56
C PHE B 73 -30.58 -7.36 16.20
N ASP B 74 -30.12 -8.17 17.14
CA ASP B 74 -29.05 -9.13 16.85
C ASP B 74 -29.58 -10.57 16.91
N PHE B 88 -43.71 -13.22 21.99
CA PHE B 88 -43.98 -11.87 22.47
C PHE B 88 -44.54 -11.92 23.89
N ASN B 89 -44.95 -10.77 24.42
CA ASN B 89 -45.45 -10.68 25.79
C ASN B 89 -46.14 -9.34 25.97
N ASN B 90 -47.14 -9.32 26.85
CA ASN B 90 -47.86 -8.09 27.14
C ASN B 90 -47.03 -7.11 27.94
N ASN B 91 -45.93 -7.57 28.54
CA ASN B 91 -45.04 -6.70 29.30
C ASN B 91 -43.93 -6.12 28.42
N ASP B 92 -43.85 -6.55 27.17
CA ASP B 92 -42.87 -6.04 26.22
C ASP B 92 -43.44 -4.86 25.42
N ARG B 93 -44.65 -4.42 25.76
CA ARG B 93 -45.29 -3.28 25.08
C ARG B 93 -44.76 -1.97 25.67
N ILE B 94 -43.47 -1.74 25.47
CA ILE B 94 -42.80 -0.59 26.06
C ILE B 94 -43.38 0.72 25.55
N PHE B 95 -44.00 0.71 24.38
CA PHE B 95 -44.61 1.92 23.85
C PHE B 95 -45.93 2.23 24.55
N SER B 96 -46.77 1.19 24.71
CA SER B 96 -48.04 1.38 25.39
C SER B 96 -47.84 1.63 26.88
N LEU B 97 -46.84 0.98 27.48
CA LEU B 97 -46.58 1.16 28.89
C LEU B 97 -46.01 2.54 29.21
N SER B 98 -45.71 3.34 28.18
CA SER B 98 -45.28 4.71 28.39
C SER B 98 -46.43 5.60 28.83
N SER B 99 -47.65 5.19 28.51
CA SER B 99 -48.85 5.89 28.94
C SER B 99 -49.32 5.33 30.28
N ALA B 100 -49.48 6.20 31.28
CA ALA B 100 -49.99 5.74 32.56
C ALA B 100 -51.49 5.51 32.50
N THR B 101 -52.14 5.99 31.44
CA THR B 101 -53.56 5.70 31.23
C THR B 101 -53.72 4.24 30.80
N TYR B 102 -52.78 3.74 30.00
CA TYR B 102 -52.81 2.34 29.60
C TYR B 102 -52.49 1.42 30.78
N VAL B 103 -51.68 1.90 31.72
CA VAL B 103 -51.35 1.09 32.90
C VAL B 103 -52.59 0.95 33.78
N LYS B 104 -53.36 2.03 33.91
CA LYS B 104 -54.61 1.97 34.68
C LYS B 104 -55.58 0.97 34.05
N GLN B 105 -55.69 0.97 32.73
CA GLN B 105 -56.59 0.05 32.04
C GLN B 105 -56.19 -1.40 32.29
N GLN B 106 -54.91 -1.72 32.13
CA GLN B 106 -54.45 -3.09 32.28
C GLN B 106 -54.55 -3.58 33.72
N HIS B 107 -54.55 -2.68 34.70
CA HIS B 107 -54.65 -3.05 36.10
C HIS B 107 -56.02 -2.72 36.66
N ASP C 5 -1.32 18.81 40.14
CA ASP C 5 -1.54 19.98 40.98
C ASP C 5 -2.92 20.47 40.75
N ALA C 6 -3.67 20.88 41.76
CA ALA C 6 -5.08 21.06 41.47
C ALA C 6 -5.90 21.54 42.66
N SER C 7 -5.27 22.28 43.57
CA SER C 7 -5.94 22.81 44.73
C SER C 7 -6.85 23.96 44.37
N MET C 8 -6.51 24.69 43.31
CA MET C 8 -7.09 26.00 43.05
C MET C 8 -8.53 25.88 42.58
N THR C 9 -9.29 26.95 42.80
CA THR C 9 -10.71 27.03 42.44
C THR C 9 -10.92 28.22 41.51
N TRP C 10 -11.84 28.05 40.56
CA TRP C 10 -12.18 29.09 39.60
C TRP C 10 -13.42 29.84 40.10
N ASN C 11 -13.35 31.18 40.10
CA ASN C 11 -14.42 31.98 40.66
C ASN C 11 -15.60 32.17 39.72
N GLU C 12 -15.37 32.20 38.41
CA GLU C 12 -16.45 32.36 37.43
C GLU C 12 -17.08 31.03 37.04
N TYR C 13 -16.76 29.96 37.79
CA TYR C 13 -17.32 28.64 37.51
C TYR C 13 -18.84 28.64 37.53
N ASP C 14 -19.44 29.28 38.54
CA ASP C 14 -20.90 29.29 38.64
C ASP C 14 -21.56 30.00 37.46
N LYS C 15 -20.83 30.86 36.75
CA LYS C 15 -21.39 31.50 35.57
C LYS C 15 -21.37 30.57 34.37
N PHE C 16 -20.29 29.81 34.21
CA PHE C 16 -20.13 28.94 33.05
C PHE C 16 -20.83 27.60 33.20
N TYR C 17 -21.09 27.16 34.43
CA TYR C 17 -21.73 25.87 34.71
C TYR C 17 -23.03 26.09 35.47
N THR C 18 -24.13 26.23 34.73
CA THR C 18 -25.46 26.43 35.28
C THR C 18 -26.36 25.29 34.80
N GLY C 19 -27.52 25.15 35.44
CA GLY C 19 -28.47 24.13 35.07
C GLY C 19 -28.52 23.01 36.10
N SER C 20 -29.33 22.00 35.78
CA SER C 20 -29.51 20.85 36.64
C SER C 20 -29.65 19.58 35.80
N PHE C 21 -28.93 18.54 36.21
CA PHE C 21 -29.05 17.21 35.62
C PHE C 21 -29.83 16.33 36.58
N GLN C 22 -31.01 15.87 36.15
CA GLN C 22 -31.87 15.05 37.01
C GLN C 22 -31.48 13.58 36.89
N GLU C 23 -31.23 12.96 38.04
CA GLU C 23 -30.87 11.55 38.09
C GLU C 23 -32.09 10.67 37.83
N THR C 24 -31.90 9.62 37.04
CA THR C 24 -32.94 8.66 36.73
C THR C 24 -32.78 7.41 37.59
N THR C 25 -33.91 6.71 37.81
CA THR C 25 -33.88 5.51 38.64
C THR C 25 -33.04 4.41 38.03
N SER C 26 -33.19 4.18 36.72
CA SER C 26 -32.40 3.17 36.02
C SER C 26 -31.14 3.79 35.42
N TYR C 27 -30.16 2.93 35.15
CA TYR C 27 -28.87 3.39 34.66
C TYR C 27 -29.00 4.10 33.31
N ILE C 28 -28.16 5.12 33.12
CA ILE C 28 -28.20 5.93 31.92
C ILE C 28 -27.87 5.09 30.70
N LYS C 29 -28.68 5.25 29.65
CA LYS C 29 -28.43 4.67 28.34
C LYS C 29 -28.18 5.79 27.35
N PHE C 30 -26.98 5.85 26.79
CA PHE C 30 -26.56 7.00 26.01
C PHE C 30 -25.51 6.56 25.00
N SER C 31 -25.56 7.16 23.82
CA SER C 31 -24.56 6.89 22.78
C SER C 31 -24.36 8.07 21.83
N ALA C 32 -25.03 9.20 22.04
CA ALA C 32 -24.83 10.36 21.19
C ALA C 32 -23.41 10.91 21.38
N THR C 33 -22.88 11.46 20.29
CA THR C 33 -21.53 11.99 20.32
C THR C 33 -21.49 13.39 20.92
N VAL C 34 -20.27 13.87 21.15
CA VAL C 34 -20.10 15.24 21.63
C VAL C 34 -20.69 16.23 20.63
N GLU C 35 -20.49 15.96 19.34
CA GLU C 35 -21.07 16.82 18.31
C GLU C 35 -22.59 16.88 18.41
N ASP C 36 -23.23 15.77 18.82
CA ASP C 36 -24.68 15.75 18.94
C ASP C 36 -25.18 16.65 20.06
N CYS C 37 -24.40 16.83 21.12
CA CYS C 37 -24.85 17.55 22.30
C CYS C 37 -24.26 18.95 22.41
N CYS C 38 -23.59 19.44 21.37
CA CYS C 38 -22.94 20.73 21.42
C CYS C 38 -23.63 21.81 20.60
N GLY C 39 -24.41 21.43 19.59
CA GLY C 39 -25.12 22.40 18.78
C GLY C 39 -24.28 22.90 17.62
N THR C 40 -24.37 24.20 17.34
CA THR C 40 -23.57 24.79 16.27
C THR C 40 -22.08 24.69 16.61
N ASN C 41 -21.32 24.12 15.67
CA ASN C 41 -19.90 23.86 15.92
C ASN C 41 -19.05 25.13 15.98
N TYR C 42 -19.56 26.26 15.46
CA TYR C 42 -18.81 27.51 15.51
C TYR C 42 -19.10 28.26 16.81
N ASN C 43 -18.04 28.77 17.45
CA ASN C 43 -18.18 29.56 18.66
C ASN C 43 -17.42 30.87 18.51
N MET C 44 -18.10 31.99 18.78
CA MET C 44 -17.50 33.30 18.66
C MET C 44 -16.40 33.49 19.70
N ASP C 45 -15.32 34.17 19.30
CA ASP C 45 -14.29 34.58 20.23
C ASP C 45 -14.47 36.05 20.57
N GLU C 46 -13.50 36.62 21.30
CA GLU C 46 -13.60 38.03 21.67
C GLU C 46 -13.60 38.93 20.46
N ARG C 47 -12.86 38.57 19.41
CA ARG C 47 -12.83 39.37 18.20
C ARG C 47 -14.16 39.34 17.46
N ASP C 48 -14.86 38.20 17.50
CA ASP C 48 -16.14 38.09 16.80
C ASP C 48 -17.21 38.93 17.49
N GLU C 49 -17.20 38.97 18.83
CA GLU C 49 -18.28 39.69 19.53
C GLU C 49 -18.12 41.20 19.43
N THR C 50 -16.90 41.72 19.39
CA THR C 50 -16.73 43.16 19.21
C THR C 50 -17.20 43.58 17.82
N PHE C 51 -16.96 42.73 16.82
CA PHE C 51 -17.42 43.03 15.47
C PHE C 51 -18.95 43.01 15.40
N LEU C 52 -19.58 42.03 16.06
CA LEU C 52 -21.03 41.93 16.02
C LEU C 52 -21.69 43.10 16.74
N ASN C 53 -21.12 43.51 17.88
CA ASN C 53 -21.72 44.59 18.66
C ASN C 53 -21.50 45.96 18.03
N GLU C 54 -20.30 46.21 17.52
CA GLU C 54 -19.92 47.55 17.09
C GLU C 54 -20.10 47.79 15.60
N GLN C 55 -20.01 46.76 14.77
CA GLN C 55 -20.11 46.91 13.33
C GLN C 55 -21.43 46.43 12.75
N VAL C 56 -22.12 45.51 13.41
CA VAL C 56 -23.33 44.92 12.88
C VAL C 56 -24.57 45.44 13.60
N ASN C 57 -24.54 45.51 14.93
CA ASN C 57 -25.70 45.84 15.75
C ASN C 57 -25.65 47.24 16.35
N LYS C 58 -24.72 48.09 15.90
CA LYS C 58 -24.57 49.41 16.50
C LYS C 58 -25.81 50.28 16.30
N GLY C 59 -26.28 50.37 15.05
CA GLY C 59 -27.46 51.18 14.76
C GLY C 59 -28.53 50.40 14.03
N SER C 60 -28.43 49.08 14.08
CA SER C 60 -29.35 48.22 13.35
C SER C 60 -30.71 48.16 14.02
N SER C 61 -31.77 48.25 13.21
CA SER C 61 -33.12 48.01 13.70
C SER C 61 -33.36 46.53 13.89
N ASP C 62 -32.64 45.70 13.14
CA ASP C 62 -32.73 44.25 13.21
C ASP C 62 -31.45 43.74 13.86
N ILE C 63 -31.60 43.12 15.04
CA ILE C 63 -30.45 42.65 15.82
C ILE C 63 -30.07 41.25 15.39
N LEU C 64 -28.81 41.05 15.07
CA LEU C 64 -28.26 39.72 14.82
C LEU C 64 -27.73 39.16 16.15
N THR C 65 -28.26 38.02 16.55
CA THR C 65 -27.86 37.45 17.82
C THR C 65 -26.58 36.64 17.67
N GLU C 66 -25.88 36.46 18.82
CA GLU C 66 -24.68 35.65 18.82
C GLU C 66 -24.96 34.26 18.26
N ASP C 67 -26.12 33.71 18.60
CA ASP C 67 -26.49 32.37 18.13
C ASP C 67 -26.69 32.38 16.62
N GLU C 68 -27.37 33.41 16.10
CA GLU C 68 -27.55 33.54 14.65
C GLU C 68 -26.22 33.79 13.94
N PHE C 69 -25.32 34.52 14.58
CA PHE C 69 -24.00 34.77 14.00
C PHE C 69 -23.26 33.46 13.76
N GLU C 70 -23.32 32.55 14.73
CA GLU C 70 -22.61 31.28 14.60
C GLU C 70 -23.25 30.38 13.54
N ILE C 71 -24.57 30.51 13.34
CA ILE C 71 -25.23 29.75 12.28
C ILE C 71 -24.66 30.12 10.92
N LEU C 72 -24.46 31.43 10.67
CA LEU C 72 -23.92 31.87 9.40
C LEU C 72 -22.49 31.38 9.20
N CYS C 73 -21.63 31.58 10.21
CA CYS C 73 -20.23 31.18 10.08
C CYS C 73 -20.10 29.68 9.90
N SER C 74 -20.94 28.89 10.58
CA SER C 74 -20.87 27.45 10.45
C SER C 74 -21.22 27.02 9.02
N SER C 75 -22.18 27.71 8.39
CA SER C 75 -22.52 27.39 7.01
C SER C 75 -21.40 27.78 6.06
N PHE C 76 -20.72 28.90 6.34
CA PHE C 76 -19.59 29.30 5.53
C PHE C 76 -18.48 28.25 5.63
N GLU C 77 -18.21 27.79 6.84
CA GLU C 77 -17.14 26.81 7.06
C GLU C 77 -17.44 25.50 6.35
N HIS C 78 -18.70 25.04 6.43
CA HIS C 78 -19.09 23.79 5.78
C HIS C 78 -19.03 23.89 4.26
N ALA C 79 -19.46 25.04 3.71
CA ALA C 79 -19.49 25.20 2.26
C ALA C 79 -18.09 25.27 1.67
N ILE C 80 -17.20 26.04 2.30
CA ILE C 80 -15.85 26.20 1.78
C ILE C 80 -15.12 24.86 1.76
N HIS C 81 -15.25 24.07 2.82
CA HIS C 81 -14.58 22.77 2.85
C HIS C 81 -15.05 21.87 1.72
N GLU C 82 -16.31 22.01 1.30
CA GLU C 82 -16.84 21.20 0.21
C GLU C 82 -16.34 21.68 -1.15
N ARG C 83 -16.43 23.00 -1.41
CA ARG C 83 -16.09 23.54 -2.71
C ARG C 83 -14.59 23.77 -2.89
N GLN C 84 -13.89 24.22 -1.84
CA GLN C 84 -12.45 24.45 -1.90
C GLN C 84 -11.75 23.61 -0.84
N PRO C 85 -11.59 22.30 -1.06
CA PRO C 85 -10.87 21.49 -0.07
C PRO C 85 -9.40 21.86 0.01
N PHE C 86 -8.81 22.35 -1.07
CA PHE C 86 -7.41 22.74 -1.14
C PHE C 86 -7.27 24.25 -1.12
N LEU C 87 -8.01 24.90 -0.22
CA LEU C 87 -7.97 26.36 -0.12
C LEU C 87 -6.59 26.85 0.31
N SER C 88 -5.89 26.06 1.11
CA SER C 88 -4.57 26.48 1.59
C SER C 88 -3.56 26.60 0.45
N MET C 89 -3.86 26.01 -0.70
CA MET C 89 -2.98 26.13 -1.85
C MET C 89 -2.94 27.57 -2.34
N ASP C 90 -4.07 28.28 -2.25
CA ASP C 90 -4.14 29.68 -2.67
C ASP C 90 -5.22 30.36 -1.83
N PRO C 91 -4.89 30.76 -0.60
CA PRO C 91 -5.91 31.31 0.30
C PRO C 91 -6.62 32.54 -0.23
N GLU C 92 -5.93 33.38 -1.00
CA GLU C 92 -6.54 34.61 -1.50
C GLU C 92 -7.57 34.35 -2.59
N SER C 93 -7.63 33.15 -3.14
CA SER C 93 -8.60 32.78 -4.16
C SER C 93 -9.87 32.22 -3.55
N ILE C 94 -10.16 32.55 -2.30
CA ILE C 94 -11.38 32.07 -1.65
C ILE C 94 -12.60 32.64 -2.36
N LEU C 95 -13.62 31.80 -2.52
CA LEU C 95 -14.82 32.17 -3.27
C LEU C 95 -15.52 33.36 -2.62
N SER C 96 -16.18 34.14 -3.46
CA SER C 96 -16.97 35.27 -3.00
C SER C 96 -18.28 34.78 -2.37
N PHE C 97 -18.99 35.71 -1.72
CA PHE C 97 -20.28 35.36 -1.14
C PHE C 97 -21.27 34.94 -2.23
N GLU C 98 -21.29 35.66 -3.34
CA GLU C 98 -22.24 35.36 -4.40
C GLU C 98 -21.94 34.00 -5.04
N GLU C 99 -20.66 33.66 -5.16
CA GLU C 99 -20.30 32.37 -5.72
C GLU C 99 -20.67 31.23 -4.77
N LEU C 100 -20.48 31.46 -3.46
CA LEU C 100 -20.77 30.45 -2.45
C LEU C 100 -22.25 30.39 -2.09
N LYS C 101 -23.01 31.44 -2.39
CA LYS C 101 -24.41 31.51 -2.01
C LYS C 101 -25.26 30.33 -2.48
N PRO C 102 -25.15 29.84 -3.73
CA PRO C 102 -25.96 28.67 -4.10
C PRO C 102 -25.70 27.47 -3.21
N THR C 103 -24.45 27.23 -2.82
CA THR C 103 -24.14 26.12 -1.93
C THR C 103 -24.69 26.36 -0.53
N LEU C 104 -24.67 27.61 -0.08
CA LEU C 104 -25.22 27.93 1.24
C LEU C 104 -26.71 27.62 1.31
N ILE C 105 -27.44 27.86 0.21
CA ILE C 105 -28.88 27.63 0.20
C ILE C 105 -29.20 26.15 0.37
N LYS C 106 -28.49 25.29 -0.36
CA LYS C 106 -28.74 23.85 -0.32
C LYS C 106 -28.18 23.18 0.93
N SER C 107 -27.40 23.89 1.73
CA SER C 107 -26.75 23.32 2.90
C SER C 107 -27.75 22.75 3.89
N ASP C 108 -27.43 21.58 4.44
CA ASP C 108 -28.26 20.88 5.43
C ASP C 108 -27.46 20.73 6.72
N MET C 109 -27.50 21.76 7.55
CA MET C 109 -26.73 21.79 8.78
C MET C 109 -27.47 21.08 9.91
N ALA C 110 -26.76 20.21 10.64
CA ALA C 110 -27.28 19.54 11.84
C ALA C 110 -28.61 18.84 11.59
N ASP C 111 -28.71 18.14 10.45
CA ASP C 111 -29.91 17.39 10.07
C ASP C 111 -31.16 18.28 10.06
N PHE C 112 -31.01 19.48 9.49
CA PHE C 112 -32.14 20.41 9.44
C PHE C 112 -33.29 19.83 8.63
N ASN C 113 -32.98 19.23 7.48
CA ASN C 113 -34.03 18.64 6.64
C ASN C 113 -34.72 17.49 7.36
N LEU C 114 -33.96 16.68 8.09
CA LEU C 114 -34.56 15.58 8.85
C LEU C 114 -35.45 16.12 9.96
N ARG C 115 -34.95 17.08 10.74
CA ARG C 115 -35.74 17.67 11.80
C ARG C 115 -36.99 18.34 11.25
N ASN C 116 -36.84 19.07 10.13
CA ASN C 116 -37.99 19.73 9.52
C ASN C 116 -39.03 18.70 9.08
N GLN C 117 -38.58 17.58 8.52
CA GLN C 117 -39.51 16.52 8.12
C GLN C 117 -40.21 15.93 9.33
N LEU C 118 -39.46 15.64 10.40
CA LEU C 118 -40.06 15.11 11.62
C LEU C 118 -41.05 16.09 12.21
N ASN C 119 -40.71 17.38 12.21
CA ASN C 119 -41.62 18.40 12.69
C ASN C 119 -42.92 18.38 11.90
N HIS C 120 -42.83 18.10 10.60
CA HIS C 120 -44.01 18.01 9.75
C HIS C 120 -44.82 16.75 10.04
N GLU C 121 -44.14 15.62 10.23
CA GLU C 121 -44.83 14.34 10.43
C GLU C 121 -45.63 14.32 11.74
N ILE C 122 -45.07 14.89 12.81
CA ILE C 122 -45.71 14.81 14.12
C ILE C 122 -47.07 15.51 14.12
N ASN C 123 -47.28 16.43 13.16
CA ASN C 123 -48.44 17.33 13.06
C ASN C 123 -48.27 18.51 13.99
N SER C 124 -47.05 18.73 14.49
CA SER C 124 -46.78 19.89 15.32
C SER C 124 -46.86 21.16 14.48
N HIS C 125 -45.92 21.33 13.55
CA HIS C 125 -45.82 22.55 12.72
C HIS C 125 -45.72 23.81 13.57
N LYS C 126 -45.21 23.66 14.79
CA LYS C 126 -45.08 24.73 15.75
C LYS C 126 -43.77 24.57 16.51
N THR C 127 -43.16 25.69 16.87
CA THR C 127 -41.84 25.69 17.52
C THR C 127 -40.87 24.95 16.59
N HIS C 128 -39.92 24.22 17.17
CA HIS C 128 -39.06 23.34 16.40
C HIS C 128 -39.00 21.98 17.09
N PHE C 129 -38.70 20.95 16.29
CA PHE C 129 -38.41 19.62 16.79
C PHE C 129 -37.26 19.72 17.79
N ILE C 130 -37.54 19.50 19.07
CA ILE C 130 -36.58 19.71 20.15
C ILE C 130 -36.34 18.38 20.86
N THR C 131 -35.08 18.08 21.11
CA THR C 131 -34.66 16.84 21.75
C THR C 131 -33.90 17.13 23.04
N GLN C 132 -33.40 16.06 23.67
CA GLN C 132 -32.59 16.18 24.88
C GLN C 132 -31.24 16.80 24.58
N PHE C 133 -30.82 16.79 23.31
CA PHE C 133 -29.53 17.27 22.87
C PHE C 133 -29.55 18.76 22.53
N ASP C 134 -30.70 19.42 22.66
CA ASP C 134 -30.85 20.81 22.25
C ASP C 134 -31.02 21.74 23.44
N PRO C 135 -30.33 22.88 23.44
CA PRO C 135 -30.49 23.88 24.50
C PRO C 135 -31.59 24.89 24.21
N VAL C 136 -32.20 25.37 25.30
CA VAL C 136 -33.38 26.23 25.20
C VAL C 136 -33.05 27.59 24.58
N SER C 137 -31.80 28.05 24.71
CA SER C 137 -31.46 29.38 24.18
C SER C 137 -31.59 29.46 22.67
N GLN C 138 -31.52 28.31 21.98
CA GLN C 138 -31.56 28.29 20.53
C GLN C 138 -32.95 28.59 19.98
N MET C 139 -33.95 28.69 20.85
CA MET C 139 -35.33 28.88 20.44
C MET C 139 -35.53 30.17 19.63
N ASN C 140 -34.79 31.22 19.97
CA ASN C 140 -35.04 32.54 19.38
C ASN C 140 -34.55 32.64 17.94
N THR C 141 -33.54 31.86 17.56
CA THR C 141 -32.84 32.08 16.29
C THR C 141 -33.74 31.91 15.07
N ARG C 142 -33.53 32.79 14.09
CA ARG C 142 -34.22 32.77 12.81
C ARG C 142 -33.69 31.66 11.90
N PRO C 143 -34.45 31.25 10.88
CA PRO C 143 -33.95 30.26 9.93
C PRO C 143 -32.73 30.77 9.16
N LEU C 144 -31.94 29.82 8.67
CA LEU C 144 -30.69 30.16 7.99
C LEU C 144 -30.95 30.94 6.70
N ILE C 145 -31.92 30.50 5.89
CA ILE C 145 -32.18 31.15 4.61
C ILE C 145 -32.53 32.61 4.82
N GLN C 146 -33.29 32.91 5.88
CA GLN C 146 -33.62 34.29 6.20
C GLN C 146 -32.39 35.08 6.61
N LEU C 147 -31.46 34.43 7.30
CA LEU C 147 -30.22 35.10 7.72
C LEU C 147 -29.31 35.38 6.53
N ILE C 148 -29.30 34.50 5.54
CA ILE C 148 -28.43 34.68 4.38
C ILE C 148 -28.80 35.95 3.62
N GLU C 149 -30.09 36.28 3.58
CA GLU C 149 -30.56 37.44 2.84
C GLU C 149 -30.26 38.74 3.61
N LYS C 150 -30.55 38.75 4.91
CA LYS C 150 -30.40 39.97 5.69
C LYS C 150 -28.94 40.27 6.04
N PHE C 151 -28.21 39.26 6.52
CA PHE C 151 -26.86 39.47 7.03
C PHE C 151 -25.78 38.66 6.31
N GLY C 152 -26.15 37.81 5.35
CA GLY C 152 -25.19 36.92 4.73
C GLY C 152 -23.96 37.60 4.16
N SER C 153 -24.15 38.60 3.31
CA SER C 153 -23.02 39.23 2.65
C SER C 153 -22.13 39.99 3.62
N LYS C 154 -22.73 40.71 4.56
CA LYS C 154 -21.95 41.52 5.49
C LYS C 154 -21.07 40.67 6.39
N ILE C 155 -21.62 39.59 6.94
CA ILE C 155 -20.86 38.73 7.82
C ILE C 155 -19.79 37.97 7.04
N TYR C 156 -20.11 37.53 5.82
CA TYR C 156 -19.16 36.77 5.03
C TYR C 156 -17.90 37.58 4.73
N ASP C 157 -18.05 38.89 4.53
CA ASP C 157 -16.89 39.74 4.29
C ASP C 157 -15.93 39.68 5.48
N TYR C 158 -16.48 39.66 6.69
CA TYR C 158 -15.66 39.55 7.89
C TYR C 158 -15.04 38.17 7.99
N TRP C 159 -15.85 37.13 7.79
CA TRP C 159 -15.34 35.76 7.89
C TRP C 159 -14.31 35.46 6.81
N ARG C 160 -14.45 36.10 5.65
CA ARG C 160 -13.49 35.90 4.57
C ARG C 160 -12.09 36.34 4.99
N GLU C 161 -12.00 37.51 5.65
CA GLU C 161 -10.69 38.01 6.08
C GLU C 161 -10.05 37.08 7.10
N ARG C 162 -10.82 36.60 8.07
CA ARG C 162 -10.27 35.69 9.06
C ARG C 162 -9.76 34.41 8.41
N LYS C 163 -10.49 33.92 7.40
CA LYS C 163 -10.06 32.74 6.67
C LYS C 163 -8.75 33.00 5.92
N ILE C 164 -8.56 34.21 5.41
CA ILE C 164 -7.33 34.54 4.71
C ILE C 164 -6.16 34.65 5.69
N GLU C 165 -6.40 35.21 6.87
CA GLU C 165 -5.35 35.34 7.88
C GLU C 165 -4.75 34.00 8.25
N VAL C 166 -5.58 32.96 8.38
CA VAL C 166 -5.11 31.64 8.76
C VAL C 166 -4.71 30.83 7.55
N ASN C 167 -4.48 31.51 6.42
CA ASN C 167 -3.94 30.90 5.19
C ASN C 167 -4.82 29.76 4.67
N GLY C 168 -6.14 29.87 4.83
CA GLY C 168 -7.03 28.87 4.31
C GLY C 168 -7.24 27.69 5.22
N TYR C 169 -6.64 27.69 6.40
CA TYR C 169 -6.83 26.64 7.40
C TYR C 169 -7.99 27.05 8.31
N GLU C 170 -8.03 26.51 9.52
CA GLU C 170 -9.12 26.76 10.44
C GLU C 170 -8.80 27.91 11.38
N ILE C 171 -9.84 28.67 11.74
CA ILE C 171 -9.68 29.76 12.70
C ILE C 171 -9.42 29.20 14.10
N PHE C 172 -10.17 28.16 14.48
CA PHE C 172 -10.01 27.50 15.78
C PHE C 172 -8.78 26.61 15.78
N PRO C 173 -7.96 26.64 16.83
CA PRO C 173 -6.73 25.84 16.87
C PRO C 173 -7.01 24.36 16.68
N GLN C 174 -6.26 23.75 15.77
CA GLN C 174 -6.48 22.36 15.38
C GLN C 174 -5.35 21.46 15.84
N LEU C 175 -5.68 20.19 16.02
CA LEU C 175 -4.67 19.17 16.26
C LEU C 175 -3.87 18.95 14.98
N LYS C 176 -2.61 18.59 15.13
CA LYS C 176 -1.77 18.31 13.98
C LYS C 176 -1.92 16.84 13.60
N PHE C 177 -2.49 16.57 12.43
CA PHE C 177 -2.66 15.22 11.94
C PHE C 177 -1.59 14.91 10.90
N GLU C 178 -1.30 13.62 10.74
CA GLU C 178 -0.29 13.21 9.78
C GLU C 178 -0.77 13.48 8.35
N ARG C 179 0.17 13.83 7.49
CA ARG C 179 -0.09 14.03 6.09
C ARG C 179 0.52 12.91 5.26
N PRO C 180 -0.24 12.37 4.30
CA PRO C 180 0.32 11.30 3.47
C PRO C 180 1.56 11.74 2.71
N GLY C 181 1.55 12.97 2.20
CA GLY C 181 2.66 13.45 1.39
C GLY C 181 3.97 13.59 2.15
N GLU C 182 3.91 14.09 3.38
CA GLU C 182 5.13 14.33 4.13
C GLU C 182 5.68 13.10 4.84
N LYS C 183 7.00 12.96 4.76
CA LYS C 183 7.74 12.06 5.63
C LYS C 183 7.51 12.44 7.08
N GLU C 184 7.55 11.43 7.96
CA GLU C 184 7.36 11.70 9.38
C GLU C 184 8.51 12.55 9.91
N GLU C 185 8.15 13.55 10.71
CA GLU C 185 9.12 14.48 11.28
C GLU C 185 9.48 14.12 12.71
N ILE C 186 9.04 12.95 13.19
CA ILE C 186 9.24 12.54 14.59
C ILE C 186 8.62 13.67 15.40
N ASP C 187 7.49 14.18 14.93
CA ASP C 187 6.88 15.37 15.54
C ASP C 187 5.97 14.96 16.68
N PRO C 188 6.26 15.34 17.93
CA PRO C 188 5.39 14.95 19.04
C PRO C 188 4.02 15.57 18.98
N TYR C 189 3.81 16.60 18.17
CA TYR C 189 2.50 17.23 18.04
C TYR C 189 1.58 16.49 17.08
N VAL C 190 2.12 15.60 16.26
CA VAL C 190 1.31 14.77 15.37
C VAL C 190 0.73 13.62 16.19
N CYS C 191 -0.58 13.40 16.05
CA CYS C 191 -1.25 12.42 16.88
C CYS C 191 -2.43 11.81 16.13
N PHE C 192 -2.94 10.71 16.70
CA PHE C 192 -4.18 10.05 16.29
C PHE C 192 -4.15 9.59 14.83
N ARG C 193 -3.06 8.91 14.45
CA ARG C 193 -2.98 8.30 13.14
C ARG C 193 -3.94 7.12 13.06
N ARG C 194 -4.53 6.92 11.88
CA ARG C 194 -5.51 5.86 11.66
C ARG C 194 -4.96 4.78 10.74
N ARG C 195 -5.27 3.53 11.07
CA ARG C 195 -4.82 2.35 10.32
C ARG C 195 -6.02 1.44 10.01
N GLU C 196 -6.43 1.42 8.75
CA GLU C 196 -7.60 0.66 8.31
C GLU C 196 -7.44 -0.84 8.55
N VAL C 197 -8.59 -1.53 8.62
CA VAL C 197 -8.60 -2.96 8.90
C VAL C 197 -8.15 -3.77 7.70
N ARG C 198 -8.68 -3.46 6.52
CA ARG C 198 -8.37 -4.17 5.26
C ARG C 198 -8.66 -5.67 5.38
N HIS C 199 -9.99 -5.99 5.38
CA HIS C 199 -10.44 -7.37 5.46
C HIS C 199 -10.88 -7.91 4.11
N PRO C 200 -10.69 -9.21 3.87
CA PRO C 200 -11.13 -9.80 2.61
C PRO C 200 -12.65 -9.87 2.51
N ARG C 201 -13.13 -9.81 1.28
CA ARG C 201 -14.56 -9.90 1.01
C ARG C 201 -15.10 -11.27 1.40
N LYS C 202 -16.40 -11.31 1.71
CA LYS C 202 -17.11 -12.56 1.93
C LYS C 202 -17.48 -13.17 0.59
N THR C 203 -17.93 -14.42 0.64
CA THR C 203 -18.38 -15.06 -0.60
C THR C 203 -19.65 -14.38 -1.09
N ARG C 204 -19.93 -14.54 -2.38
CA ARG C 204 -21.09 -13.89 -2.99
C ARG C 204 -22.38 -14.37 -2.34
N ARG C 205 -22.45 -15.63 -1.94
CA ARG C 205 -23.66 -16.15 -1.30
C ARG C 205 -23.93 -15.45 0.02
N ILE C 206 -22.88 -15.27 0.84
CA ILE C 206 -23.05 -14.56 2.10
C ILE C 206 -23.49 -13.12 1.84
N ASP C 207 -22.96 -12.50 0.78
CA ASP C 207 -23.40 -11.16 0.43
C ASP C 207 -24.89 -11.12 0.13
N ILE C 208 -25.39 -12.13 -0.61
CA ILE C 208 -26.82 -12.18 -0.90
C ILE C 208 -27.61 -12.40 0.39
N LEU C 209 -27.15 -13.31 1.24
CA LEU C 209 -27.83 -13.57 2.51
C LEU C 209 -27.84 -12.33 3.39
N ASN C 210 -26.71 -11.63 3.47
CA ASN C 210 -26.67 -10.39 4.24
C ASN C 210 -27.50 -9.29 3.59
N SER C 211 -27.60 -9.30 2.26
CA SER C 211 -28.49 -8.34 1.60
C SER C 211 -29.94 -8.57 2.01
N GLN C 212 -30.30 -9.83 2.25
CA GLN C 212 -31.65 -10.14 2.71
C GLN C 212 -31.84 -9.73 4.17
N ARG C 213 -30.82 -9.95 5.00
CA ARG C 213 -30.88 -9.49 6.38
C ARG C 213 -30.94 -7.98 6.44
N LEU C 214 -30.31 -7.29 5.49
CA LEU C 214 -30.35 -5.83 5.46
C LEU C 214 -31.76 -5.34 5.17
N ARG C 215 -32.47 -6.02 4.27
CA ARG C 215 -33.85 -5.64 3.98
C ARG C 215 -34.75 -5.92 5.17
N ALA C 216 -34.51 -7.04 5.87
CA ALA C 216 -35.31 -7.36 7.05
C ALA C 216 -35.03 -6.37 8.17
N LEU C 217 -33.77 -6.01 8.36
CA LEU C 217 -33.43 -5.01 9.37
C LEU C 217 -34.01 -3.65 9.02
N HIS C 218 -34.10 -3.35 7.71
CA HIS C 218 -34.68 -2.09 7.28
C HIS C 218 -36.16 -2.02 7.64
N GLN C 219 -36.87 -3.14 7.50
CA GLN C 219 -38.29 -3.16 7.84
C GLN C 219 -38.51 -2.96 9.33
N GLU C 220 -37.65 -3.54 10.17
CA GLU C 220 -37.80 -3.41 11.61
C GLU C 220 -37.53 -1.98 12.07
N LEU C 221 -36.60 -1.29 11.41
CA LEU C 221 -36.38 0.11 11.75
C LEU C 221 -37.57 0.96 11.33
N LYS C 222 -38.19 0.61 10.20
CA LYS C 222 -39.42 1.29 9.79
C LYS C 222 -40.53 1.06 10.81
N ASN C 223 -40.64 -0.18 11.30
CA ASN C 223 -41.67 -0.48 12.30
C ASN C 223 -41.41 0.31 13.58
N ALA C 224 -40.16 0.34 14.04
CA ALA C 224 -39.84 1.11 15.24
C ALA C 224 -40.03 2.60 15.01
N LYS C 225 -39.74 3.08 13.80
CA LYS C 225 -39.92 4.51 13.51
C LYS C 225 -41.40 4.87 13.53
N ASP C 226 -42.27 3.96 13.09
CA ASP C 226 -43.70 4.22 13.13
C ASP C 226 -44.18 4.33 14.57
N LEU C 227 -43.76 3.40 15.43
CA LEU C 227 -44.12 3.46 16.84
C LEU C 227 -43.56 4.71 17.50
N ALA C 228 -42.32 5.08 17.15
CA ALA C 228 -41.74 6.28 17.73
C ALA C 228 -42.52 7.53 17.31
N LEU C 229 -42.98 7.54 16.07
CA LEU C 229 -43.77 8.68 15.60
C LEU C 229 -45.12 8.74 16.28
N LEU C 230 -45.76 7.57 16.47
CA LEU C 230 -47.06 7.54 17.14
C LEU C 230 -46.95 8.04 18.57
N VAL C 231 -45.89 7.65 19.29
CA VAL C 231 -45.69 8.12 20.65
C VAL C 231 -45.42 9.62 20.65
N ALA C 232 -44.66 10.11 19.67
CA ALA C 232 -44.44 11.55 19.57
C ALA C 232 -45.73 12.29 19.31
N LYS C 233 -46.60 11.73 18.46
CA LYS C 233 -47.91 12.33 18.22
C LYS C 233 -48.76 12.31 19.48
N ARG C 234 -48.77 11.18 20.19
CA ARG C 234 -49.57 11.07 21.40
C ARG C 234 -49.15 12.12 22.42
N GLU C 235 -47.84 12.35 22.56
CA GLU C 235 -47.39 13.37 23.49
C GLU C 235 -47.62 14.78 22.94
N ASN C 236 -47.63 14.92 21.61
CA ASN C 236 -47.89 16.22 21.00
C ASN C 236 -49.33 16.65 21.22
N VAL C 237 -50.28 15.74 21.02
CA VAL C 237 -51.68 16.10 21.25
C VAL C 237 -51.95 16.26 22.74
N SER C 238 -51.21 15.54 23.59
CA SER C 238 -51.33 15.74 25.03
C SER C 238 -50.81 17.11 25.43
N LEU C 239 -49.83 17.64 24.69
CA LEU C 239 -49.36 18.99 24.94
C LEU C 239 -50.37 20.01 24.48
N ASN C 240 -51.06 19.72 23.36
CA ASN C 240 -52.14 20.59 22.90
C ASN C 240 -53.29 20.58 23.89
N TRP C 241 -53.54 19.43 24.53
CA TRP C 241 -54.65 19.32 25.46
C TRP C 241 -54.41 20.16 26.71
N ILE C 242 -53.20 20.08 27.28
CA ILE C 242 -52.92 20.84 28.49
C ILE C 242 -52.81 22.33 28.18
N ASN C 243 -52.39 22.68 26.96
CA ASN C 243 -52.38 24.08 26.57
C ASN C 243 -53.80 24.62 26.44
N ASP C 244 -54.74 23.77 26.02
CA ASP C 244 -56.14 24.16 25.97
C ASP C 244 -56.70 24.36 27.37
N GLU C 245 -56.36 23.43 28.27
CA GLU C 245 -56.87 23.49 29.64
C GLU C 245 -56.43 24.77 30.33
N LEU C 246 -55.22 25.23 30.04
CA LEU C 246 -54.76 26.50 30.58
C LEU C 246 -55.54 27.66 29.99
N LYS C 247 -55.69 27.66 28.66
CA LYS C 247 -56.43 28.73 27.99
C LYS C 247 -57.91 28.69 28.37
N ILE C 248 -58.48 27.49 28.47
CA ILE C 248 -59.89 27.34 28.86
C ILE C 248 -60.08 27.85 30.30
N PHE C 249 -59.11 27.57 31.16
CA PHE C 249 -59.20 28.04 32.54
C PHE C 249 -59.21 29.55 32.62
N ASP C 250 -58.37 30.23 31.83
CA ASP C 250 -58.34 31.68 31.86
C ASP C 250 -59.53 32.28 31.14
N GLN C 251 -60.07 31.58 30.15
CA GLN C 251 -61.26 32.06 29.46
C GLN C 251 -62.51 31.86 30.31
N ARG C 252 -62.49 30.92 31.24
CA ARG C 252 -63.63 30.70 32.12
C ARG C 252 -63.66 31.70 33.27
N VAL C 253 -62.49 32.01 33.84
CA VAL C 253 -62.42 32.98 34.92
C VAL C 253 -62.82 34.37 34.42
N LYS C 254 -62.32 34.78 33.25
CA LYS C 254 -62.65 36.10 32.72
C LYS C 254 -64.14 36.25 32.43
N ILE C 255 -64.76 35.21 31.87
CA ILE C 255 -66.20 35.28 31.57
C ILE C 255 -67.00 35.45 32.86
N LYS C 256 -66.66 34.65 33.87
CA LYS C 256 -67.38 34.70 35.14
C LYS C 256 -67.29 36.08 35.78
N ASN C 257 -66.12 36.72 35.69
CA ASN C 257 -65.96 38.07 36.23
C ASN C 257 -66.84 39.08 35.49
N LEU C 258 -66.85 39.02 34.15
CA LEU C 258 -67.67 39.94 33.38
C LEU C 258 -69.15 39.62 33.55
N LYS C 259 -69.48 38.32 33.65
CA LYS C 259 -70.87 37.92 33.84
C LYS C 259 -71.41 38.42 35.17
N ARG C 260 -70.61 38.34 36.23
CA ARG C 260 -71.01 38.86 37.53
C ARG C 260 -71.14 40.37 37.51
N SER C 261 -70.31 41.04 36.71
CA SER C 261 -70.37 42.49 36.60
C SER C 261 -71.68 42.94 35.95
N LEU C 262 -72.16 42.18 34.96
CA LEU C 262 -73.42 42.50 34.30
C LEU C 262 -74.60 41.78 34.93
N ASN C 263 -74.36 40.89 35.88
CA ASN C 263 -75.40 40.13 36.56
C ASN C 263 -76.30 39.38 35.58
N ILE C 264 -75.68 38.51 34.78
CA ILE C 264 -76.41 37.69 33.82
C ILE C 264 -76.45 36.25 34.31
N SER C 265 -77.60 35.62 34.16
CA SER C 265 -77.89 34.30 34.69
C SER C 265 -78.01 33.30 33.55
N GLY C 266 -77.62 32.07 33.85
CA GLY C 266 -77.70 30.99 32.89
C GLY C 266 -76.42 30.81 32.12
N GLU C 267 -76.54 30.11 30.99
CA GLU C 267 -75.45 29.88 30.04
C GLU C 267 -74.21 29.29 30.69
N ASP C 268 -74.39 28.54 31.79
CA ASP C 268 -73.29 27.98 32.56
C ASP C 268 -72.69 26.72 31.92
N ASP C 269 -73.26 26.24 30.82
CA ASP C 269 -72.86 24.92 30.29
C ASP C 269 -71.41 24.90 29.83
N ASP C 270 -70.88 26.04 29.40
CA ASP C 270 -69.47 26.12 29.00
C ASP C 270 -68.54 26.38 30.18
N LEU C 271 -69.08 26.60 31.37
CA LEU C 271 -68.28 26.88 32.56
C LEU C 271 -68.05 25.65 33.42
N ILE C 272 -68.60 24.49 33.03
CA ILE C 272 -68.43 23.25 33.78
C ILE C 272 -68.09 22.12 32.81
N ASN C 273 -67.26 21.19 33.26
CA ASN C 273 -66.91 20.02 32.46
C ASN C 273 -68.07 19.03 32.44
N HIS C 274 -68.16 18.28 31.35
CA HIS C 274 -69.25 17.33 31.13
C HIS C 274 -68.67 15.95 30.86
N LYS C 275 -69.08 14.97 31.66
CA LYS C 275 -68.60 13.61 31.51
C LYS C 275 -69.15 12.97 30.23
N ARG C 276 -68.29 12.28 29.49
CA ARG C 276 -68.71 11.55 28.31
C ARG C 276 -67.95 10.22 28.25
N LYS C 277 -68.41 9.35 27.36
CA LYS C 277 -67.83 8.01 27.24
C LYS C 277 -66.39 8.10 26.77
N ARG C 278 -65.47 7.61 27.61
CA ARG C 278 -64.03 7.68 27.33
C ARG C 278 -63.41 6.32 27.59
N PRO C 279 -62.84 5.66 26.57
CA PRO C 279 -62.19 4.35 26.70
C PRO C 279 -61.05 4.34 27.71
N MET D 1 -18.77 -1.54 -3.21
CA MET D 1 -19.84 -1.58 -2.22
C MET D 1 -20.00 -2.98 -1.65
N ASP D 2 -20.00 -3.09 -0.32
CA ASP D 2 -20.03 -4.39 0.35
C ASP D 2 -21.27 -4.50 1.21
N PRO D 3 -22.23 -5.36 0.85
CA PRO D 3 -23.44 -5.50 1.69
C PRO D 3 -23.14 -6.05 3.06
N SER D 4 -22.18 -6.97 3.15
CA SER D 4 -21.81 -7.56 4.44
C SER D 4 -21.22 -6.50 5.36
N LEU D 5 -20.45 -5.56 4.79
CA LEU D 5 -19.92 -4.46 5.59
C LEU D 5 -21.03 -3.53 6.03
N VAL D 6 -21.96 -3.20 5.13
CA VAL D 6 -23.07 -2.32 5.48
C VAL D 6 -23.90 -2.93 6.59
N LEU D 7 -24.18 -4.24 6.50
CA LEU D 7 -24.94 -4.90 7.56
C LEU D 7 -24.17 -4.90 8.87
N GLU D 8 -22.86 -5.15 8.83
CA GLU D 8 -22.06 -5.13 10.04
C GLU D 8 -22.06 -3.75 10.68
N GLN D 9 -21.86 -2.71 9.86
CA GLN D 9 -21.84 -1.34 10.37
C GLN D 9 -23.20 -0.92 10.90
N THR D 10 -24.29 -1.34 10.23
CA THR D 10 -25.62 -0.95 10.67
C THR D 10 -25.94 -1.54 12.04
N ILE D 11 -25.59 -2.81 12.25
CA ILE D 11 -25.86 -3.46 13.53
C ILE D 11 -25.03 -2.81 14.65
N GLN D 12 -23.78 -2.46 14.35
CA GLN D 12 -22.95 -1.77 15.34
C GLN D 12 -23.52 -0.40 15.68
N ASP D 13 -24.01 0.33 14.68
CA ASP D 13 -24.57 1.66 14.91
C ASP D 13 -25.85 1.57 15.74
N VAL D 14 -26.64 0.52 15.54
CA VAL D 14 -27.96 0.39 16.15
C VAL D 14 -27.93 -0.50 17.37
N SER D 15 -26.74 -0.96 17.79
CA SER D 15 -26.62 -1.92 18.88
C SER D 15 -27.19 -1.40 20.19
N ASN D 16 -27.06 -0.10 20.46
CA ASN D 16 -27.51 0.47 21.73
C ASN D 16 -28.90 1.09 21.63
N LEU D 17 -29.49 1.13 20.44
CA LEU D 17 -30.79 1.77 20.25
C LEU D 17 -31.91 1.13 21.05
N PRO D 18 -32.07 -0.20 21.09
CA PRO D 18 -33.16 -0.76 21.90
C PRO D 18 -33.05 -0.42 23.38
N SER D 19 -31.83 -0.33 23.91
CA SER D 19 -31.64 0.07 25.29
C SER D 19 -32.08 1.50 25.51
N GLU D 20 -31.81 2.39 24.55
CA GLU D 20 -32.17 3.78 24.68
C GLU D 20 -33.68 3.98 24.60
N PHE D 21 -34.34 3.20 23.73
CA PHE D 21 -35.80 3.31 23.62
C PHE D 21 -36.48 2.94 24.93
N ARG D 22 -36.06 1.82 25.54
CA ARG D 22 -36.61 1.45 26.84
C ARG D 22 -36.35 2.52 27.89
N TYR D 23 -35.12 3.06 27.89
CA TYR D 23 -34.75 4.07 28.87
C TYR D 23 -35.59 5.33 28.70
N LEU D 24 -35.76 5.79 27.46
CA LEU D 24 -36.53 6.99 27.21
C LEU D 24 -38.01 6.76 27.49
N LEU D 25 -38.55 5.62 27.05
CA LEU D 25 -39.99 5.36 27.22
C LEU D 25 -40.37 5.16 28.68
N GLU D 26 -39.49 4.58 29.50
CA GLU D 26 -39.82 4.41 30.90
C GLU D 26 -39.71 5.72 31.68
N GLU D 27 -38.94 6.67 31.15
CA GLU D 27 -38.94 8.01 31.73
C GLU D 27 -40.19 8.76 31.33
N ILE D 28 -40.71 8.51 30.12
CA ILE D 28 -42.00 9.07 29.72
C ILE D 28 -43.10 8.52 30.60
N GLY D 29 -43.07 7.21 30.86
CA GLY D 29 -44.05 6.63 31.76
C GLY D 29 -43.92 7.16 33.16
N SER D 30 -42.68 7.35 33.63
CA SER D 30 -42.46 7.89 34.96
C SER D 30 -43.03 9.30 35.08
N ASN D 31 -42.93 10.09 34.01
CA ASN D 31 -43.48 11.45 34.03
C ASN D 31 -44.99 11.45 33.83
N ASP D 32 -45.51 10.54 33.00
CA ASP D 32 -46.95 10.47 32.80
C ASP D 32 -47.66 10.07 34.09
N LEU D 33 -47.03 9.23 34.90
CA LEU D 33 -47.60 8.89 36.20
C LEU D 33 -47.62 10.10 37.12
N LYS D 34 -46.55 10.91 37.08
CA LYS D 34 -46.55 12.16 37.83
C LYS D 34 -47.59 13.12 37.32
N LEU D 35 -47.86 13.08 36.00
CA LEU D 35 -48.86 13.95 35.41
C LEU D 35 -50.27 13.58 35.87
N ILE D 36 -50.56 12.28 35.95
CA ILE D 36 -51.89 11.83 36.37
C ILE D 36 -52.15 12.24 37.81
N GLU D 37 -51.18 12.01 38.70
CA GLU D 37 -51.35 12.39 40.10
C GLU D 37 -51.54 13.89 40.24
N GLU D 38 -50.93 14.67 39.34
CA GLU D 38 -51.11 16.12 39.37
C GLU D 38 -52.41 16.53 38.70
N LYS D 39 -52.91 15.71 37.76
CA LYS D 39 -54.21 15.96 37.15
C LYS D 39 -55.32 15.84 38.19
N LYS D 40 -55.26 14.79 39.02
CA LYS D 40 -56.26 14.63 40.07
C LYS D 40 -56.21 15.78 41.06
N LYS D 41 -55.03 16.38 41.23
CA LYS D 41 -54.87 17.44 42.22
C LYS D 41 -55.63 18.70 41.84
N TYR D 42 -55.77 18.97 40.54
CA TYR D 42 -56.51 20.16 40.10
C TYR D 42 -57.92 19.83 39.65
N GLU D 43 -58.16 18.59 39.18
CA GLU D 43 -59.51 18.21 38.78
C GLU D 43 -60.43 18.12 39.99
N GLN D 44 -59.90 17.72 41.14
CA GLN D 44 -60.70 17.69 42.37
C GLN D 44 -61.05 19.10 42.81
N LYS D 45 -60.09 20.02 42.74
CA LYS D 45 -60.37 21.41 43.09
C LYS D 45 -61.24 22.08 42.05
N GLU D 46 -61.19 21.62 40.80
CA GLU D 46 -62.04 22.16 39.75
C GLU D 46 -63.44 21.60 39.86
N SER D 47 -63.57 20.38 40.41
CA SER D 47 -64.89 19.81 40.65
C SER D 47 -65.64 20.58 41.73
N GLN D 48 -64.91 21.11 42.73
CA GLN D 48 -65.54 21.93 43.75
C GLN D 48 -66.16 23.18 43.15
N ILE D 49 -65.45 23.82 42.22
CA ILE D 49 -65.98 25.01 41.56
C ILE D 49 -67.19 24.65 40.72
N HIS D 50 -67.13 23.50 40.02
CA HIS D 50 -68.22 23.12 39.13
C HIS D 50 -69.43 22.65 39.91
N LYS D 51 -69.22 22.01 41.07
CA LYS D 51 -70.34 21.62 41.92
C LYS D 51 -71.12 22.85 42.38
N PHE D 52 -70.41 23.94 42.68
CA PHE D 52 -71.06 25.17 43.11
C PHE D 52 -71.90 25.78 42.00
N ILE D 53 -71.39 25.77 40.77
CA ILE D 53 -72.10 26.38 39.64
C ILE D 53 -73.38 25.62 39.33
N ARG D 54 -73.38 24.30 39.49
CA ARG D 54 -74.54 23.49 39.16
C ARG D 54 -75.74 23.84 40.04
N GLN D 55 -75.48 24.23 41.29
CA GLN D 55 -76.54 24.49 42.26
C GLN D 55 -76.96 25.96 42.31
N GLN D 56 -76.00 26.88 42.17
CA GLN D 56 -76.25 28.30 42.40
C GLN D 56 -75.92 29.17 41.21
N GLY D 57 -75.23 28.64 40.20
CA GLY D 57 -74.91 29.42 39.03
C GLY D 57 -73.54 30.05 39.13
N SER D 58 -73.15 30.71 38.04
CA SER D 58 -71.85 31.36 37.99
C SER D 58 -71.87 32.77 38.56
N ILE D 59 -73.05 33.29 38.91
CA ILE D 59 -73.16 34.63 39.49
C ILE D 59 -72.65 34.65 40.93
N PRO D 60 -73.10 33.75 41.82
CA PRO D 60 -72.49 33.74 43.16
C PRO D 60 -71.05 33.22 43.08
N LYS D 61 -70.17 33.84 43.86
CA LYS D 61 -68.79 33.41 43.91
C LYS D 61 -68.63 32.26 44.89
N HIS D 62 -67.85 31.26 44.50
CA HIS D 62 -67.53 30.17 45.41
C HIS D 62 -66.79 30.73 46.62
N PRO D 63 -67.12 30.26 47.84
CA PRO D 63 -66.50 30.81 49.06
C PRO D 63 -64.98 30.79 49.06
N GLN D 64 -64.40 29.89 48.25
CA GLN D 64 -62.95 29.72 48.17
C GLN D 64 -62.49 29.82 46.72
N GLU D 65 -63.24 30.55 45.90
CA GLU D 65 -62.95 30.61 44.46
C GLU D 65 -61.59 31.25 44.20
N ASP D 66 -61.31 32.40 44.83
CA ASP D 66 -60.04 33.07 44.60
C ASP D 66 -58.86 32.20 45.06
N GLY D 67 -59.06 31.43 46.13
CA GLY D 67 -58.01 30.53 46.59
C GLY D 67 -57.85 29.32 45.70
N LEU D 68 -58.97 28.75 45.24
CA LEU D 68 -58.91 27.57 44.38
C LEU D 68 -58.38 27.91 42.99
N ASP D 69 -58.78 29.07 42.44
CA ASP D 69 -58.33 29.45 41.11
C ASP D 69 -56.82 29.58 41.04
N LYS D 70 -56.20 30.10 42.11
CA LYS D 70 -54.74 30.22 42.12
C LYS D 70 -54.10 28.85 42.21
N GLU D 71 -54.71 27.93 42.96
CA GLU D 71 -54.13 26.60 43.12
C GLU D 71 -54.31 25.76 41.87
N ILE D 72 -55.43 25.95 41.16
CA ILE D 72 -55.66 25.21 39.92
C ILE D 72 -54.69 25.68 38.85
N LYS D 73 -54.56 27.01 38.70
CA LYS D 73 -53.62 27.58 37.75
C LYS D 73 -52.20 27.09 38.02
N GLU D 74 -51.84 26.98 39.31
CA GLU D 74 -50.52 26.48 39.68
C GLU D 74 -50.34 25.03 39.27
N SER D 75 -51.30 24.17 39.63
CA SER D 75 -51.20 22.76 39.29
C SER D 75 -51.30 22.54 37.79
N LEU D 76 -52.10 23.36 37.10
CA LEU D 76 -52.20 23.23 35.65
C LEU D 76 -50.89 23.65 34.97
N LEU D 77 -50.13 24.54 35.62
CA LEU D 77 -48.89 25.03 35.04
C LEU D 77 -47.77 24.00 35.15
N LYS D 78 -47.70 23.29 36.27
CA LYS D 78 -46.68 22.25 36.43
C LYS D 78 -47.06 20.98 35.66
N CYS D 79 -48.31 20.87 35.24
CA CYS D 79 -48.71 19.80 34.34
C CYS D 79 -48.14 20.07 32.94
N GLN D 80 -48.18 21.33 32.51
CA GLN D 80 -47.61 21.70 31.22
C GLN D 80 -46.11 21.44 31.20
N SER D 81 -45.43 21.70 32.31
CA SER D 81 -43.99 21.47 32.38
C SER D 81 -43.66 19.99 32.25
N LEU D 82 -44.40 19.14 32.96
CA LEU D 82 -44.19 17.70 32.85
C LEU D 82 -44.47 17.19 31.44
N GLN D 83 -45.53 17.72 30.82
CA GLN D 83 -45.91 17.27 29.48
C GLN D 83 -44.88 17.68 28.44
N ARG D 84 -44.26 18.86 28.61
CA ARG D 84 -43.20 19.26 27.69
C ARG D 84 -42.03 18.30 27.73
N GLU D 85 -41.69 17.82 28.94
CA GLU D 85 -40.58 16.87 29.08
C GLU D 85 -40.88 15.58 28.32
N LYS D 86 -42.11 15.09 28.39
CA LYS D 86 -42.47 13.88 27.66
C LYS D 86 -42.38 14.09 26.16
N CYS D 87 -42.76 15.28 25.68
CA CYS D 87 -42.62 15.60 24.26
C CYS D 87 -41.15 15.57 23.84
N VAL D 88 -40.29 16.22 24.63
CA VAL D 88 -38.86 16.22 24.34
C VAL D 88 -38.32 14.79 24.29
N LEU D 89 -38.64 14.00 25.32
CA LEU D 89 -38.20 12.61 25.36
C LEU D 89 -38.73 11.83 24.15
N ALA D 90 -40.00 12.01 23.80
CA ALA D 90 -40.55 11.32 22.65
C ALA D 90 -39.86 11.73 21.36
N ASN D 91 -39.46 13.00 21.27
CA ASN D 91 -38.77 13.49 20.07
C ASN D 91 -37.39 12.86 19.93
N THR D 92 -36.66 12.68 21.04
CA THR D 92 -35.33 12.07 20.95
C THR D 92 -35.43 10.66 20.38
N ALA D 93 -36.32 9.84 20.94
CA ALA D 93 -36.48 8.48 20.44
C ALA D 93 -36.83 8.48 18.96
N LEU D 94 -37.73 9.36 18.55
CA LEU D 94 -38.07 9.46 17.13
C LEU D 94 -36.88 9.95 16.31
N PHE D 95 -36.11 10.89 16.86
CA PHE D 95 -34.94 11.41 16.14
C PHE D 95 -33.87 10.34 15.97
N LEU D 96 -33.58 9.59 17.03
CA LEU D 96 -32.53 8.56 16.97
C LEU D 96 -32.85 7.51 15.93
N ILE D 97 -34.08 6.98 15.93
CA ILE D 97 -34.43 5.93 14.97
C ILE D 97 -34.47 6.48 13.55
N ALA D 98 -34.99 7.70 13.38
CA ALA D 98 -35.08 8.27 12.04
C ALA D 98 -33.70 8.53 11.46
N ARG D 99 -32.75 8.94 12.30
CA ARG D 99 -31.41 9.20 11.82
C ARG D 99 -30.70 7.90 11.44
N HIS D 100 -30.92 6.84 12.22
CA HIS D 100 -30.38 5.53 11.86
C HIS D 100 -31.04 5.01 10.59
N LEU D 101 -32.34 5.27 10.44
CA LEU D 101 -33.05 4.80 9.25
C LEU D 101 -32.60 5.53 8.00
N ASN D 102 -32.34 6.84 8.10
CA ASN D 102 -31.88 7.59 6.95
C ASN D 102 -30.51 7.11 6.47
N LYS D 103 -29.60 6.84 7.42
CA LYS D 103 -28.28 6.36 7.04
C LYS D 103 -28.36 5.00 6.36
N LEU D 104 -29.28 4.15 6.83
CA LEU D 104 -29.45 2.84 6.19
C LEU D 104 -30.05 2.98 4.80
N GLU D 105 -31.02 3.89 4.65
CA GLU D 105 -31.63 4.08 3.34
C GLU D 105 -30.65 4.67 2.33
N LYS D 106 -29.69 5.47 2.79
CA LYS D 106 -28.65 5.96 1.89
C LYS D 106 -27.74 4.82 1.45
N ASN D 107 -27.37 3.93 2.37
CA ASN D 107 -26.54 2.79 2.01
C ASN D 107 -27.26 1.87 1.03
N ILE D 108 -28.55 1.60 1.28
CA ILE D 108 -29.31 0.76 0.37
C ILE D 108 -29.38 1.40 -1.00
N ALA D 109 -29.56 2.72 -1.07
CA ALA D 109 -29.57 3.40 -2.35
C ALA D 109 -28.21 3.28 -3.05
N LEU D 110 -27.12 3.44 -2.30
CA LEU D 110 -25.79 3.30 -2.88
C LEU D 110 -25.54 1.87 -3.35
N LEU D 111 -26.11 0.88 -2.66
CA LEU D 111 -25.96 -0.50 -3.08
C LEU D 111 -26.80 -0.80 -4.33
N GLU D 112 -27.95 -0.13 -4.46
CA GLU D 112 -28.80 -0.33 -5.63
C GLU D 112 -28.24 0.35 -6.87
N GLU D 113 -27.46 1.42 -6.69
CA GLU D 113 -26.85 2.09 -7.84
C GLU D 113 -25.83 1.20 -8.53
N ASP D 114 -25.32 0.19 -7.83
CA ASP D 114 -24.49 -0.85 -8.42
C ASP D 114 -25.34 -2.10 -8.62
N GLY D 115 -24.78 -3.06 -9.33
CA GLY D 115 -25.46 -4.33 -9.48
C GLY D 115 -25.35 -5.22 -8.25
N VAL D 116 -24.76 -4.68 -7.18
CA VAL D 116 -24.51 -5.45 -5.97
C VAL D 116 -25.81 -5.86 -5.29
N LEU D 117 -26.73 -4.93 -5.11
CA LEU D 117 -27.98 -5.19 -4.41
C LEU D 117 -29.18 -5.09 -5.35
N ALA D 118 -30.02 -6.12 -5.33
CA ALA D 118 -31.22 -6.16 -6.15
C ALA D 118 -32.35 -5.37 -5.49
N GLU E 20 11.90 12.75 -36.25
CA GLU E 20 12.50 12.78 -37.58
C GLU E 20 13.73 13.69 -37.63
N VAL E 21 13.56 14.95 -37.25
CA VAL E 21 14.68 15.89 -37.26
C VAL E 21 15.67 15.55 -36.16
N ALA E 22 15.18 15.08 -35.00
CA ALA E 22 16.04 14.78 -33.88
C ALA E 22 16.92 13.55 -34.11
N ARG E 23 16.64 12.76 -35.15
CA ARG E 23 17.40 11.56 -35.43
C ARG E 23 18.58 11.81 -36.35
N VAL E 24 18.92 13.07 -36.62
CA VAL E 24 20.07 13.43 -37.43
C VAL E 24 20.89 14.50 -36.72
N ARG E 25 22.18 14.53 -37.07
CA ARG E 25 23.13 15.48 -36.51
C ARG E 25 22.71 16.92 -36.77
N ASN E 26 22.60 17.70 -35.70
CA ASN E 26 22.06 19.06 -35.77
C ASN E 26 23.08 20.09 -36.25
N LEU E 27 24.30 20.05 -35.72
CA LEU E 27 25.28 21.10 -35.95
C LEU E 27 26.46 20.57 -36.76
N ASN E 28 27.18 21.52 -37.38
CA ASN E 28 28.30 21.17 -38.25
C ASN E 28 29.54 20.82 -37.43
N ARG E 29 30.28 21.85 -36.99
CA ARG E 29 31.52 21.69 -36.26
C ARG E 29 31.58 22.72 -35.15
N ILE E 30 32.11 22.31 -34.00
CA ILE E 30 32.06 23.10 -32.77
C ILE E 30 33.47 23.26 -32.19
N ILE E 31 33.80 24.48 -31.76
CA ILE E 31 35.08 24.81 -31.16
C ILE E 31 34.84 25.10 -29.68
N MET E 32 35.12 24.12 -28.82
CA MET E 32 35.00 24.31 -27.36
C MET E 32 36.41 24.57 -26.81
N GLY E 33 36.65 25.79 -26.35
CA GLY E 33 37.98 26.14 -25.88
C GLY E 33 38.97 26.15 -27.02
N LYS E 34 40.02 25.33 -26.92
CA LYS E 34 41.02 25.23 -27.97
C LYS E 34 40.77 24.06 -28.90
N TYR E 35 39.87 23.15 -28.55
CA TYR E 35 39.64 21.94 -29.33
C TYR E 35 38.36 22.05 -30.15
N GLU E 36 38.50 21.80 -31.45
CA GLU E 36 37.35 21.71 -32.34
C GLU E 36 36.85 20.27 -32.34
N ILE E 37 35.57 20.08 -32.02
CA ILE E 37 34.97 18.76 -31.90
C ILE E 37 33.84 18.63 -32.90
N GLU E 38 33.55 17.40 -33.28
CA GLU E 38 32.49 17.14 -34.25
C GLU E 38 31.31 16.46 -33.57
N PRO E 39 30.16 17.12 -33.46
CA PRO E 39 29.03 16.55 -32.72
C PRO E 39 28.52 15.27 -33.36
N TRP E 40 27.91 14.43 -32.53
CA TRP E 40 27.40 13.14 -32.98
C TRP E 40 25.88 13.14 -33.17
N TYR E 41 25.13 13.83 -32.32
CA TYR E 41 23.67 13.75 -32.35
C TYR E 41 23.05 15.15 -32.34
N PHE E 42 21.73 15.16 -32.50
CA PHE E 42 20.95 16.39 -32.46
C PHE E 42 20.97 17.00 -31.06
N SER E 43 20.93 18.34 -31.01
CA SER E 43 20.83 19.04 -29.73
C SER E 43 20.03 20.33 -29.93
N PRO E 44 19.03 20.60 -29.09
CA PRO E 44 18.14 21.74 -29.33
C PRO E 44 18.79 23.11 -29.16
N TYR E 45 19.99 23.30 -29.71
CA TYR E 45 20.58 24.63 -29.76
C TYR E 45 19.70 25.57 -30.58
N PRO E 46 19.86 26.89 -30.42
CA PRO E 46 19.07 27.81 -31.24
C PRO E 46 19.20 27.52 -32.72
N ILE E 47 18.06 27.26 -33.39
CA ILE E 47 18.09 26.82 -34.77
C ILE E 47 18.83 27.80 -35.67
N GLU E 48 18.93 29.07 -35.26
CA GLU E 48 19.70 30.04 -36.06
C GLU E 48 21.16 29.64 -36.15
N LEU E 49 21.67 28.88 -35.17
CA LEU E 49 23.06 28.47 -35.19
C LEU E 49 23.34 27.37 -36.20
N THR E 50 22.29 26.69 -36.68
CA THR E 50 22.49 25.64 -37.68
C THR E 50 22.88 26.22 -39.03
N ASP E 51 22.74 27.52 -39.22
CA ASP E 51 23.09 28.19 -40.46
C ASP E 51 24.52 28.70 -40.45
N GLU E 52 25.26 28.43 -39.38
CA GLU E 52 26.64 28.87 -39.23
C GLU E 52 27.59 27.71 -39.53
N ASP E 53 28.78 28.05 -40.01
CA ASP E 53 29.80 27.03 -40.24
C ASP E 53 30.44 26.59 -38.92
N PHE E 54 30.86 27.56 -38.11
CA PHE E 54 31.50 27.33 -36.84
C PHE E 54 30.61 27.81 -35.70
N ILE E 55 30.58 27.06 -34.60
CA ILE E 55 29.96 27.47 -33.35
C ILE E 55 31.03 27.45 -32.27
N TYR E 56 31.10 28.52 -31.47
CA TYR E 56 32.06 28.63 -30.38
C TYR E 56 31.39 28.27 -29.06
N ILE E 57 32.06 27.47 -28.23
CA ILE E 57 31.58 27.11 -26.90
C ILE E 57 32.61 27.57 -25.89
N ASP E 58 32.18 28.44 -24.96
CA ASP E 58 33.06 28.88 -23.89
C ASP E 58 33.53 27.68 -23.07
N ASP E 59 34.80 27.70 -22.67
CA ASP E 59 35.38 26.56 -21.96
C ASP E 59 35.03 26.54 -20.48
N PHE E 60 34.49 27.64 -19.94
CA PHE E 60 34.17 27.75 -18.53
C PHE E 60 32.67 27.88 -18.27
N THR E 61 31.96 28.67 -19.08
CA THR E 61 30.52 28.83 -18.92
C THR E 61 29.71 27.98 -19.89
N LEU E 62 30.37 27.35 -20.86
CA LEU E 62 29.73 26.49 -21.85
C LEU E 62 28.73 27.25 -22.70
N GLN E 63 28.83 28.58 -22.73
CA GLN E 63 27.95 29.40 -23.55
C GLN E 63 28.28 29.23 -25.02
N TYR E 64 27.25 29.19 -25.85
CA TYR E 64 27.37 29.00 -27.29
C TYR E 64 27.37 30.33 -28.02
N PHE E 65 28.10 30.38 -29.14
CA PHE E 65 28.21 31.59 -29.94
C PHE E 65 28.28 31.26 -31.42
N GLY E 66 27.53 32.02 -32.21
CA GLY E 66 27.62 31.94 -33.66
C GLY E 66 28.48 33.06 -34.21
N SER E 67 28.54 34.17 -33.47
CA SER E 67 29.30 35.35 -33.87
C SER E 67 30.66 35.36 -33.17
N LYS E 68 31.73 35.45 -33.96
CA LYS E 68 33.07 35.49 -33.39
C LYS E 68 33.31 36.76 -32.59
N LYS E 69 32.63 37.85 -32.96
CA LYS E 69 32.80 39.11 -32.23
C LYS E 69 32.16 39.03 -30.85
N GLN E 70 30.95 38.45 -30.76
CA GLN E 70 30.31 38.28 -29.46
C GLN E 70 31.14 37.37 -28.55
N TYR E 71 31.79 36.37 -29.13
CA TYR E 71 32.66 35.49 -28.36
C TYR E 71 33.80 36.29 -27.74
N GLU E 72 34.45 37.15 -28.55
CA GLU E 72 35.54 37.98 -28.05
C GLU E 72 35.07 38.89 -26.92
N ARG E 73 33.95 39.57 -27.11
CA ARG E 73 33.42 40.46 -26.08
C ARG E 73 33.09 39.69 -24.81
N TYR E 74 32.57 38.47 -24.97
CA TYR E 74 32.20 37.65 -23.83
C TYR E 74 33.43 37.24 -23.02
N ARG E 75 34.49 36.79 -23.71
CA ARG E 75 35.69 36.35 -23.00
C ARG E 75 36.34 37.49 -22.24
N LYS E 76 36.27 38.71 -22.77
CA LYS E 76 36.88 39.86 -22.12
C LYS E 76 36.16 40.25 -20.83
N LYS E 77 34.90 39.83 -20.67
CA LYS E 77 34.09 40.18 -19.52
C LYS E 77 33.80 39.00 -18.60
N CYS E 78 34.18 37.79 -18.99
CA CYS E 78 33.88 36.58 -18.22
C CYS E 78 35.01 36.26 -17.25
N THR E 79 34.70 36.26 -15.97
CA THR E 79 35.66 35.97 -14.91
C THR E 79 35.56 34.54 -14.38
N LEU E 80 34.58 33.77 -14.85
CA LEU E 80 34.45 32.39 -14.41
C LEU E 80 35.53 31.53 -15.03
N ARG E 81 36.25 30.78 -14.19
CA ARG E 81 37.35 29.94 -14.66
C ARG E 81 37.26 28.52 -14.12
N HIS E 82 36.07 28.10 -13.70
CA HIS E 82 35.81 26.76 -13.19
C HIS E 82 34.29 26.57 -13.07
N PRO E 83 33.81 25.34 -12.99
CA PRO E 83 32.36 25.09 -12.82
C PRO E 83 31.79 25.86 -11.65
N PRO E 84 30.65 26.52 -11.83
CA PRO E 84 30.08 27.36 -10.77
C PRO E 84 29.56 26.59 -9.57
N GLY E 85 30.47 26.04 -8.77
CA GLY E 85 30.07 25.30 -7.59
C GLY E 85 31.27 25.02 -6.72
N ASN E 86 31.03 24.28 -5.64
CA ASN E 86 32.10 23.91 -4.72
C ASN E 86 32.93 22.77 -5.28
N GLU E 87 34.25 22.87 -5.10
CA GLU E 87 35.17 21.79 -5.41
C GLU E 87 35.11 20.75 -4.30
N ILE E 88 34.64 19.54 -4.61
CA ILE E 88 34.46 18.51 -3.61
C ILE E 88 35.55 17.43 -3.67
N TYR E 89 36.46 17.53 -4.64
CA TYR E 89 37.53 16.55 -4.79
C TYR E 89 38.68 17.19 -5.56
N ARG E 90 39.90 16.84 -5.16
CA ARG E 90 41.08 17.34 -5.88
C ARG E 90 42.29 16.48 -5.61
N ASP E 91 42.89 15.94 -6.68
CA ASP E 91 44.23 15.36 -6.64
C ASP E 91 45.09 16.11 -7.67
N ASP E 92 46.29 15.59 -7.92
CA ASP E 92 47.17 16.23 -8.87
C ASP E 92 46.76 15.99 -10.32
N TYR E 93 45.70 15.21 -10.56
CA TYR E 93 45.25 14.87 -11.91
C TYR E 93 43.94 15.56 -12.25
N VAL E 94 42.88 15.32 -11.49
CA VAL E 94 41.56 15.87 -11.78
C VAL E 94 40.93 16.44 -10.52
N SER E 95 39.90 17.27 -10.72
CA SER E 95 39.07 17.82 -9.66
C SER E 95 37.60 17.61 -10.03
N PHE E 96 36.75 17.57 -9.01
CA PHE E 96 35.31 17.43 -9.17
C PHE E 96 34.58 18.61 -8.55
N PHE E 97 33.56 19.11 -9.26
CA PHE E 97 32.71 20.20 -8.81
C PHE E 97 31.27 19.68 -8.74
N GLU E 98 30.57 20.05 -7.68
CA GLU E 98 29.17 19.67 -7.48
C GLU E 98 28.28 20.87 -7.80
N ILE E 99 27.39 20.71 -8.77
CA ILE E 99 26.56 21.80 -9.25
C ILE E 99 25.09 21.41 -9.20
N ASP E 100 24.29 22.24 -8.54
CA ASP E 100 22.84 22.08 -8.45
C ASP E 100 22.18 22.73 -9.66
N GLY E 101 21.30 21.99 -10.34
CA GLY E 101 20.62 22.55 -11.49
C GLY E 101 19.72 23.73 -11.14
N ARG E 102 19.14 23.71 -9.95
CA ARG E 102 18.27 24.81 -9.54
C ARG E 102 19.06 26.09 -9.28
N LYS E 103 20.28 25.95 -8.76
CA LYS E 103 21.10 27.11 -8.44
C LYS E 103 21.81 27.65 -9.68
N GLN E 104 22.24 26.79 -10.58
CA GLN E 104 23.00 27.17 -11.76
C GLN E 104 22.22 26.78 -13.02
N ARG E 105 21.11 27.48 -13.26
CA ARG E 105 20.23 27.13 -14.38
C ARG E 105 20.94 27.32 -15.71
N THR E 106 21.54 28.49 -15.92
CA THR E 106 22.18 28.78 -17.19
C THR E 106 23.32 27.81 -17.49
N TRP E 107 24.19 27.59 -16.51
CA TRP E 107 25.34 26.73 -16.75
C TRP E 107 24.91 25.29 -17.02
N CYS E 108 23.97 24.78 -16.24
CA CYS E 108 23.55 23.39 -16.42
C CYS E 108 22.79 23.17 -17.72
N ARG E 109 22.00 24.17 -18.15
CA ARG E 109 21.35 24.07 -19.45
C ARG E 109 22.40 23.97 -20.55
N ASN E 110 23.44 24.80 -20.47
CA ASN E 110 24.52 24.74 -21.46
C ASN E 110 25.21 23.38 -21.43
N LEU E 111 25.39 22.81 -20.23
CA LEU E 111 26.01 21.49 -20.14
C LEU E 111 25.12 20.43 -20.77
N CYS E 112 23.82 20.51 -20.53
CA CYS E 112 22.89 19.55 -21.12
C CYS E 112 22.85 19.70 -22.65
N LEU E 113 22.89 20.95 -23.13
CA LEU E 113 22.97 21.19 -24.57
C LEU E 113 24.26 20.61 -25.14
N LEU E 114 25.37 20.81 -24.43
CA LEU E 114 26.65 20.27 -24.89
C LEU E 114 26.66 18.76 -24.83
N SER E 115 26.15 18.18 -23.74
CA SER E 115 26.17 16.74 -23.57
C SER E 115 25.26 16.06 -24.59
N LYS E 116 24.12 16.69 -24.92
CA LYS E 116 23.18 16.09 -25.85
C LYS E 116 23.81 15.86 -27.22
N LEU E 117 24.83 16.66 -27.56
CA LEU E 117 25.53 16.49 -28.84
C LEU E 117 26.17 15.12 -28.96
N PHE E 118 26.48 14.46 -27.84
CA PHE E 118 27.21 13.21 -27.84
C PHE E 118 26.48 12.10 -27.10
N LEU E 119 25.31 12.37 -26.54
CA LEU E 119 24.47 11.36 -25.90
C LEU E 119 23.16 11.26 -26.67
N ASP E 120 22.89 10.06 -27.20
CA ASP E 120 21.71 9.85 -28.04
C ASP E 120 20.41 9.94 -27.24
N HIS E 121 20.40 9.45 -25.99
CA HIS E 121 19.13 9.26 -25.29
C HIS E 121 18.84 10.27 -24.18
N THR E 123 17.49 13.63 -22.74
CA THR E 123 16.34 14.47 -23.04
C THR E 123 16.53 15.82 -22.39
N LEU E 124 16.31 16.87 -23.17
CA LEU E 124 16.29 18.22 -22.64
C LEU E 124 14.84 18.70 -22.59
N TYR E 125 13.94 17.73 -22.46
CA TYR E 125 12.51 18.00 -22.45
C TYR E 125 12.13 18.87 -21.25
N TYR E 126 12.58 18.51 -20.05
CA TYR E 126 12.32 19.32 -18.87
C TYR E 126 13.59 20.09 -18.46
N ASP E 127 13.40 21.05 -17.56
CA ASP E 127 14.50 21.88 -17.11
C ASP E 127 15.44 21.10 -16.21
N VAL E 128 16.54 21.75 -15.81
CA VAL E 128 17.64 21.08 -15.13
C VAL E 128 17.48 21.04 -13.62
N ASP E 129 16.37 21.57 -13.09
CA ASP E 129 16.16 21.62 -11.64
C ASP E 129 16.35 20.28 -10.91
N PRO E 130 15.77 19.15 -11.37
CA PRO E 130 15.83 17.94 -10.53
C PRO E 130 17.16 17.19 -10.58
N PHE E 131 18.22 17.79 -11.10
CA PHE E 131 19.48 17.08 -11.26
C PHE E 131 20.62 17.74 -10.50
N LEU E 132 21.54 16.90 -10.03
CA LEU E 132 22.84 17.31 -9.53
C LEU E 132 23.87 16.95 -10.59
N PHE E 133 24.84 17.84 -10.82
CA PHE E 133 25.85 17.65 -11.86
C PHE E 133 27.23 17.60 -11.20
N TYR E 134 27.89 16.45 -11.28
CA TYR E 134 29.23 16.27 -10.78
C TYR E 134 30.18 16.31 -11.97
N CYS E 135 30.94 17.39 -12.07
CA CYS E 135 31.72 17.70 -13.27
C CYS E 135 33.21 17.57 -12.96
N MET E 136 33.89 16.74 -13.75
CA MET E 136 35.31 16.49 -13.56
C MET E 136 36.12 17.44 -14.46
N THR E 137 37.12 18.08 -13.87
CA THR E 137 37.95 19.05 -14.57
C THR E 137 39.42 18.72 -14.40
N ARG E 138 40.22 19.20 -15.34
CA ARG E 138 41.67 19.18 -15.25
C ARG E 138 42.16 20.62 -15.08
N ARG E 139 43.05 20.84 -14.12
CA ARG E 139 43.47 22.20 -13.82
C ARG E 139 44.58 22.65 -14.75
N ASP E 140 44.64 23.95 -14.97
CA ASP E 140 45.54 24.53 -15.95
C ASP E 140 45.97 25.89 -15.44
N GLU E 141 46.85 26.55 -16.22
CA GLU E 141 47.21 27.92 -15.88
C GLU E 141 46.01 28.84 -16.02
N LEU E 142 45.10 28.53 -16.95
CA LEU E 142 43.92 29.34 -17.19
C LEU E 142 42.78 29.02 -16.24
N GLY E 143 42.74 27.81 -15.71
CA GLY E 143 41.71 27.42 -14.77
C GLY E 143 41.37 25.95 -14.93
N HIS E 144 40.17 25.60 -14.47
CA HIS E 144 39.65 24.24 -14.55
C HIS E 144 38.91 24.03 -15.86
N HIS E 145 39.34 23.04 -16.64
CA HIS E 145 38.73 22.72 -17.92
C HIS E 145 37.87 21.46 -17.80
N LEU E 146 36.58 21.60 -18.11
CA LEU E 146 35.66 20.47 -18.05
C LEU E 146 36.09 19.38 -19.02
N VAL E 147 36.27 18.16 -18.51
CA VAL E 147 36.64 17.03 -19.34
C VAL E 147 35.55 15.98 -19.40
N GLY E 148 34.64 15.95 -18.43
CA GLY E 148 33.58 14.98 -18.40
C GLY E 148 32.73 15.26 -17.18
N TYR E 149 31.63 14.55 -17.09
CA TYR E 149 30.71 14.75 -15.99
C TYR E 149 29.78 13.56 -15.90
N PHE E 150 29.03 13.51 -14.80
CA PHE E 150 27.89 12.61 -14.69
C PHE E 150 26.82 13.31 -13.86
N SER E 151 25.57 13.15 -14.27
CA SER E 151 24.45 13.73 -13.54
C SER E 151 23.87 12.71 -12.58
N LYS E 152 22.99 13.19 -11.71
CA LYS E 152 22.42 12.36 -10.66
C LYS E 152 21.13 12.99 -10.22
N GLU E 153 20.04 12.22 -10.23
CA GLU E 153 18.77 12.75 -9.74
C GLU E 153 18.86 13.02 -8.24
N LYS E 154 18.29 14.16 -7.83
CA LYS E 154 18.31 14.50 -6.41
C LYS E 154 17.58 13.44 -5.60
N GLU E 155 16.44 12.96 -6.11
CA GLU E 155 15.70 11.85 -5.50
C GLU E 155 15.28 10.89 -6.62
N SER E 156 16.01 9.79 -6.76
CA SER E 156 15.73 8.80 -7.80
C SER E 156 14.90 7.67 -7.21
N ALA E 157 13.73 7.40 -7.81
CA ALA E 157 12.87 6.34 -7.31
C ALA E 157 13.51 4.97 -7.49
N ASP E 158 14.23 4.76 -8.59
CA ASP E 158 14.87 3.50 -8.87
C ASP E 158 16.25 3.40 -8.24
N GLY E 159 16.66 4.40 -7.47
CA GLY E 159 17.94 4.38 -6.78
C GLY E 159 19.12 4.49 -7.72
N TYR E 160 18.96 5.17 -8.84
CA TYR E 160 20.06 5.37 -9.77
C TYR E 160 21.06 6.38 -9.20
N ASN E 161 22.33 6.02 -9.22
CA ASN E 161 23.39 6.92 -8.78
C ASN E 161 24.00 7.70 -9.94
N VAL E 162 23.62 7.38 -11.18
CA VAL E 162 24.07 8.09 -12.37
C VAL E 162 22.90 8.17 -13.34
N ALA E 163 22.62 9.38 -13.85
CA ALA E 163 21.59 9.55 -14.87
C ALA E 163 22.22 9.48 -16.26
N CYS E 164 23.02 10.49 -16.59
CA CYS E 164 23.80 10.51 -17.82
C CYS E 164 25.26 10.71 -17.47
N ILE E 165 26.14 10.00 -18.18
CA ILE E 165 27.58 10.09 -17.97
C ILE E 165 28.25 10.24 -19.34
N LEU E 166 29.24 11.14 -19.42
CA LEU E 166 29.87 11.49 -20.68
C LEU E 166 31.29 11.97 -20.47
N THR E 167 32.22 11.49 -21.30
CA THR E 167 33.56 12.05 -21.41
C THR E 167 33.67 12.80 -22.73
N LEU E 168 34.12 14.06 -22.67
CA LEU E 168 34.18 14.91 -23.85
C LEU E 168 35.11 14.32 -24.91
N PRO E 169 34.75 14.42 -26.20
CA PRO E 169 35.51 13.73 -27.27
C PRO E 169 36.99 14.07 -27.34
N GLN E 170 37.38 15.30 -27.02
CA GLN E 170 38.79 15.69 -27.11
C GLN E 170 39.62 15.13 -25.95
N TYR E 171 38.97 14.49 -24.97
CA TYR E 171 39.62 13.97 -23.77
C TYR E 171 39.45 12.45 -23.65
N GLN E 172 39.09 11.77 -24.73
CA GLN E 172 38.76 10.35 -24.71
C GLN E 172 39.98 9.44 -24.54
N ARG E 173 41.19 9.97 -24.45
CA ARG E 173 42.40 9.17 -24.40
C ARG E 173 43.15 9.33 -23.07
N MET E 174 42.46 9.64 -21.99
CA MET E 174 43.16 9.89 -20.74
C MET E 174 42.64 9.06 -19.56
N GLY E 175 41.71 8.13 -19.79
CA GLY E 175 41.23 7.34 -18.69
C GLY E 175 40.15 8.01 -17.89
N TYR E 176 39.65 9.14 -18.36
CA TYR E 176 38.66 9.91 -17.61
C TYR E 176 37.37 9.14 -17.41
N GLY E 177 36.95 8.35 -18.41
CA GLY E 177 35.72 7.59 -18.27
C GLY E 177 35.73 6.68 -17.06
N LYS E 178 36.89 6.10 -16.75
CA LYS E 178 37.02 5.25 -15.57
C LYS E 178 36.86 6.06 -14.29
N LEU E 179 37.47 7.25 -14.24
CA LEU E 179 37.42 8.07 -13.03
C LEU E 179 36.01 8.54 -12.72
N LEU E 180 35.19 8.79 -13.74
CA LEU E 180 33.81 9.20 -13.52
C LEU E 180 33.03 8.09 -12.81
N ILE E 181 33.17 6.86 -13.29
CA ILE E 181 32.43 5.74 -12.70
C ILE E 181 32.88 5.49 -11.27
N GLU E 182 34.20 5.57 -11.00
CA GLU E 182 34.71 5.41 -9.65
C GLU E 182 34.10 6.45 -8.71
N PHE E 183 34.12 7.72 -9.14
CA PHE E 183 33.63 8.79 -8.29
C PHE E 183 32.14 8.66 -8.00
N SER E 184 31.36 8.14 -8.95
CA SER E 184 29.93 7.99 -8.71
C SER E 184 29.65 7.01 -7.58
N TYR E 185 30.45 5.95 -7.49
CA TYR E 185 30.26 4.97 -6.43
C TYR E 185 30.85 5.44 -5.11
N GLU E 186 31.91 6.25 -5.16
CA GLU E 186 32.45 6.81 -3.93
C GLU E 186 31.43 7.73 -3.27
N LEU E 187 30.58 8.37 -4.08
CA LEU E 187 29.48 9.16 -3.53
C LEU E 187 28.43 8.25 -2.91
N SER E 188 28.12 7.14 -3.56
CA SER E 188 27.12 6.22 -3.02
C SER E 188 27.62 5.58 -1.73
N LYS E 189 28.92 5.30 -1.66
CA LYS E 189 29.49 4.75 -0.42
C LYS E 189 29.41 5.78 0.70
N LYS E 190 29.63 7.06 0.36
CA LYS E 190 29.52 8.12 1.35
C LYS E 190 28.07 8.38 1.74
N GLU E 191 27.13 7.98 0.90
CA GLU E 191 25.70 8.10 1.17
C GLU E 191 25.13 6.88 1.88
N ASN E 192 25.96 5.85 2.08
CA ASN E 192 25.53 4.58 2.65
C ASN E 192 24.38 3.98 1.84
N LYS E 193 24.48 4.09 0.51
CA LYS E 193 23.46 3.57 -0.40
C LYS E 193 24.12 2.76 -1.51
N VAL E 194 23.35 1.85 -2.09
CA VAL E 194 23.75 1.11 -3.28
C VAL E 194 23.23 1.86 -4.50
N GLY E 195 23.93 1.70 -5.63
CA GLY E 195 23.58 2.44 -6.82
C GLY E 195 23.96 1.70 -8.09
N SER E 196 23.25 2.03 -9.16
CA SER E 196 23.47 1.53 -10.51
C SER E 196 23.10 2.64 -11.47
N PRO E 197 23.80 2.76 -12.60
CA PRO E 197 23.49 3.79 -13.58
C PRO E 197 22.15 3.56 -14.26
N GLN E 198 21.54 4.67 -14.70
CA GLN E 198 20.31 4.56 -15.48
C GLN E 198 20.61 3.73 -16.71
N LYS E 199 19.70 2.82 -17.05
CA LYS E 199 20.15 1.61 -17.73
C LYS E 199 20.19 1.65 -19.25
N PRO E 200 19.49 2.56 -19.97
CA PRO E 200 19.86 2.70 -21.39
C PRO E 200 21.29 3.21 -21.48
N LEU E 201 22.23 2.28 -21.37
CA LEU E 201 23.65 2.61 -21.41
C LEU E 201 24.17 2.60 -22.83
N SER E 202 25.04 3.56 -23.14
CA SER E 202 25.62 3.63 -24.46
C SER E 202 26.60 2.48 -24.67
N ASP E 203 27.10 2.36 -25.88
CA ASP E 203 28.06 1.31 -26.20
C ASP E 203 29.33 1.49 -25.38
N LEU E 204 29.85 2.72 -25.35
CA LEU E 204 31.02 2.99 -24.53
C LEU E 204 30.69 2.93 -23.04
N GLY E 205 29.48 3.36 -22.67
CA GLY E 205 29.10 3.32 -21.27
C GLY E 205 28.93 1.91 -20.75
N LEU E 206 28.25 1.06 -21.52
CA LEU E 206 28.12 -0.34 -21.13
C LEU E 206 29.49 -0.99 -21.04
N LEU E 207 30.33 -0.73 -22.04
CA LEU E 207 31.69 -1.29 -22.06
C LEU E 207 32.48 -0.83 -20.83
N SER E 208 32.31 0.44 -20.43
CA SER E 208 33.08 0.97 -19.31
C SER E 208 32.57 0.47 -17.96
N TYR E 209 31.26 0.29 -17.84
CA TYR E 209 30.71 -0.19 -16.58
C TYR E 209 31.01 -1.67 -16.36
N ARG E 210 30.95 -2.47 -17.43
CA ARG E 210 31.33 -3.88 -17.30
C ARG E 210 32.78 -4.00 -16.84
N ALA E 211 33.64 -3.11 -17.33
CA ALA E 211 35.04 -3.14 -16.93
C ALA E 211 35.23 -2.71 -15.48
N TYR E 212 34.50 -1.69 -15.05
CA TYR E 212 34.63 -1.24 -13.66
C TYR E 212 34.10 -2.30 -12.70
N TRP E 213 32.96 -2.91 -13.04
CA TRP E 213 32.37 -3.93 -12.18
C TRP E 213 33.30 -5.13 -12.05
N SER E 214 33.91 -5.55 -13.15
CA SER E 214 34.87 -6.64 -13.10
C SER E 214 36.09 -6.28 -12.27
N ASP E 215 36.67 -5.10 -12.53
CA ASP E 215 37.90 -4.71 -11.86
C ASP E 215 37.73 -4.60 -10.35
N THR E 216 36.64 -4.01 -9.88
CA THR E 216 36.47 -3.87 -8.43
C THR E 216 36.13 -5.20 -7.79
N LEU E 217 35.35 -6.04 -8.48
CA LEU E 217 35.03 -7.36 -7.94
C LEU E 217 36.27 -8.24 -7.89
N ILE E 218 37.07 -8.23 -8.95
CA ILE E 218 38.29 -9.04 -8.98
C ILE E 218 39.26 -8.56 -7.92
N THR E 219 39.39 -7.24 -7.76
CA THR E 219 40.30 -6.68 -6.77
C THR E 219 39.81 -6.98 -5.36
N LEU E 220 38.50 -6.90 -5.16
CA LEU E 220 37.94 -7.16 -3.83
C LEU E 220 38.14 -8.60 -3.42
N LEU E 221 37.88 -9.54 -4.33
CA LEU E 221 38.01 -10.96 -4.01
C LEU E 221 39.45 -11.32 -3.65
N VAL E 222 40.41 -10.87 -4.47
CA VAL E 222 41.80 -11.23 -4.25
C VAL E 222 42.36 -10.60 -2.98
N GLU E 223 42.18 -9.28 -2.83
CA GLU E 223 42.73 -8.60 -1.65
C GLU E 223 42.06 -9.01 -0.35
N HIS E 224 40.78 -9.36 -0.39
CA HIS E 224 40.09 -9.80 0.82
C HIS E 224 40.71 -11.06 1.40
N GLN E 225 41.07 -12.01 0.53
CA GLN E 225 41.74 -13.27 0.89
C GLN E 225 40.87 -14.22 1.70
N LYS E 226 39.56 -14.03 1.68
CA LYS E 226 38.62 -14.87 2.43
C LYS E 226 37.33 -14.93 1.64
N GLU E 227 36.53 -15.98 1.89
CA GLU E 227 35.24 -16.06 1.22
C GLU E 227 34.38 -14.89 1.70
N ILE E 228 33.66 -14.29 0.76
CA ILE E 228 32.85 -13.11 1.03
C ILE E 228 31.45 -13.28 0.45
N THR E 229 30.45 -12.77 1.18
CA THR E 229 29.05 -12.85 0.81
C THR E 229 28.68 -11.78 -0.22
N ILE E 230 27.61 -12.07 -0.97
CA ILE E 230 27.10 -11.08 -1.93
C ILE E 230 26.72 -9.79 -1.21
N ASP E 231 26.03 -9.91 -0.07
CA ASP E 231 25.61 -8.72 0.67
C ASP E 231 26.81 -7.97 1.25
N GLU E 232 27.91 -8.66 1.51
CA GLU E 232 29.09 -7.99 2.00
C GLU E 232 29.81 -7.25 0.87
N ILE E 233 29.74 -7.80 -0.35
CA ILE E 233 30.29 -7.10 -1.50
C ILE E 233 29.46 -5.86 -1.81
N SER E 234 28.13 -6.00 -1.75
CA SER E 234 27.25 -4.87 -2.00
C SER E 234 27.44 -3.77 -0.96
N SER E 235 27.84 -4.14 0.25
CA SER E 235 28.06 -3.14 1.29
C SER E 235 29.38 -2.40 1.12
N MET E 236 30.40 -3.08 0.60
CA MET E 236 31.73 -2.50 0.45
C MET E 236 31.91 -1.74 -0.86
N THR E 237 31.11 -2.06 -1.88
CA THR E 237 31.27 -1.48 -3.20
C THR E 237 30.10 -0.62 -3.63
N SER E 238 29.00 -0.62 -2.88
CA SER E 238 27.77 0.11 -3.21
C SER E 238 27.17 -0.35 -4.54
N MET E 239 27.63 -1.48 -5.07
CA MET E 239 27.05 -2.06 -6.26
C MET E 239 25.79 -2.83 -5.91
N THR E 240 24.78 -2.73 -6.77
CA THR E 240 23.56 -3.50 -6.55
C THR E 240 23.84 -4.99 -6.76
N THR E 241 23.05 -5.83 -6.09
CA THR E 241 23.23 -7.27 -6.23
C THR E 241 23.08 -7.70 -7.68
N THR E 242 22.20 -7.02 -8.43
CA THR E 242 22.01 -7.35 -9.84
C THR E 242 23.31 -7.20 -10.63
N ASP E 243 24.00 -6.08 -10.44
CA ASP E 243 25.27 -5.86 -11.14
C ASP E 243 26.34 -6.83 -10.68
N ILE E 244 26.34 -7.17 -9.38
CA ILE E 244 27.33 -8.09 -8.85
C ILE E 244 27.13 -9.49 -9.42
N LEU E 245 25.88 -9.97 -9.39
CA LEU E 245 25.59 -11.30 -9.92
C LEU E 245 25.91 -11.38 -11.40
N HIS E 246 25.52 -10.36 -12.18
CA HIS E 246 25.81 -10.38 -13.61
C HIS E 246 27.31 -10.36 -13.88
N THR E 247 28.06 -9.61 -13.06
CA THR E 247 29.51 -9.61 -13.21
C THR E 247 30.09 -10.96 -12.84
N ALA E 248 29.53 -11.61 -11.82
CA ALA E 248 30.02 -12.91 -11.41
C ALA E 248 29.71 -13.97 -12.47
N LYS E 249 28.53 -13.90 -13.08
CA LYS E 249 28.20 -14.84 -14.15
C LYS E 249 29.15 -14.69 -15.34
N THR E 250 29.51 -13.45 -15.67
CA THR E 250 30.43 -13.22 -16.78
C THR E 250 31.81 -13.80 -16.49
N LEU E 251 32.27 -13.68 -15.24
CA LEU E 251 33.57 -14.20 -14.85
C LEU E 251 33.55 -15.68 -14.51
N ASN E 252 32.38 -16.32 -14.61
CA ASN E 252 32.22 -17.74 -14.32
C ASN E 252 32.71 -18.09 -12.91
N ILE E 253 32.42 -17.21 -11.95
CA ILE E 253 32.82 -17.40 -10.56
C ILE E 253 31.61 -17.39 -9.63
N LEU E 254 30.42 -17.60 -10.18
CA LEU E 254 29.19 -17.61 -9.40
C LEU E 254 28.62 -19.01 -9.37
N ARG E 255 28.19 -19.43 -8.19
CA ARG E 255 27.55 -20.73 -8.02
C ARG E 255 26.37 -20.56 -7.07
N TYR E 256 25.44 -21.51 -7.12
CA TYR E 256 24.21 -21.46 -6.36
C TYR E 256 24.27 -22.56 -5.30
N TYR E 257 24.17 -22.16 -4.03
CA TYR E 257 24.30 -23.10 -2.91
C TYR E 257 23.30 -22.77 -1.81
N LYS E 258 22.45 -23.75 -1.49
CA LYS E 258 21.51 -23.66 -0.37
C LYS E 258 20.60 -22.44 -0.48
N GLY E 259 20.13 -22.15 -1.69
CA GLY E 259 19.21 -21.04 -1.88
C GLY E 259 19.86 -19.68 -1.89
N GLN E 260 21.19 -19.63 -1.99
CA GLN E 260 21.94 -18.38 -1.95
C GLN E 260 23.08 -18.43 -2.96
N HIS E 261 23.42 -17.26 -3.49
CA HIS E 261 24.52 -17.15 -4.44
C HIS E 261 25.85 -16.99 -3.71
N ILE E 262 26.88 -17.65 -4.23
CA ILE E 262 28.22 -17.63 -3.64
C ILE E 262 29.24 -17.36 -4.73
N ILE E 263 30.20 -16.48 -4.46
CA ILE E 263 31.27 -16.14 -5.39
C ILE E 263 32.58 -16.72 -4.86
N PHE E 264 33.30 -17.46 -5.70
CA PHE E 264 34.56 -18.10 -5.35
C PHE E 264 35.69 -17.53 -6.22
N LEU E 265 36.85 -18.20 -6.17
CA LEU E 265 38.03 -17.80 -6.92
C LEU E 265 38.55 -18.97 -7.75
N ASN E 266 39.00 -18.65 -8.97
CA ASN E 266 39.60 -19.64 -9.85
C ASN E 266 40.93 -19.12 -10.40
N GLU E 267 41.47 -19.81 -11.41
CA GLU E 267 42.73 -19.38 -12.01
C GLU E 267 42.56 -18.03 -12.71
N ASP E 268 41.41 -17.83 -13.35
CA ASP E 268 41.19 -16.63 -14.17
C ASP E 268 41.23 -15.36 -13.34
N ILE E 269 40.54 -15.35 -12.19
CA ILE E 269 40.46 -14.14 -11.38
C ILE E 269 41.84 -13.73 -10.87
N LEU E 270 42.62 -14.69 -10.36
CA LEU E 270 43.97 -14.37 -9.92
C LEU E 270 44.83 -13.91 -11.08
N ASP E 271 44.59 -14.47 -12.27
CA ASP E 271 45.31 -14.04 -13.46
C ASP E 271 44.85 -12.65 -13.89
N ARG E 272 43.54 -12.40 -13.84
CA ARG E 272 43.01 -11.08 -14.17
C ARG E 272 43.52 -10.02 -13.20
N TYR E 273 43.69 -10.39 -11.93
CA TYR E 273 44.13 -9.45 -10.92
C TYR E 273 45.56 -8.97 -11.19
N ASN E 274 46.42 -9.85 -11.69
CA ASN E 274 47.82 -9.47 -11.93
C ASN E 274 47.93 -8.43 -13.04
N ARG E 275 47.28 -8.68 -14.19
CA ARG E 275 47.32 -7.70 -15.28
C ARG E 275 46.65 -6.40 -14.88
N LEU E 276 45.63 -6.46 -14.04
CA LEU E 276 44.97 -5.24 -13.57
C LEU E 276 45.94 -4.40 -12.74
N LYS E 277 46.63 -5.04 -11.78
CA LYS E 277 47.54 -4.32 -10.91
C LYS E 277 48.75 -3.79 -11.66
N ALA E 278 49.22 -4.51 -12.68
CA ALA E 278 50.38 -4.07 -13.43
C ALA E 278 50.12 -2.82 -14.26
N LYS E 279 48.85 -2.55 -14.61
CA LYS E 279 48.53 -1.43 -15.48
C LYS E 279 48.81 -0.08 -14.81
N LYS E 280 48.66 0.00 -13.49
CA LYS E 280 48.91 1.24 -12.73
C LYS E 280 48.08 2.41 -13.26
N ARG E 281 46.79 2.18 -13.47
CA ARG E 281 45.91 3.24 -13.95
C ARG E 281 45.55 4.21 -12.84
N ARG E 282 45.25 5.45 -13.23
CA ARG E 282 44.81 6.46 -12.29
C ARG E 282 43.49 6.05 -11.63
N THR E 283 43.35 6.38 -10.35
CA THR E 283 42.16 6.04 -9.59
C THR E 283 41.77 7.22 -8.71
N ILE E 284 40.52 7.18 -8.22
CA ILE E 284 40.01 8.19 -7.30
C ILE E 284 40.47 7.85 -5.89
N ASP E 285 41.03 8.84 -5.19
CA ASP E 285 41.47 8.64 -3.82
C ASP E 285 40.37 9.11 -2.87
N PRO E 286 39.64 8.20 -2.21
CA PRO E 286 38.51 8.61 -1.38
C PRO E 286 38.88 9.57 -0.25
N ASN E 287 40.13 9.58 0.21
CA ASN E 287 40.51 10.47 1.30
C ASN E 287 40.53 11.93 0.88
N ARG E 288 40.59 12.20 -0.42
CA ARG E 288 40.58 13.55 -0.97
C ARG E 288 39.18 14.02 -1.32
N LEU E 289 38.17 13.20 -1.07
CA LEU E 289 36.76 13.54 -1.27
C LEU E 289 36.21 14.15 0.00
N ILE E 290 36.11 15.48 0.04
CA ILE E 290 35.54 16.21 1.15
C ILE E 290 34.10 16.55 0.75
N TRP E 291 33.14 15.73 1.17
CA TRP E 291 31.77 15.89 0.68
C TRP E 291 30.77 15.22 1.61
N LYS E 292 29.67 15.93 1.88
CA LYS E 292 28.52 15.39 2.60
C LYS E 292 27.28 15.47 1.73
N PRO E 293 26.44 14.44 1.72
CA PRO E 293 25.25 14.39 0.84
C PRO E 293 24.33 15.58 1.04
N PRO E 294 23.97 16.27 -0.04
CA PRO E 294 23.04 17.40 0.07
C PRO E 294 21.70 16.95 0.63
N VAL E 295 21.10 17.82 1.44
CA VAL E 295 19.81 17.58 2.08
C VAL E 295 18.75 18.47 1.44
N PHE E 296 17.77 17.86 0.80
CA PHE E 296 16.66 18.57 0.17
C PHE E 296 15.39 18.37 0.99
N THR E 297 14.68 19.47 1.27
CA THR E 297 13.45 19.42 2.06
C THR E 297 12.24 19.07 1.19
N MET F 1 72.70 74.85 -11.99
CA MET F 1 73.03 75.61 -10.79
C MET F 1 72.66 74.84 -9.54
N THR F 2 73.51 74.90 -8.50
CA THR F 2 73.15 74.29 -7.23
C THR F 2 72.05 75.05 -6.51
N ASP F 3 71.63 76.21 -7.01
CA ASP F 3 70.39 76.81 -6.53
C ASP F 3 69.23 75.85 -6.66
N GLU F 4 69.37 74.82 -7.50
CA GLU F 4 68.48 73.66 -7.49
C GLU F 4 68.85 72.66 -6.39
N LEU F 5 69.31 73.16 -5.25
CA LEU F 5 69.06 72.47 -3.97
C LEU F 5 67.58 72.47 -3.63
N LYS F 6 66.77 73.23 -4.36
CA LYS F 6 65.31 73.15 -4.22
C LYS F 6 64.79 71.77 -4.59
N SER F 7 65.36 71.15 -5.62
CA SER F 7 64.98 69.76 -5.91
C SER F 7 65.32 68.87 -4.72
N TYR F 8 66.42 69.17 -4.05
CA TYR F 8 66.80 68.39 -2.87
C TYR F 8 65.85 68.67 -1.71
N GLU F 9 65.44 69.93 -1.54
CA GLU F 9 64.52 70.27 -0.46
C GLU F 9 63.13 69.74 -0.72
N ALA F 10 62.71 69.72 -1.99
CA ALA F 10 61.38 69.21 -2.32
C ALA F 10 61.31 67.70 -2.09
N LEU F 11 62.30 66.95 -2.59
CA LEU F 11 62.32 65.52 -2.32
C LEU F 11 62.49 65.22 -0.84
N LYS F 12 63.30 66.03 -0.15
CA LYS F 12 63.54 65.79 1.27
C LYS F 12 62.28 66.03 2.09
N ALA F 13 61.43 66.97 1.65
CA ALA F 13 60.22 67.32 2.38
C ALA F 13 59.05 66.40 2.07
N GLU F 14 58.96 65.90 0.85
CA GLU F 14 57.87 65.00 0.48
C GLU F 14 58.18 63.55 0.86
N LEU F 15 59.39 63.29 1.35
CA LEU F 15 59.73 61.99 1.91
C LEU F 15 59.29 61.91 3.36
N LYS F 16 59.36 63.04 4.07
CA LYS F 16 58.81 63.09 5.42
C LYS F 16 57.29 62.91 5.38
N LYS F 17 56.65 63.32 4.28
CA LYS F 17 55.20 63.13 4.16
C LYS F 17 54.85 61.67 3.94
N SER F 18 55.69 60.94 3.20
CA SER F 18 55.40 59.53 2.96
C SER F 18 55.74 58.70 4.18
N LEU F 19 56.76 59.13 4.93
CA LEU F 19 57.06 58.47 6.19
C LEU F 19 55.96 58.75 7.21
N GLN F 20 55.39 59.96 7.15
CA GLN F 20 54.27 60.32 8.02
C GLN F 20 53.01 59.56 7.62
N ASP F 21 52.71 59.50 6.32
CA ASP F 21 51.53 58.80 5.86
C ASP F 21 51.63 57.30 6.19
N ARG F 22 52.79 56.70 5.94
CA ARG F 22 52.98 55.29 6.26
C ARG F 22 52.76 55.01 7.74
N ARG F 23 53.29 55.88 8.61
CA ARG F 23 53.09 55.69 10.05
C ARG F 23 51.60 55.73 10.38
N GLU F 24 50.85 56.60 9.72
CA GLU F 24 49.40 56.67 9.95
C GLU F 24 48.74 55.36 9.53
N GLN F 25 49.18 54.78 8.42
CA GLN F 25 48.60 53.53 7.95
C GLN F 25 48.84 52.41 8.96
N GLU F 26 49.99 52.42 9.62
CA GLU F 26 50.29 51.42 10.64
C GLU F 26 49.39 51.62 11.85
N ASP F 27 49.09 52.87 12.20
CA ASP F 27 48.24 53.15 13.36
C ASP F 27 46.81 52.72 13.09
N THR F 28 46.25 53.11 11.94
CA THR F 28 44.89 52.72 11.62
C THR F 28 44.78 51.21 11.39
N PHE F 29 45.86 50.57 10.95
CA PHE F 29 45.86 49.12 10.81
C PHE F 29 45.73 48.45 12.18
N ASP F 30 46.51 48.94 13.17
CA ASP F 30 46.44 48.36 14.50
C ASP F 30 45.05 48.53 15.11
N ASN F 31 44.40 49.67 14.85
CA ASN F 31 43.05 49.88 15.36
C ASN F 31 42.07 48.89 14.74
N LEU F 32 42.11 48.74 13.41
CA LEU F 32 41.21 47.84 12.70
C LEU F 32 41.36 46.40 13.18
N GLN F 33 42.60 45.92 13.34
CA GLN F 33 42.81 44.56 13.82
C GLN F 33 42.13 44.32 15.16
N GLN F 34 42.29 45.25 16.11
CA GLN F 34 41.68 45.10 17.42
C GLN F 34 40.16 45.19 17.32
N GLU F 35 39.64 46.13 16.52
CA GLU F 35 38.19 46.24 16.36
C GLU F 35 37.61 44.97 15.78
N ILE F 36 38.32 44.35 14.82
CA ILE F 36 37.88 43.08 14.27
C ILE F 36 37.82 42.02 15.36
N TYR F 37 38.86 41.94 16.19
CA TYR F 37 38.89 40.97 17.27
C TYR F 37 37.76 41.22 18.27
N ASP F 38 37.49 42.48 18.59
CA ASP F 38 36.43 42.80 19.54
C ASP F 38 35.06 42.50 18.96
N LYS F 39 34.85 42.82 17.67
CA LYS F 39 33.57 42.52 17.03
C LYS F 39 33.32 41.02 16.99
N GLU F 40 34.38 40.23 16.82
CA GLU F 40 34.25 38.77 16.90
C GLU F 40 33.75 38.34 18.27
N THR F 41 34.26 38.99 19.32
CA THR F 41 33.84 38.64 20.67
C THR F 41 32.40 39.05 20.93
N GLU F 42 32.04 40.28 20.56
CA GLU F 42 30.70 40.79 20.80
C GLU F 42 29.64 40.00 20.01
N TYR F 43 29.87 39.83 18.71
CA TYR F 43 28.84 39.26 17.85
C TYR F 43 28.68 37.75 18.00
N PHE F 44 29.72 37.05 18.43
CA PHE F 44 29.71 35.58 18.45
C PHE F 44 29.85 35.01 19.85
N SER F 45 29.36 35.72 20.86
CA SER F 45 29.40 35.24 22.24
C SER F 45 28.28 35.86 23.07
N SER F 66 22.48 29.94 17.46
CA SER F 66 21.34 29.81 16.54
C SER F 66 21.81 29.95 15.10
N GLY F 67 21.91 31.20 14.62
CA GLY F 67 22.37 31.46 13.27
C GLY F 67 23.67 32.24 13.26
N ASN F 68 24.64 31.80 12.46
CA ASN F 68 25.93 32.46 12.43
C ASN F 68 26.57 32.34 11.06
N ILE F 69 27.38 33.35 10.73
CA ILE F 69 28.24 33.24 9.57
C ILE F 69 29.36 32.25 9.86
N ILE F 70 29.58 31.95 11.13
CA ILE F 70 30.59 30.98 11.54
C ILE F 70 30.05 29.55 11.55
N LYS F 71 28.77 29.37 11.88
CA LYS F 71 28.21 28.04 12.13
C LYS F 71 27.27 27.54 11.05
N GLY F 72 26.54 28.41 10.35
CA GLY F 72 25.75 27.92 9.23
C GLY F 72 24.39 28.55 8.99
N PHE F 73 23.97 29.48 9.83
CA PHE F 73 22.71 30.21 9.70
C PHE F 73 21.47 29.32 9.83
N ASP F 74 21.63 28.03 10.02
CA ASP F 74 20.49 27.13 10.12
C ASP F 74 20.35 26.57 11.54
N PHE F 88 31.26 29.33 21.58
CA PHE F 88 32.25 29.91 20.68
C PHE F 88 33.60 29.26 20.91
N ASN F 89 34.63 29.78 20.23
CA ASN F 89 35.97 29.22 20.32
C ASN F 89 36.94 30.21 19.71
N ASN F 90 38.18 30.21 20.22
CA ASN F 90 39.21 31.11 19.70
C ASN F 90 39.71 30.70 18.32
N ASN F 91 39.39 29.49 17.87
CA ASN F 91 39.78 29.04 16.55
C ASN F 91 38.71 29.36 15.51
N ASP F 92 37.56 29.86 15.93
CA ASP F 92 36.48 30.26 15.05
C ASP F 92 36.58 31.72 14.63
N ARG F 93 37.65 32.39 15.04
CA ARG F 93 37.87 33.80 14.70
C ARG F 93 38.44 33.93 13.29
N ILE F 94 37.62 33.54 12.32
CA ILE F 94 38.07 33.48 10.93
C ILE F 94 38.47 34.85 10.39
N PHE F 95 37.94 35.94 10.99
CA PHE F 95 38.30 37.27 10.54
C PHE F 95 39.66 37.69 11.05
N SER F 96 39.93 37.47 12.34
CA SER F 96 41.24 37.81 12.88
C SER F 96 42.31 36.88 12.33
N LEU F 97 41.96 35.60 12.10
CA LEU F 97 42.92 34.64 11.57
C LEU F 97 43.26 34.90 10.12
N SER F 98 42.58 35.86 9.48
CA SER F 98 42.95 36.24 8.12
C SER F 98 44.24 37.04 8.12
N SER F 99 44.56 37.67 9.24
CA SER F 99 45.81 38.39 9.40
C SER F 99 46.85 37.43 9.98
N ALA F 100 48.00 37.32 9.29
CA ALA F 100 49.07 36.47 9.81
C ALA F 100 49.83 37.15 10.94
N THR F 101 49.59 38.44 11.13
CA THR F 101 50.16 39.15 12.28
C THR F 101 49.47 38.71 13.57
N TYR F 102 48.16 38.46 13.49
CA TYR F 102 47.43 37.97 14.66
C TYR F 102 47.81 36.54 14.99
N VAL F 103 48.17 35.74 13.97
CA VAL F 103 48.56 34.35 14.20
C VAL F 103 49.88 34.29 14.97
N LYS F 104 50.82 35.18 14.62
CA LYS F 104 52.10 35.25 15.33
C LYS F 104 51.89 35.61 16.80
N GLN F 105 51.00 36.57 17.08
CA GLN F 105 50.75 36.99 18.45
C GLN F 105 50.18 35.85 19.28
N GLN F 106 49.17 35.14 18.76
CA GLN F 106 48.53 34.08 19.53
C GLN F 106 49.46 32.90 19.76
N HIS F 107 50.48 32.72 18.92
CA HIS F 107 51.44 31.64 19.05
C HIS F 107 52.78 32.17 19.57
N MET G 8 41.37 18.45 -33.10
CA MET G 8 42.06 19.56 -33.76
C MET G 8 42.10 20.80 -32.90
N THR G 9 43.23 21.51 -32.95
CA THR G 9 43.49 22.65 -32.09
C THR G 9 43.12 23.95 -32.79
N TRP G 10 42.66 24.92 -32.00
CA TRP G 10 42.27 26.23 -32.51
C TRP G 10 43.46 27.17 -32.38
N ASN G 11 43.75 27.91 -33.46
CA ASN G 11 44.96 28.72 -33.47
C ASN G 11 44.79 30.04 -32.71
N GLU G 12 43.58 30.59 -32.69
CA GLU G 12 43.32 31.85 -32.00
C GLU G 12 42.95 31.65 -30.54
N TYR G 13 43.11 30.43 -30.02
CA TYR G 13 42.76 30.16 -28.63
C TYR G 13 43.52 31.05 -27.66
N ASP G 14 44.82 31.20 -27.87
CA ASP G 14 45.64 32.00 -26.96
C ASP G 14 45.21 33.47 -26.97
N LYS G 15 44.51 33.91 -28.01
CA LYS G 15 44.02 35.28 -28.06
C LYS G 15 42.76 35.43 -27.21
N PHE G 16 41.85 34.45 -27.28
CA PHE G 16 40.57 34.53 -26.58
C PHE G 16 40.65 34.09 -25.13
N TYR G 17 41.63 33.27 -24.77
CA TYR G 17 41.77 32.75 -23.41
C TYR G 17 43.13 33.19 -22.83
N THR G 18 43.12 34.32 -22.14
CA THR G 18 44.31 34.88 -21.51
C THR G 18 44.07 34.98 -20.01
N GLY G 19 45.15 35.19 -19.28
CA GLY G 19 45.09 35.32 -17.83
C GLY G 19 45.64 34.09 -17.14
N SER G 20 45.58 34.11 -15.81
CA SER G 20 46.07 33.00 -15.01
C SER G 20 45.15 32.79 -13.81
N PHE G 21 44.76 31.55 -13.57
CA PHE G 21 43.99 31.17 -12.39
C PHE G 21 44.92 30.42 -11.44
N GLN G 22 45.14 31.00 -10.26
CA GLN G 22 46.03 30.43 -9.26
C GLN G 22 45.29 29.43 -8.38
N GLU G 23 45.86 28.24 -8.24
CA GLU G 23 45.26 27.18 -7.43
C GLU G 23 45.38 27.50 -5.95
N THR G 24 44.30 27.24 -5.20
CA THR G 24 44.28 27.48 -3.77
C THR G 24 44.52 26.19 -3.01
N THR G 25 45.05 26.33 -1.79
CA THR G 25 45.37 25.15 -0.99
C THR G 25 44.11 24.38 -0.59
N SER G 26 43.07 25.09 -0.17
CA SER G 26 41.81 24.46 0.20
C SER G 26 40.84 24.42 -0.98
N TYR G 27 39.88 23.50 -0.90
CA TYR G 27 38.94 23.29 -1.99
C TYR G 27 38.10 24.54 -2.24
N ILE G 28 37.79 24.78 -3.52
CA ILE G 28 37.06 25.97 -3.94
C ILE G 28 35.65 25.98 -3.36
N LYS G 29 35.25 27.12 -2.81
CA LYS G 29 33.88 27.37 -2.36
C LYS G 29 33.29 28.47 -3.23
N PHE G 30 32.22 28.13 -3.98
CA PHE G 30 31.70 29.00 -5.02
C PHE G 30 30.22 28.72 -5.20
N SER G 31 29.45 29.78 -5.48
CA SER G 31 28.03 29.62 -5.76
C SER G 31 27.47 30.71 -6.67
N ALA G 32 28.29 31.63 -7.17
CA ALA G 32 27.80 32.66 -8.08
C ALA G 32 27.38 32.06 -9.42
N THR G 33 26.36 32.66 -10.02
CA THR G 33 25.86 32.17 -11.29
C THR G 33 26.72 32.65 -12.46
N VAL G 34 26.44 32.12 -13.64
CA VAL G 34 27.13 32.56 -14.85
C VAL G 34 26.86 34.04 -15.11
N GLU G 35 25.61 34.47 -14.89
CA GLU G 35 25.28 35.88 -15.05
C GLU G 35 26.11 36.77 -14.15
N ASP G 36 26.45 36.27 -12.95
CA ASP G 36 27.24 37.06 -12.00
C ASP G 36 28.66 37.28 -12.50
N CYS G 37 29.21 36.37 -13.29
CA CYS G 37 30.60 36.42 -13.72
C CYS G 37 30.75 36.84 -15.18
N CYS G 38 29.68 37.32 -15.82
CA CYS G 38 29.71 37.68 -17.22
C CYS G 38 29.68 39.17 -17.48
N GLY G 39 29.17 39.95 -16.55
CA GLY G 39 29.14 41.38 -16.73
C GLY G 39 27.92 41.85 -17.48
N THR G 40 28.10 42.82 -18.36
CA THR G 40 26.99 43.32 -19.16
C THR G 40 26.47 42.21 -20.08
N ASN G 41 25.17 41.95 -19.99
CA ASN G 41 24.58 40.83 -20.73
C ASN G 41 24.56 41.04 -22.24
N TYR G 42 24.72 42.26 -22.73
CA TYR G 42 24.75 42.52 -24.17
C TYR G 42 26.17 42.38 -24.71
N ASN G 43 26.30 41.69 -25.85
CA ASN G 43 27.59 41.52 -26.52
C ASN G 43 27.49 41.95 -27.98
N MET G 44 28.38 42.84 -28.40
CA MET G 44 28.40 43.33 -29.78
C MET G 44 28.79 42.21 -30.74
N ASP G 45 28.15 42.18 -31.90
CA ASP G 45 28.55 41.28 -32.98
C ASP G 45 29.36 42.05 -34.02
N GLU G 46 29.65 41.39 -35.14
CA GLU G 46 30.43 42.03 -36.20
C GLU G 46 29.70 43.24 -36.77
N ARG G 47 28.36 43.17 -36.85
CA ARG G 47 27.58 44.27 -37.38
C ARG G 47 27.60 45.47 -36.42
N ASP G 48 27.64 45.22 -35.11
CA ASP G 48 27.65 46.30 -34.14
C ASP G 48 28.98 47.05 -34.14
N GLU G 49 30.10 46.34 -34.33
CA GLU G 49 31.40 47.01 -34.24
C GLU G 49 31.66 47.90 -35.45
N THR G 50 31.19 47.52 -36.63
CA THR G 50 31.36 48.39 -37.80
C THR G 50 30.56 49.66 -37.63
N PHE G 51 29.38 49.56 -37.03
CA PHE G 51 28.57 50.74 -36.77
C PHE G 51 29.23 51.66 -35.75
N LEU G 52 29.80 51.08 -34.69
CA LEU G 52 30.41 51.91 -33.65
C LEU G 52 31.66 52.62 -34.18
N ASN G 53 32.46 51.93 -34.98
CA ASN G 53 33.71 52.53 -35.48
C ASN G 53 33.45 53.54 -36.58
N GLU G 54 32.52 53.25 -37.49
CA GLU G 54 32.35 54.06 -38.69
C GLU G 54 31.26 55.12 -38.57
N GLN G 55 30.24 54.91 -37.73
CA GLN G 55 29.15 55.86 -37.62
C GLN G 55 29.20 56.71 -36.37
N VAL G 56 29.79 56.23 -35.28
CA VAL G 56 29.78 56.93 -34.00
C VAL G 56 31.16 57.49 -33.65
N ASN G 57 32.22 56.68 -33.78
CA ASN G 57 33.54 57.07 -33.31
C ASN G 57 34.53 57.37 -34.44
N LYS G 58 34.07 57.47 -35.68
CA LYS G 58 34.99 57.69 -36.80
C LYS G 58 35.68 59.05 -36.69
N GLY G 59 34.89 60.11 -36.47
CA GLY G 59 35.45 61.44 -36.35
C GLY G 59 35.05 62.11 -35.06
N SER G 60 34.60 61.30 -34.10
CA SER G 60 34.12 61.81 -32.83
C SER G 60 35.26 62.26 -31.93
N SER G 61 35.09 63.43 -31.31
CA SER G 61 36.02 63.88 -30.30
C SER G 61 35.83 63.11 -29.00
N ASP G 62 34.61 62.64 -28.75
CA ASP G 62 34.26 61.86 -27.57
C ASP G 62 34.05 60.41 -28.00
N ILE G 63 34.90 59.52 -27.49
CA ILE G 63 34.90 58.11 -27.89
C ILE G 63 33.94 57.30 -27.03
N LEU G 64 33.05 56.58 -27.69
CA LEU G 64 32.21 55.57 -27.03
C LEU G 64 32.93 54.23 -27.11
N THR G 65 33.20 53.63 -25.96
CA THR G 65 33.93 52.37 -25.94
C THR G 65 32.98 51.20 -26.19
N GLU G 66 33.57 50.08 -26.61
CA GLU G 66 32.77 48.87 -26.87
C GLU G 66 31.95 48.50 -25.63
N ASP G 67 32.54 48.63 -24.44
CA ASP G 67 31.81 48.30 -23.22
C ASP G 67 30.70 49.31 -22.96
N GLU G 68 30.98 50.60 -23.15
CA GLU G 68 29.95 51.61 -22.95
C GLU G 68 28.79 51.40 -23.91
N PHE G 69 29.08 50.95 -25.13
CA PHE G 69 28.03 50.61 -26.08
C PHE G 69 27.16 49.48 -25.54
N GLU G 70 27.79 48.46 -24.96
CA GLU G 70 27.03 47.32 -24.42
C GLU G 70 26.24 47.71 -23.19
N ILE G 71 26.74 48.67 -22.41
CA ILE G 71 25.98 49.18 -21.27
C ILE G 71 24.69 49.82 -21.77
N LEU G 72 24.78 50.61 -22.84
CA LEU G 72 23.62 51.30 -23.38
C LEU G 72 22.58 50.32 -23.91
N CYS G 73 23.01 49.38 -24.76
CA CYS G 73 22.07 48.43 -25.34
C CYS G 73 21.43 47.54 -24.29
N SER G 74 22.20 47.16 -23.26
CA SER G 74 21.64 46.34 -22.19
C SER G 74 20.57 47.09 -21.43
N SER G 75 20.75 48.40 -21.25
CA SER G 75 19.73 49.20 -20.59
C SER G 75 18.48 49.33 -21.47
N PHE G 76 18.69 49.45 -22.79
CA PHE G 76 17.55 49.47 -23.70
C PHE G 76 16.81 48.14 -23.65
N GLU G 77 17.56 47.04 -23.62
CA GLU G 77 16.96 45.71 -23.62
C GLU G 77 16.14 45.48 -22.36
N HIS G 78 16.68 45.88 -21.20
CA HIS G 78 15.98 45.67 -19.94
C HIS G 78 14.71 46.51 -19.87
N ALA G 79 14.76 47.75 -20.37
CA ALA G 79 13.60 48.63 -20.30
C ALA G 79 12.47 48.17 -21.21
N ILE G 80 12.80 47.79 -22.44
CA ILE G 80 11.78 47.43 -23.42
C ILE G 80 10.96 46.22 -22.97
N HIS G 81 11.63 45.16 -22.49
CA HIS G 81 10.89 43.99 -22.02
C HIS G 81 9.98 44.34 -20.85
N GLU G 82 10.38 45.30 -20.03
CA GLU G 82 9.56 45.70 -18.89
C GLU G 82 8.34 46.47 -19.35
N ARG G 83 8.53 47.48 -20.21
CA ARG G 83 7.40 48.31 -20.64
C ARG G 83 6.59 47.66 -21.75
N GLN G 84 7.25 46.99 -22.70
CA GLN G 84 6.57 46.32 -23.80
C GLN G 84 6.93 44.84 -23.79
N PRO G 85 6.34 44.05 -22.89
CA PRO G 85 6.61 42.61 -22.90
C PRO G 85 6.09 41.94 -24.16
N PHE G 86 5.04 42.51 -24.77
CA PHE G 86 4.42 41.98 -25.98
C PHE G 86 4.85 42.78 -27.21
N LEU G 87 6.15 43.09 -27.29
CA LEU G 87 6.65 43.88 -28.41
C LEU G 87 6.48 43.14 -29.73
N SER G 88 6.56 41.82 -29.71
CA SER G 88 6.43 41.04 -30.93
C SER G 88 5.05 41.16 -31.56
N MET G 89 4.05 41.60 -30.79
CA MET G 89 2.71 41.80 -31.34
C MET G 89 2.69 42.94 -32.35
N ASP G 90 3.48 43.99 -32.11
CA ASP G 90 3.54 45.14 -33.01
C ASP G 90 4.92 45.77 -32.90
N PRO G 91 5.90 45.20 -33.62
CA PRO G 91 7.30 45.67 -33.47
C PRO G 91 7.49 47.13 -33.80
N GLU G 92 6.74 47.68 -34.75
CA GLU G 92 6.94 49.07 -35.16
C GLU G 92 6.45 50.07 -34.12
N SER G 93 5.70 49.62 -33.13
CA SER G 93 5.21 50.47 -32.05
C SER G 93 6.20 50.54 -30.89
N ILE G 94 7.48 50.28 -31.17
CA ILE G 94 8.50 50.36 -30.13
C ILE G 94 8.64 51.81 -29.67
N LEU G 95 8.81 51.98 -28.36
CA LEU G 95 8.86 53.30 -27.75
C LEU G 95 10.03 54.12 -28.29
N SER G 96 9.85 55.44 -28.29
CA SER G 96 10.89 56.36 -28.67
C SER G 96 11.93 56.46 -27.55
N PHE G 97 13.06 57.10 -27.85
CA PHE G 97 14.09 57.30 -26.84
C PHE G 97 13.55 58.13 -25.68
N GLU G 98 12.79 59.18 -26.00
CA GLU G 98 12.25 60.05 -24.95
C GLU G 98 11.19 59.33 -24.11
N GLU G 99 10.39 58.47 -24.74
CA GLU G 99 9.38 57.72 -23.99
C GLU G 99 10.03 56.70 -23.07
N LEU G 100 11.09 56.04 -23.54
CA LEU G 100 11.76 55.02 -22.75
C LEU G 100 12.74 55.62 -21.76
N LYS G 101 13.13 56.87 -21.96
CA LYS G 101 14.16 57.50 -21.12
C LYS G 101 13.85 57.47 -19.62
N PRO G 102 12.63 57.77 -19.15
CA PRO G 102 12.40 57.68 -17.69
C PRO G 102 12.67 56.29 -17.13
N THR G 103 12.30 55.24 -17.85
CA THR G 103 12.58 53.89 -17.39
C THR G 103 14.07 53.58 -17.45
N LEU G 104 14.76 54.13 -18.46
CA LEU G 104 16.20 53.95 -18.57
C LEU G 104 16.94 54.56 -17.38
N ILE G 105 16.42 55.67 -16.87
CA ILE G 105 17.10 56.41 -15.79
C ILE G 105 17.14 55.59 -14.50
N LYS G 106 16.02 54.97 -14.12
CA LYS G 106 15.96 54.28 -12.83
C LYS G 106 16.69 52.94 -12.84
N SER G 107 17.10 52.45 -14.01
CA SER G 107 17.71 51.13 -14.09
C SER G 107 19.01 51.05 -13.29
N ASP G 108 19.18 49.94 -12.58
CA ASP G 108 20.35 49.67 -11.74
C ASP G 108 21.06 48.44 -12.29
N MET G 109 21.96 48.64 -13.25
CA MET G 109 22.60 47.53 -13.95
C MET G 109 23.79 46.98 -13.16
N ALA G 110 23.84 45.65 -13.05
CA ALA G 110 24.96 44.91 -12.45
C ALA G 110 25.31 45.41 -11.05
N ASP G 111 24.29 45.71 -10.24
CA ASP G 111 24.46 46.14 -8.85
C ASP G 111 25.39 47.36 -8.75
N PHE G 112 25.20 48.31 -9.66
CA PHE G 112 26.04 49.50 -9.69
C PHE G 112 25.90 50.32 -8.41
N ASN G 113 24.66 50.52 -7.94
CA ASN G 113 24.44 51.32 -6.73
C ASN G 113 25.07 50.67 -5.51
N LEU G 114 24.99 49.35 -5.41
CA LEU G 114 25.61 48.64 -4.29
C LEU G 114 27.13 48.77 -4.31
N ARG G 115 27.73 48.54 -5.48
CA ARG G 115 29.18 48.65 -5.59
C ARG G 115 29.67 50.04 -5.22
N ASN G 116 28.95 51.07 -5.69
CA ASN G 116 29.34 52.44 -5.37
C ASN G 116 29.26 52.69 -3.87
N GLN G 117 28.26 52.13 -3.20
CA GLN G 117 28.14 52.29 -1.75
C GLN G 117 29.29 51.61 -1.03
N LEU G 118 29.63 50.39 -1.44
CA LEU G 118 30.74 49.68 -0.81
C LEU G 118 32.06 50.39 -1.04
N ASN G 119 32.27 50.88 -2.26
CA ASN G 119 33.49 51.64 -2.57
C ASN G 119 33.59 52.88 -1.70
N HIS G 120 32.45 53.50 -1.38
CA HIS G 120 32.46 54.69 -0.53
C HIS G 120 32.81 54.35 0.91
N GLU G 121 32.25 53.27 1.45
CA GLU G 121 32.49 52.94 2.85
C GLU G 121 33.95 52.56 3.10
N ILE G 122 34.54 51.76 2.20
CA ILE G 122 35.89 51.25 2.42
C ILE G 122 36.93 52.37 2.43
N ASN G 123 36.78 53.39 1.58
CA ASN G 123 37.84 54.39 1.45
C ASN G 123 37.41 55.63 0.69
N SER G 124 36.10 55.80 0.48
CA SER G 124 35.54 57.02 -0.12
C SER G 124 36.06 57.24 -1.54
N HIS G 125 36.02 56.17 -2.34
CA HIS G 125 36.29 56.24 -3.78
C HIS G 125 37.70 56.74 -4.09
N LYS G 126 38.66 56.42 -3.22
CA LYS G 126 40.05 56.75 -3.53
C LYS G 126 40.67 55.72 -4.46
N THR G 127 40.48 54.44 -4.16
CA THR G 127 40.85 53.36 -5.07
C THR G 127 39.61 52.97 -5.87
N HIS G 128 39.49 51.70 -6.27
CA HIS G 128 38.32 51.22 -6.97
C HIS G 128 37.91 49.88 -6.39
N PHE G 129 36.60 49.68 -6.27
CA PHE G 129 36.06 48.44 -5.74
C PHE G 129 36.18 47.35 -6.78
N ILE G 130 37.08 46.39 -6.55
CA ILE G 130 37.37 45.31 -7.49
C ILE G 130 37.12 43.98 -6.78
N THR G 131 36.39 43.09 -7.45
CA THR G 131 36.10 41.76 -6.92
C THR G 131 36.65 40.71 -7.87
N GLN G 132 36.43 39.44 -7.51
CA GLN G 132 36.82 38.34 -8.38
C GLN G 132 35.94 38.27 -9.62
N PHE G 133 34.78 38.92 -9.58
CA PHE G 133 33.83 38.89 -10.68
C PHE G 133 34.13 39.97 -11.71
N ASP G 134 35.15 40.81 -11.47
CA ASP G 134 35.46 41.92 -12.37
C ASP G 134 36.80 41.74 -13.05
N PRO G 135 36.85 41.91 -14.37
CA PRO G 135 38.12 41.94 -15.11
C PRO G 135 38.64 43.35 -15.23
N VAL G 136 39.98 43.46 -15.33
CA VAL G 136 40.64 44.76 -15.25
C VAL G 136 40.27 45.71 -16.39
N SER G 137 39.90 45.19 -17.57
CA SER G 137 39.64 46.08 -18.70
C SER G 137 38.40 46.96 -18.50
N GLN G 138 37.44 46.52 -17.68
CA GLN G 138 36.16 47.21 -17.50
C GLN G 138 36.27 48.50 -16.68
N MET G 139 37.44 48.78 -16.13
CA MET G 139 37.60 49.88 -15.18
C MET G 139 37.23 51.26 -15.75
N ASN G 140 37.45 51.46 -17.06
CA ASN G 140 37.36 52.81 -17.63
C ASN G 140 35.93 53.34 -17.85
N THR G 141 34.93 52.47 -18.05
CA THR G 141 33.64 52.94 -18.55
C THR G 141 32.95 53.96 -17.64
N ARG G 142 32.24 54.90 -18.28
CA ARG G 142 31.48 55.96 -17.62
C ARG G 142 30.18 55.42 -17.02
N PRO G 143 29.59 56.14 -16.06
CA PRO G 143 28.27 55.74 -15.53
C PRO G 143 27.19 55.80 -16.60
N LEU G 144 26.11 55.04 -16.35
CA LEU G 144 25.04 54.91 -17.33
C LEU G 144 24.34 56.24 -17.59
N ILE G 145 24.06 57.00 -16.54
CA ILE G 145 23.34 58.27 -16.70
C ILE G 145 24.10 59.22 -17.61
N GLN G 146 25.44 59.24 -17.50
CA GLN G 146 26.23 60.10 -18.37
C GLN G 146 26.18 59.63 -19.82
N LEU G 147 26.15 58.33 -20.04
CA LEU G 147 26.14 57.78 -21.39
C LEU G 147 24.83 58.10 -22.12
N ILE G 148 23.72 58.15 -21.38
CA ILE G 148 22.42 58.40 -21.99
C ILE G 148 22.38 59.78 -22.64
N GLU G 149 23.07 60.75 -22.05
CA GLU G 149 23.01 62.11 -22.57
C GLU G 149 23.87 62.31 -23.82
N LYS G 150 25.12 61.83 -23.79
CA LYS G 150 26.06 62.12 -24.86
C LYS G 150 25.81 61.27 -26.10
N PHE G 151 25.61 59.96 -25.92
CA PHE G 151 25.50 59.03 -27.03
C PHE G 151 24.16 58.29 -27.04
N GLY G 152 23.31 58.51 -26.04
CA GLY G 152 22.07 57.75 -25.89
C GLY G 152 21.19 57.73 -27.13
N SER G 153 20.86 58.91 -27.66
CA SER G 153 19.91 58.97 -28.77
C SER G 153 20.47 58.32 -30.03
N LYS G 154 21.75 58.55 -30.32
CA LYS G 154 22.34 58.01 -31.55
C LYS G 154 22.39 56.49 -31.51
N ILE G 155 22.79 55.91 -30.38
CA ILE G 155 22.88 54.46 -30.26
C ILE G 155 21.50 53.82 -30.27
N TYR G 156 20.52 54.46 -29.61
CA TYR G 156 19.18 53.90 -29.56
C TYR G 156 18.55 53.79 -30.93
N ASP G 157 18.83 54.74 -31.82
CA ASP G 157 18.29 54.68 -33.17
C ASP G 157 18.74 53.41 -33.88
N TYR G 158 20.01 53.05 -33.71
CA TYR G 158 20.54 51.83 -34.32
C TYR G 158 19.94 50.59 -33.67
N TRP G 159 19.89 50.57 -32.34
CA TRP G 159 19.34 49.41 -31.64
C TRP G 159 17.86 49.25 -31.92
N ARG G 160 17.15 50.36 -32.16
CA ARG G 160 15.73 50.29 -32.47
C ARG G 160 15.49 49.53 -33.77
N GLU G 161 16.29 49.79 -34.80
CA GLU G 161 16.13 49.10 -36.07
C GLU G 161 16.37 47.60 -35.94
N ARG G 162 17.42 47.21 -35.22
CA ARG G 162 17.70 45.79 -35.05
C ARG G 162 16.57 45.07 -34.33
N LYS G 163 15.95 45.74 -33.34
CA LYS G 163 14.82 45.13 -32.64
C LYS G 163 13.63 44.94 -33.57
N ILE G 164 13.43 45.88 -34.51
CA ILE G 164 12.35 45.75 -35.47
C ILE G 164 12.66 44.64 -36.47
N GLU G 165 13.93 44.51 -36.87
CA GLU G 165 14.33 43.47 -37.80
C GLU G 165 13.98 42.08 -37.29
N VAL G 166 14.19 41.83 -35.99
CA VAL G 166 13.92 40.53 -35.41
C VAL G 166 12.48 40.46 -34.92
N ASN G 167 11.64 41.39 -35.40
CA ASN G 167 10.20 41.38 -35.14
C ASN G 167 9.86 41.45 -33.65
N GLY G 168 10.65 42.19 -32.88
CA GLY G 168 10.37 42.36 -31.47
C GLY G 168 10.92 41.26 -30.59
N TYR G 169 11.62 40.28 -31.16
CA TYR G 169 12.27 39.22 -30.41
C TYR G 169 13.70 39.66 -30.09
N GLU G 170 14.57 38.69 -29.83
CA GLU G 170 15.95 38.98 -29.45
C GLU G 170 16.88 38.98 -30.65
N ILE G 171 17.89 39.85 -30.59
CA ILE G 171 18.91 39.88 -31.63
C ILE G 171 19.77 38.63 -31.52
N PHE G 172 20.14 38.24 -30.30
CA PHE G 172 20.92 37.04 -30.05
C PHE G 172 20.04 35.80 -30.18
N PRO G 173 20.53 34.75 -30.85
CA PRO G 173 19.73 33.52 -31.01
C PRO G 173 19.30 32.94 -29.67
N GLN G 174 18.01 32.64 -29.56
CA GLN G 174 17.41 32.16 -28.32
C GLN G 174 16.96 30.72 -28.45
N LEU G 175 16.92 30.03 -27.30
CA LEU G 175 16.33 28.70 -27.23
C LEU G 175 14.82 28.82 -27.38
N LYS G 176 14.21 27.79 -27.96
CA LYS G 176 12.76 27.76 -28.13
C LYS G 176 12.13 27.16 -26.88
N PHE G 177 11.37 27.98 -26.17
CA PHE G 177 10.69 27.56 -24.95
C PHE G 177 9.21 27.36 -25.23
N GLU G 178 8.58 26.52 -24.40
CA GLU G 178 7.16 26.27 -24.55
C GLU G 178 6.37 27.52 -24.21
N ARG G 179 5.24 27.70 -24.90
CA ARG G 179 4.39 28.83 -24.61
C ARG G 179 3.10 28.37 -23.95
N PRO G 180 2.67 29.03 -22.87
CA PRO G 180 1.48 28.54 -22.14
C PRO G 180 0.22 28.48 -22.98
N GLY G 181 -0.01 29.46 -23.86
CA GLY G 181 -1.20 29.43 -24.68
C GLY G 181 -1.27 28.21 -25.58
N GLU G 182 -0.14 27.78 -26.12
CA GLU G 182 -0.18 26.69 -27.09
C GLU G 182 -0.34 25.31 -26.45
N LYS G 183 -0.84 24.38 -27.26
CA LYS G 183 -0.70 22.95 -27.01
C LYS G 183 0.66 22.53 -27.52
N GLU G 184 1.32 21.62 -26.79
CA GLU G 184 2.64 21.19 -27.23
C GLU G 184 2.55 20.57 -28.61
N GLU G 185 3.46 20.99 -29.47
CA GLU G 185 3.48 20.66 -30.89
C GLU G 185 4.46 19.56 -31.26
N ILE G 186 5.03 18.87 -30.26
CA ILE G 186 6.01 17.82 -30.49
C ILE G 186 7.20 18.42 -31.27
N ASP G 187 7.63 19.62 -30.87
CA ASP G 187 8.76 20.26 -31.55
C ASP G 187 10.06 19.86 -30.86
N PRO G 188 10.98 19.18 -31.56
CA PRO G 188 12.23 18.76 -30.91
C PRO G 188 13.14 19.93 -30.51
N TYR G 189 12.90 21.13 -31.02
CA TYR G 189 13.69 22.28 -30.63
C TYR G 189 13.20 22.91 -29.32
N VAL G 190 12.00 22.56 -28.88
CA VAL G 190 11.48 23.02 -27.60
C VAL G 190 12.14 22.23 -26.47
N CYS G 191 12.62 22.94 -25.46
CA CYS G 191 13.38 22.29 -24.40
C CYS G 191 13.18 23.04 -23.08
N PHE G 192 13.60 22.38 -22.00
CA PHE G 192 13.67 22.97 -20.66
C PHE G 192 12.32 23.48 -20.15
N ARG G 193 11.30 22.63 -20.26
CA ARG G 193 10.00 22.96 -19.69
C ARG G 193 10.09 22.93 -18.16
N ARG G 194 9.36 23.82 -17.50
CA ARG G 194 9.36 23.95 -16.05
C ARG G 194 8.02 23.52 -15.45
N ARG G 195 8.08 22.88 -14.29
CA ARG G 195 6.90 22.41 -13.55
C ARG G 195 6.99 22.85 -12.10
N GLU G 196 6.15 23.81 -11.71
CA GLU G 196 6.16 24.40 -10.37
C GLU G 196 5.85 23.37 -9.29
N VAL G 197 6.30 23.67 -8.07
CA VAL G 197 6.12 22.77 -6.94
C VAL G 197 4.69 22.83 -6.41
N ARG G 198 4.14 24.03 -6.24
CA ARG G 198 2.79 24.26 -5.70
C ARG G 198 2.63 23.62 -4.31
N HIS G 199 3.24 24.29 -3.32
CA HIS G 199 3.14 23.78 -1.96
C HIS G 199 2.07 24.53 -1.17
N PRO G 200 1.39 23.85 -0.25
CA PRO G 200 0.38 24.53 0.57
C PRO G 200 1.04 25.50 1.54
N ARG G 201 0.29 26.54 1.90
CA ARG G 201 0.78 27.51 2.87
C ARG G 201 1.00 26.86 4.22
N LYS G 202 1.88 27.46 5.01
CA LYS G 202 2.08 27.03 6.39
C LYS G 202 1.01 27.65 7.27
N THR G 203 0.91 27.15 8.50
CA THR G 203 -0.04 27.72 9.45
C THR G 203 0.38 29.15 9.81
N ARG G 204 -0.59 29.92 10.30
CA ARG G 204 -0.33 31.32 10.64
C ARG G 204 0.73 31.43 11.73
N ARG G 205 0.73 30.50 12.69
CA ARG G 205 1.74 30.56 13.75
C ARG G 205 3.13 30.35 13.18
N ILE G 206 3.28 29.37 12.28
CA ILE G 206 4.56 29.12 11.65
C ILE G 206 5.00 30.33 10.83
N ASP G 207 4.04 30.99 10.17
CA ASP G 207 4.36 32.22 9.43
C ASP G 207 4.92 33.28 10.36
N ILE G 208 4.32 33.46 11.54
CA ILE G 208 4.84 34.42 12.50
C ILE G 208 6.21 34.00 13.02
N LEU G 209 6.37 32.71 13.33
CA LEU G 209 7.66 32.20 13.81
C LEU G 209 8.75 32.40 12.75
N ASN G 210 8.43 32.12 11.49
CA ASN G 210 9.42 32.33 10.44
C ASN G 210 9.70 33.80 10.23
N SER G 211 8.71 34.65 10.49
CA SER G 211 8.96 36.09 10.43
C SER G 211 9.95 36.53 11.51
N GLN G 212 9.95 35.85 12.66
CA GLN G 212 10.92 36.17 13.70
C GLN G 212 12.32 35.68 13.33
N ARG G 213 12.40 34.47 12.75
CA ARG G 213 13.69 33.99 12.27
C ARG G 213 14.21 34.89 11.16
N LEU G 214 13.29 35.49 10.40
CA LEU G 214 13.68 36.42 9.35
C LEU G 214 14.33 37.66 9.94
N ARG G 215 13.80 38.15 11.07
CA ARG G 215 14.42 39.29 11.73
C ARG G 215 15.76 38.90 12.35
N ALA G 216 15.84 37.69 12.92
CA ALA G 216 17.08 37.24 13.51
C ALA G 216 18.14 37.00 12.44
N LEU G 217 17.74 36.42 11.30
CA LEU G 217 18.68 36.20 10.22
C LEU G 217 19.19 37.52 9.65
N HIS G 218 18.33 38.54 9.65
CA HIS G 218 18.73 39.85 9.16
C HIS G 218 19.81 40.45 10.05
N GLN G 219 19.70 40.29 11.36
CA GLN G 219 20.69 40.84 12.27
C GLN G 219 22.04 40.15 12.08
N GLU G 220 22.03 38.83 11.87
CA GLU G 220 23.28 38.10 11.71
C GLU G 220 23.99 38.46 10.40
N LEU G 221 23.24 38.76 9.35
CA LEU G 221 23.86 39.20 8.10
C LEU G 221 24.45 40.59 8.27
N LYS G 222 23.80 41.44 9.07
CA LYS G 222 24.38 42.75 9.36
C LYS G 222 25.70 42.62 10.10
N ASN G 223 25.76 41.71 11.07
CA ASN G 223 27.01 41.52 11.81
C ASN G 223 28.12 41.00 10.91
N ALA G 224 27.81 40.01 10.06
CA ALA G 224 28.82 39.50 9.15
C ALA G 224 29.23 40.56 8.13
N LYS G 225 28.30 41.42 7.72
CA LYS G 225 28.65 42.47 6.77
C LYS G 225 29.58 43.50 7.41
N ASP G 226 29.39 43.76 8.70
CA ASP G 226 30.28 44.69 9.40
C ASP G 226 31.70 44.14 9.49
N LEU G 227 31.83 42.86 9.86
CA LEU G 227 33.15 42.24 9.92
C LEU G 227 33.80 42.20 8.55
N ALA G 228 33.01 41.91 7.50
CA ALA G 228 33.57 41.89 6.16
C ALA G 228 34.05 43.27 5.75
N LEU G 229 33.34 44.32 6.18
CA LEU G 229 33.77 45.67 5.87
C LEU G 229 35.08 46.01 6.57
N LEU G 230 35.21 45.61 7.84
CA LEU G 230 36.44 45.89 8.59
C LEU G 230 37.63 45.19 7.95
N VAL G 231 37.47 43.94 7.53
CA VAL G 231 38.56 43.22 6.87
C VAL G 231 38.89 43.88 5.53
N ALA G 232 37.87 44.32 4.80
CA ALA G 232 38.13 45.04 3.56
C ALA G 232 38.88 46.34 3.82
N LYS G 233 38.51 47.04 4.89
CA LYS G 233 39.24 48.24 5.27
C LYS G 233 40.67 47.89 5.66
N ARG G 234 40.85 46.81 6.44
CA ARG G 234 42.18 46.42 6.89
C ARG G 234 43.10 46.13 5.71
N GLU G 235 42.59 45.46 4.69
CA GLU G 235 43.42 45.18 3.52
C GLU G 235 43.63 46.43 2.68
N ASN G 236 42.69 47.36 2.72
CA ASN G 236 42.86 48.61 1.98
C ASN G 236 43.97 49.46 2.59
N VAL G 237 43.99 49.59 3.92
CA VAL G 237 45.06 50.37 4.54
C VAL G 237 46.39 49.64 4.42
N SER G 238 46.36 48.31 4.40
CA SER G 238 47.58 47.56 4.14
C SER G 238 48.06 47.76 2.71
N LEU G 239 47.12 47.99 1.78
CA LEU G 239 47.51 48.30 0.41
C LEU G 239 48.07 49.71 0.32
N ASN G 240 47.51 50.64 1.10
CA ASN G 240 48.08 51.97 1.16
C ASN G 240 49.46 51.93 1.78
N TRP G 241 49.68 51.03 2.74
CA TRP G 241 50.97 50.93 3.42
C TRP G 241 52.05 50.43 2.47
N ILE G 242 51.75 49.37 1.70
CA ILE G 242 52.76 48.86 0.79
C ILE G 242 52.97 49.81 -0.39
N ASN G 243 51.93 50.57 -0.75
CA ASN G 243 52.11 51.58 -1.78
C ASN G 243 53.01 52.70 -1.28
N ASP G 244 52.95 52.98 0.03
CA ASP G 244 53.87 53.96 0.62
C ASP G 244 55.29 53.43 0.58
N GLU G 245 55.47 52.14 0.85
CA GLU G 245 56.81 51.56 0.87
C GLU G 245 57.47 51.67 -0.50
N LEU G 246 56.70 51.51 -1.58
CA LEU G 246 57.24 51.78 -2.91
C LEU G 246 57.50 53.27 -3.08
N LYS G 247 56.57 54.10 -2.61
CA LYS G 247 56.75 55.56 -2.70
C LYS G 247 57.98 56.00 -1.91
N ILE G 248 58.15 55.46 -0.71
CA ILE G 248 59.30 55.81 0.12
C ILE G 248 60.60 55.33 -0.50
N PHE G 249 60.58 54.12 -1.08
CA PHE G 249 61.80 53.57 -1.68
C PHE G 249 62.26 54.39 -2.88
N ASP G 250 61.33 54.75 -3.77
CA ASP G 250 61.63 55.56 -4.95
C ASP G 250 61.81 57.04 -4.62
N GLN G 251 61.83 57.37 -3.33
CA GLN G 251 62.23 58.69 -2.87
C GLN G 251 63.58 58.70 -2.16
N ARG G 252 63.99 57.58 -1.58
CA ARG G 252 65.28 57.47 -0.91
C ARG G 252 66.40 57.28 -1.93
N VAL G 253 66.12 56.51 -2.98
CA VAL G 253 67.09 56.30 -4.04
C VAL G 253 67.38 57.62 -4.76
N LYS G 254 66.32 58.38 -5.07
CA LYS G 254 66.51 59.66 -5.73
C LYS G 254 67.22 60.66 -4.84
N ILE G 255 66.85 60.70 -3.55
CA ILE G 255 67.54 61.61 -2.63
C ILE G 255 69.02 61.23 -2.50
N LYS G 256 69.30 59.93 -2.29
CA LYS G 256 70.70 59.51 -2.18
C LYS G 256 71.50 59.88 -3.42
N ASN G 257 70.90 59.79 -4.60
CA ASN G 257 71.59 60.20 -5.81
C ASN G 257 71.88 61.70 -5.78
N LEU G 258 70.90 62.51 -5.36
CA LEU G 258 71.12 63.95 -5.30
C LEU G 258 72.15 64.33 -4.23
N LYS G 259 72.14 63.62 -3.10
CA LYS G 259 73.12 63.94 -2.06
C LYS G 259 74.54 63.72 -2.55
N ARG G 260 74.77 62.63 -3.27
CA ARG G 260 76.11 62.34 -3.76
C ARG G 260 76.56 63.36 -4.79
N SER G 261 75.64 63.88 -5.61
CA SER G 261 76.01 64.89 -6.59
C SER G 261 76.36 66.21 -5.91
N LEU G 262 75.64 66.55 -4.83
CA LEU G 262 75.84 67.79 -4.10
C LEU G 262 76.77 67.63 -2.90
N ASN G 263 77.18 66.39 -2.59
CA ASN G 263 78.06 66.08 -1.46
C ASN G 263 77.45 66.53 -0.13
N ILE G 264 76.23 66.04 0.13
CA ILE G 264 75.43 66.32 1.32
C ILE G 264 75.27 65.03 2.11
N SER G 265 75.15 65.13 3.46
CA SER G 265 75.16 63.91 4.27
C SER G 265 74.13 63.78 5.40
N GLY G 266 73.03 64.55 5.43
CA GLY G 266 72.07 64.36 6.52
C GLY G 266 70.90 63.45 6.19
N GLU G 267 70.87 62.22 6.77
CA GLU G 267 69.91 61.17 6.34
C GLU G 267 69.30 60.42 7.53
N ASP G 268 68.52 61.10 8.36
CA ASP G 268 67.65 60.36 9.25
C ASP G 268 66.48 59.73 8.51
N ASP G 269 65.99 60.40 7.46
CA ASP G 269 64.85 59.91 6.69
C ASP G 269 65.19 58.66 5.89
N ASP G 270 66.48 58.39 5.64
CA ASP G 270 66.88 57.26 4.81
C ASP G 270 67.09 55.96 5.58
N LEU G 271 66.87 55.95 6.90
CA LEU G 271 67.36 54.87 7.74
C LEU G 271 66.26 54.02 8.38
N ILE G 272 64.99 54.31 8.08
CA ILE G 272 63.82 53.56 8.55
C ILE G 272 63.94 53.24 10.05
N ASN G 273 64.12 54.28 10.86
CA ASN G 273 64.19 54.10 12.30
C ASN G 273 62.88 53.49 12.81
N HIS G 274 63.00 52.57 13.77
CA HIS G 274 61.84 51.93 14.38
C HIS G 274 61.99 51.84 15.90
N MET H 1 1.98 38.04 -0.02
CA MET H 1 3.32 37.95 0.57
C MET H 1 3.40 36.84 1.61
N ASP H 2 4.41 35.99 1.47
CA ASP H 2 4.57 34.80 2.31
C ASP H 2 5.85 34.90 3.11
N PRO H 3 5.79 35.10 4.43
CA PRO H 3 7.04 35.19 5.20
C PRO H 3 7.80 33.87 5.23
N SER H 4 7.08 32.74 5.28
CA SER H 4 7.73 31.44 5.32
C SER H 4 8.48 31.16 4.02
N LEU H 5 7.92 31.59 2.89
CA LEU H 5 8.61 31.42 1.61
C LEU H 5 9.85 32.30 1.54
N VAL H 6 9.74 33.56 1.98
CA VAL H 6 10.89 34.45 1.97
C VAL H 6 12.03 33.89 2.81
N LEU H 7 11.70 33.37 4.00
CA LEU H 7 12.73 32.77 4.85
C LEU H 7 13.35 31.56 4.19
N GLU H 8 12.52 30.72 3.55
CA GLU H 8 13.04 29.53 2.89
C GLU H 8 14.00 29.90 1.76
N GLN H 9 13.62 30.88 0.94
CA GLN H 9 14.48 31.32 -0.15
C GLN H 9 15.76 31.96 0.38
N THR H 10 15.65 32.76 1.45
CA THR H 10 16.82 33.41 2.00
C THR H 10 17.84 32.41 2.54
N ILE H 11 17.35 31.38 3.24
CA ILE H 11 18.25 30.36 3.76
C ILE H 11 18.92 29.58 2.63
N GLN H 12 18.17 29.29 1.56
CA GLN H 12 18.75 28.61 0.41
C GLN H 12 19.80 29.49 -0.27
N ASP H 13 19.51 30.79 -0.41
CA ASP H 13 20.46 31.70 -1.05
C ASP H 13 21.75 31.82 -0.25
N VAL H 14 21.62 31.77 1.08
CA VAL H 14 22.75 32.01 1.98
C VAL H 14 23.34 30.70 2.48
N SER H 15 22.84 29.56 1.98
CA SER H 15 23.24 28.26 2.51
C SER H 15 24.73 28.02 2.36
N ASN H 16 25.33 28.47 1.26
CA ASN H 16 26.75 28.24 0.99
C ASN H 16 27.62 29.41 1.41
N LEU H 17 27.03 30.51 1.86
CA LEU H 17 27.80 31.71 2.19
C LEU H 17 28.80 31.50 3.32
N PRO H 18 28.47 30.87 4.44
CA PRO H 18 29.51 30.69 5.49
C PRO H 18 30.69 29.88 5.01
N SER H 19 30.48 28.92 4.11
CA SER H 19 31.59 28.18 3.54
C SER H 19 32.47 29.10 2.69
N GLU H 20 31.85 30.03 1.96
CA GLU H 20 32.61 30.96 1.13
C GLU H 20 33.40 31.95 1.98
N PHE H 21 32.81 32.38 3.11
CA PHE H 21 33.52 33.28 4.02
C PHE H 21 34.78 32.63 4.57
N ARG H 22 34.66 31.37 5.02
CA ARG H 22 35.85 30.66 5.49
C ARG H 22 36.87 30.52 4.36
N TYR H 23 36.41 30.17 3.16
CA TYR H 23 37.31 29.95 2.03
C TYR H 23 38.05 31.24 1.65
N LEU H 24 37.31 32.35 1.55
CA LEU H 24 37.93 33.61 1.16
C LEU H 24 38.87 34.12 2.23
N LEU H 25 38.45 34.07 3.50
CA LEU H 25 39.27 34.60 4.57
C LEU H 25 40.53 33.78 4.81
N GLU H 26 40.46 32.47 4.61
CA GLU H 26 41.65 31.63 4.81
C GLU H 26 42.61 31.73 3.64
N GLU H 27 42.12 32.16 2.47
CA GLU H 27 43.02 32.47 1.36
C GLU H 27 43.70 33.80 1.60
N ILE H 28 43.00 34.73 2.28
CA ILE H 28 43.63 35.97 2.70
C ILE H 28 44.74 35.67 3.70
N GLY H 29 44.47 34.74 4.63
CA GLY H 29 45.51 34.32 5.56
C GLY H 29 46.65 33.61 4.87
N SER H 30 46.33 32.77 3.88
CA SER H 30 47.38 32.09 3.13
C SER H 30 48.24 33.08 2.36
N ASN H 31 47.64 34.14 1.82
CA ASN H 31 48.40 35.16 1.10
C ASN H 31 49.12 36.11 2.07
N ASP H 32 48.50 36.42 3.20
CA ASP H 32 49.18 37.26 4.18
C ASP H 32 50.42 36.57 4.72
N LEU H 33 50.36 35.23 4.85
CA LEU H 33 51.52 34.47 5.28
C LEU H 33 52.62 34.53 4.23
N LYS H 34 52.24 34.43 2.94
CA LYS H 34 53.22 34.60 1.88
C LYS H 34 53.78 36.01 1.86
N LEU H 35 52.96 37.00 2.25
CA LEU H 35 53.42 38.38 2.29
C LEU H 35 54.48 38.59 3.37
N ILE H 36 54.28 37.97 4.54
CA ILE H 36 55.24 38.12 5.63
C ILE H 36 56.59 37.55 5.24
N GLU H 37 56.61 36.35 4.65
CA GLU H 37 57.87 35.75 4.23
C GLU H 37 58.56 36.59 3.16
N GLU H 38 57.77 37.28 2.33
CA GLU H 38 58.37 38.14 1.33
C GLU H 38 58.80 39.48 1.92
N LYS H 39 58.14 39.91 3.01
CA LYS H 39 58.57 41.13 3.67
C LYS H 39 59.94 40.95 4.32
N LYS H 40 60.15 39.81 4.98
CA LYS H 40 61.46 39.53 5.55
C LYS H 40 62.53 39.48 4.46
N LYS H 41 62.14 39.10 3.25
CA LYS H 41 63.08 38.96 2.15
C LYS H 41 63.65 40.31 1.74
N TYR H 42 62.88 41.38 1.85
CA TYR H 42 63.36 42.70 1.47
C TYR H 42 63.77 43.53 2.67
N GLU H 43 63.17 43.29 3.84
CA GLU H 43 63.56 44.04 5.03
C GLU H 43 64.97 43.67 5.47
N GLN H 44 65.37 42.42 5.26
CA GLN H 44 66.73 42.01 5.57
C GLN H 44 67.72 42.64 4.61
N LYS H 45 67.37 42.68 3.32
CA LYS H 45 68.25 43.30 2.34
C LYS H 45 68.30 44.81 2.49
N GLU H 46 67.20 45.39 2.99
CA GLU H 46 67.18 46.83 3.24
C GLU H 46 67.91 47.17 4.52
N SER H 47 67.96 46.22 5.45
CA SER H 47 68.74 46.41 6.67
C SER H 47 70.23 46.47 6.38
N GLN H 48 70.69 45.72 5.38
CA GLN H 48 72.10 45.79 4.98
C GLN H 48 72.45 47.19 4.51
N ILE H 49 71.57 47.79 3.71
CA ILE H 49 71.80 49.13 3.21
C ILE H 49 71.79 50.13 4.36
N HIS H 50 70.85 49.96 5.29
CA HIS H 50 70.69 50.91 6.39
C HIS H 50 71.78 50.76 7.44
N LYS H 51 72.24 49.53 7.69
CA LYS H 51 73.38 49.37 8.58
C LYS H 51 74.60 50.06 8.01
N PHE H 52 74.75 50.00 6.69
CA PHE H 52 75.87 50.65 6.02
C PHE H 52 75.81 52.17 6.17
N ILE H 53 74.62 52.74 6.03
CA ILE H 53 74.48 54.19 6.13
C ILE H 53 74.74 54.66 7.56
N ARG H 54 74.33 53.87 8.56
CA ARG H 54 74.54 54.26 9.95
C ARG H 54 76.02 54.36 10.30
N GLN H 55 76.84 53.50 9.70
CA GLN H 55 78.26 53.42 10.01
C GLN H 55 79.12 54.28 9.09
N GLN H 56 78.73 54.38 7.81
CA GLN H 56 79.56 55.00 6.79
C GLN H 56 78.89 56.16 6.10
N GLY H 57 77.60 56.37 6.28
CA GLY H 57 76.91 57.48 5.66
C GLY H 57 76.28 57.08 4.35
N SER H 58 75.51 58.01 3.79
CA SER H 58 74.85 57.75 2.53
C SER H 58 75.65 58.26 1.33
N ILE H 59 76.73 58.99 1.57
CA ILE H 59 77.58 59.45 0.48
C ILE H 59 78.36 58.28 -0.12
N PRO H 60 79.04 57.44 0.67
CA PRO H 60 79.65 56.24 0.07
C PRO H 60 78.56 55.26 -0.34
N LYS H 61 78.73 54.67 -1.51
CA LYS H 61 77.78 53.68 -1.99
C LYS H 61 78.10 52.30 -1.43
N HIS H 62 77.05 51.58 -1.03
CA HIS H 62 77.22 50.20 -0.61
C HIS H 62 77.79 49.40 -1.78
N PRO H 63 78.77 48.51 -1.52
CA PRO H 63 79.44 47.77 -2.61
C PRO H 63 78.49 47.00 -3.51
N GLN H 64 77.29 46.69 -3.03
CA GLN H 64 76.30 45.93 -3.79
C GLN H 64 74.97 46.68 -3.80
N GLU H 65 75.03 48.01 -3.71
CA GLU H 65 73.83 48.82 -3.60
C GLU H 65 72.95 48.68 -4.83
N ASP H 66 73.53 48.76 -6.04
CA ASP H 66 72.72 48.64 -7.24
C ASP H 66 72.03 47.29 -7.31
N GLY H 67 72.71 46.23 -6.85
CA GLY H 67 72.11 44.91 -6.85
C GLY H 67 71.05 44.75 -5.76
N LEU H 68 71.31 45.31 -4.59
CA LEU H 68 70.34 45.22 -3.50
C LEU H 68 69.11 46.07 -3.79
N ASP H 69 69.30 47.26 -4.35
CA ASP H 69 68.16 48.10 -4.71
C ASP H 69 67.27 47.39 -5.72
N LYS H 70 67.86 46.64 -6.64
CA LYS H 70 67.08 45.91 -7.64
C LYS H 70 66.28 44.78 -7.00
N GLU H 71 66.86 44.10 -6.00
CA GLU H 71 66.18 42.99 -5.36
C GLU H 71 65.09 43.47 -4.41
N ILE H 72 65.30 44.61 -3.76
CA ILE H 72 64.28 45.17 -2.88
C ILE H 72 63.07 45.62 -3.69
N LYS H 73 63.33 46.37 -4.77
CA LYS H 73 62.25 46.80 -5.66
C LYS H 73 61.47 45.61 -6.20
N GLU H 74 62.18 44.51 -6.51
CA GLU H 74 61.51 43.32 -7.01
C GLU H 74 60.62 42.70 -5.94
N SER H 75 61.17 42.50 -4.75
CA SER H 75 60.39 41.93 -3.65
C SER H 75 59.28 42.87 -3.20
N LEU H 76 59.54 44.18 -3.24
CA LEU H 76 58.52 45.14 -2.84
C LEU H 76 57.36 45.13 -3.83
N LEU H 77 57.63 44.81 -5.09
CA LEU H 77 56.60 44.79 -6.11
C LEU H 77 55.71 43.57 -5.98
N LYS H 78 56.29 42.41 -5.67
CA LYS H 78 55.49 41.20 -5.49
C LYS H 78 54.80 41.18 -4.13
N CYS H 79 55.22 42.05 -3.21
CA CYS H 79 54.45 42.25 -1.99
C CYS H 79 53.16 43.00 -2.30
N GLN H 80 53.26 44.00 -3.17
CA GLN H 80 52.09 44.75 -3.59
C GLN H 80 51.10 43.85 -4.33
N SER H 81 51.62 42.93 -5.14
CA SER H 81 50.76 42.02 -5.87
C SER H 81 49.98 41.11 -4.91
N LEU H 82 50.65 40.59 -3.89
CA LEU H 82 49.98 39.77 -2.89
C LEU H 82 48.93 40.59 -2.15
N GLN H 83 49.25 41.85 -1.84
CA GLN H 83 48.32 42.69 -1.08
C GLN H 83 47.10 43.05 -1.92
N ARG H 84 47.28 43.24 -3.24
CA ARG H 84 46.13 43.49 -4.10
C ARG H 84 45.20 42.29 -4.12
N GLU H 85 45.76 41.07 -4.15
CA GLU H 85 44.94 39.87 -4.17
C GLU H 85 44.10 39.75 -2.91
N LYS H 86 44.68 40.10 -1.75
CA LYS H 86 43.92 40.06 -0.51
C LYS H 86 42.79 41.09 -0.52
N CYS H 87 43.03 42.25 -1.11
CA CYS H 87 41.98 43.26 -1.22
C CYS H 87 40.82 42.76 -2.06
N VAL H 88 41.13 42.17 -3.21
CA VAL H 88 40.09 41.61 -4.08
C VAL H 88 39.30 40.54 -3.33
N LEU H 89 40.01 39.60 -2.68
CA LEU H 89 39.35 38.56 -1.91
C LEU H 89 38.46 39.16 -0.83
N ALA H 90 38.96 40.16 -0.10
CA ALA H 90 38.15 40.79 0.94
C ALA H 90 36.95 41.51 0.33
N ASN H 91 37.12 42.09 -0.86
CA ASN H 91 36.02 42.80 -1.50
C ASN H 91 34.90 41.84 -1.93
N THR H 92 35.27 40.66 -2.44
CA THR H 92 34.24 39.68 -2.82
C THR H 92 33.40 39.27 -1.63
N ALA H 93 34.07 38.92 -0.52
CA ALA H 93 33.34 38.53 0.68
C ALA H 93 32.39 39.64 1.13
N LEU H 94 32.86 40.88 1.13
CA LEU H 94 31.99 42.00 1.47
C LEU H 94 30.90 42.17 0.43
N PHE H 95 31.21 41.95 -0.84
CA PHE H 95 30.21 42.07 -1.89
C PHE H 95 29.15 41.00 -1.78
N LEU H 96 29.56 39.75 -1.53
CA LEU H 96 28.62 38.64 -1.44
C LEU H 96 27.62 38.85 -0.32
N ILE H 97 28.10 39.22 0.87
CA ILE H 97 27.21 39.41 2.01
C ILE H 97 26.31 40.63 1.81
N ALA H 98 26.86 41.70 1.23
CA ALA H 98 26.06 42.92 1.05
C ALA H 98 24.94 42.70 0.04
N ARG H 99 25.18 41.89 -1.00
CA ARG H 99 24.14 41.62 -1.97
C ARG H 99 23.03 40.75 -1.36
N HIS H 100 23.41 39.77 -0.53
CA HIS H 100 22.42 38.97 0.17
C HIS H 100 21.65 39.83 1.17
N LEU H 101 22.33 40.76 1.82
CA LEU H 101 21.66 41.62 2.79
C LEU H 101 20.69 42.58 2.11
N ASN H 102 21.07 43.12 0.95
CA ASN H 102 20.17 44.02 0.23
C ASN H 102 18.92 43.29 -0.25
N LYS H 103 19.09 42.08 -0.77
CA LYS H 103 17.93 41.32 -1.25
C LYS H 103 16.99 41.00 -0.09
N LEU H 104 17.55 40.71 1.08
CA LEU H 104 16.72 40.44 2.25
C LEU H 104 15.99 41.71 2.70
N GLU H 105 16.68 42.84 2.68
CA GLU H 105 16.06 44.09 3.11
C GLU H 105 14.93 44.51 2.17
N LYS H 106 15.06 44.19 0.88
CA LYS H 106 13.97 44.45 -0.06
C LYS H 106 12.77 43.57 0.27
N ASN H 107 13.01 42.30 0.58
CA ASN H 107 11.92 41.40 0.97
C ASN H 107 11.26 41.87 2.26
N ILE H 108 12.07 42.24 3.26
CA ILE H 108 11.51 42.73 4.52
C ILE H 108 10.71 44.00 4.27
N ALA H 109 11.21 44.89 3.41
CA ALA H 109 10.47 46.10 3.09
C ALA H 109 9.14 45.78 2.43
N LEU H 110 9.14 44.81 1.50
CA LEU H 110 7.90 44.40 0.85
C LEU H 110 6.92 43.78 1.84
N LEU H 111 7.44 43.08 2.86
CA LEU H 111 6.58 42.51 3.88
C LEU H 111 6.03 43.58 4.82
N GLU H 112 6.81 44.63 5.06
CA GLU H 112 6.38 45.71 5.93
C GLU H 112 5.36 46.62 5.26
N GLU H 113 5.40 46.73 3.92
CA GLU H 113 4.44 47.55 3.22
C GLU H 113 3.03 47.01 3.36
N ASP H 114 2.89 45.72 3.68
CA ASP H 114 1.62 45.12 4.04
C ASP H 114 1.54 44.99 5.56
N GLY H 115 0.37 44.63 6.05
CA GLY H 115 0.23 44.39 7.48
C GLY H 115 0.80 43.07 7.93
N VAL H 116 1.44 42.33 7.01
CA VAL H 116 1.96 41.00 7.31
C VAL H 116 3.09 41.07 8.34
N LEU H 117 4.04 41.97 8.13
CA LEU H 117 5.20 42.10 9.01
C LEU H 117 5.18 43.42 9.77
N ALA H 118 5.34 43.33 11.08
CA ALA H 118 5.34 44.51 11.95
C ALA H 118 6.72 45.18 11.92
N PRO H 119 6.80 46.51 11.75
CA PRO H 119 8.05 47.26 11.74
C PRO H 119 8.60 47.53 13.14
N GLU I 20 -25.52 -29.46 15.37
CA GLU I 20 -26.88 -29.03 15.05
C GLU I 20 -27.18 -29.13 13.55
N VAL I 21 -26.34 -28.49 12.73
CA VAL I 21 -26.55 -28.54 11.29
C VAL I 21 -26.22 -29.92 10.74
N ALA I 22 -25.21 -30.59 11.32
CA ALA I 22 -24.80 -31.90 10.83
C ALA I 22 -25.82 -32.99 11.15
N ARG I 23 -26.79 -32.71 12.02
CA ARG I 23 -27.78 -33.71 12.42
C ARG I 23 -29.03 -33.67 11.53
N VAL I 24 -28.99 -32.93 10.43
CA VAL I 24 -30.10 -32.86 9.49
C VAL I 24 -29.60 -33.09 8.07
N ARG I 25 -30.52 -33.55 7.22
CA ARG I 25 -30.23 -33.82 5.80
C ARG I 25 -29.77 -32.56 5.08
N ASN I 26 -28.59 -32.64 4.47
CA ASN I 26 -27.94 -31.47 3.86
C ASN I 26 -28.49 -31.14 2.48
N LEU I 27 -28.63 -32.15 1.61
CA LEU I 27 -28.94 -31.93 0.21
C LEU I 27 -30.34 -32.43 -0.13
N ASN I 28 -30.87 -31.94 -1.25
CA ASN I 28 -32.23 -32.29 -1.61
C ASN I 28 -32.29 -33.70 -2.20
N ARG I 29 -32.02 -33.81 -3.50
CA ARG I 29 -32.04 -35.08 -4.23
C ARG I 29 -30.89 -35.10 -5.23
N ILE I 30 -30.31 -36.28 -5.42
CA ILE I 30 -29.09 -36.45 -6.20
C ILE I 30 -29.31 -37.49 -7.29
N ILE I 31 -28.83 -37.18 -8.50
CA ILE I 31 -28.91 -38.06 -9.66
C ILE I 31 -27.49 -38.55 -9.96
N MET I 32 -27.17 -39.76 -9.53
CA MET I 32 -25.87 -40.37 -9.84
C MET I 32 -26.07 -41.32 -11.02
N GLY I 33 -25.51 -40.96 -12.17
CA GLY I 33 -25.71 -41.74 -13.38
C GLY I 33 -27.13 -41.69 -13.86
N LYS I 34 -27.78 -42.86 -13.96
CA LYS I 34 -29.16 -42.94 -14.39
C LYS I 34 -30.12 -43.04 -13.20
N TYR I 35 -29.60 -43.29 -12.00
CA TYR I 35 -30.43 -43.49 -10.82
C TYR I 35 -30.43 -42.22 -9.98
N GLU I 36 -31.62 -41.72 -9.68
CA GLU I 36 -31.81 -40.59 -8.78
C GLU I 36 -31.94 -41.10 -7.36
N ILE I 37 -31.11 -40.60 -6.45
CA ILE I 37 -31.03 -41.11 -5.09
C ILE I 37 -31.43 -40.02 -4.10
N GLU I 38 -31.89 -40.47 -2.94
CA GLU I 38 -32.35 -39.59 -1.87
C GLU I 38 -31.39 -39.66 -0.69
N PRO I 39 -30.66 -38.59 -0.38
CA PRO I 39 -29.65 -38.65 0.70
C PRO I 39 -30.26 -38.89 2.07
N TRP I 40 -29.44 -39.49 2.95
CA TRP I 40 -29.88 -39.84 4.29
C TRP I 40 -29.37 -38.88 5.36
N TYR I 41 -28.13 -38.41 5.26
CA TYR I 41 -27.51 -37.58 6.29
C TYR I 41 -26.85 -36.35 5.68
N PHE I 42 -26.31 -35.50 6.55
CA PHE I 42 -25.57 -34.31 6.16
C PHE I 42 -24.26 -34.71 5.48
N SER I 43 -23.84 -33.86 4.52
CA SER I 43 -22.53 -34.06 3.88
C SER I 43 -21.94 -32.71 3.49
N PRO I 44 -20.67 -32.44 3.82
CA PRO I 44 -20.11 -31.09 3.61
C PRO I 44 -19.87 -30.72 2.15
N TYR I 45 -20.84 -30.99 1.28
CA TYR I 45 -20.77 -30.50 -0.10
C TYR I 45 -20.75 -28.98 -0.11
N PRO I 46 -20.32 -28.36 -1.23
CA PRO I 46 -20.35 -26.89 -1.31
C PRO I 46 -21.71 -26.32 -1.00
N ILE I 47 -21.78 -25.45 0.02
CA ILE I 47 -23.06 -24.95 0.52
C ILE I 47 -23.90 -24.30 -0.59
N GLU I 48 -23.25 -23.82 -1.66
CA GLU I 48 -24.01 -23.25 -2.77
C GLU I 48 -24.95 -24.28 -3.41
N LEU I 49 -24.60 -25.56 -3.30
CA LEU I 49 -25.43 -26.61 -3.89
C LEU I 49 -26.70 -26.88 -3.08
N THR I 50 -26.76 -26.42 -1.82
CA THR I 50 -27.97 -26.62 -1.03
C THR I 50 -29.13 -25.78 -1.53
N ASP I 51 -28.86 -24.81 -2.41
CA ASP I 51 -29.87 -23.95 -2.99
C ASP I 51 -30.41 -24.48 -4.31
N GLU I 52 -29.96 -25.66 -4.72
CA GLU I 52 -30.35 -26.26 -5.99
C GLU I 52 -31.41 -27.34 -5.77
N ASP I 53 -32.26 -27.53 -6.79
CA ASP I 53 -33.25 -28.60 -6.75
C ASP I 53 -32.59 -29.94 -7.02
N PHE I 54 -31.77 -30.01 -8.08
CA PHE I 54 -31.08 -31.21 -8.51
C PHE I 54 -29.59 -31.06 -8.30
N ILE I 55 -28.94 -32.13 -7.84
CA ILE I 55 -27.49 -32.24 -7.80
C ILE I 55 -27.11 -33.45 -8.64
N TYR I 56 -26.16 -33.27 -9.55
CA TYR I 56 -25.68 -34.33 -10.41
C TYR I 56 -24.36 -34.88 -9.87
N ILE I 57 -24.23 -36.19 -9.84
CA ILE I 57 -22.98 -36.87 -9.48
C ILE I 57 -22.54 -37.72 -10.65
N ASP I 58 -21.33 -37.45 -11.16
CA ASP I 58 -20.78 -38.26 -12.23
C ASP I 58 -20.67 -39.71 -11.78
N ASP I 59 -20.98 -40.63 -12.69
CA ASP I 59 -21.00 -42.04 -12.31
C ASP I 59 -19.60 -42.67 -12.29
N PHE I 60 -18.60 -41.97 -12.83
CA PHE I 60 -17.23 -42.47 -12.92
C PHE I 60 -16.24 -41.67 -12.08
N THR I 61 -16.35 -40.34 -12.06
CA THR I 61 -15.46 -39.51 -11.28
C THR I 61 -16.11 -39.04 -9.97
N LEU I 62 -17.42 -39.27 -9.80
CA LEU I 62 -18.17 -38.90 -8.62
C LEU I 62 -18.19 -37.39 -8.38
N GLN I 63 -17.87 -36.61 -9.41
CA GLN I 63 -17.89 -35.16 -9.28
C GLN I 63 -19.32 -34.63 -9.18
N TYR I 64 -19.51 -33.60 -8.36
CA TYR I 64 -20.81 -32.99 -8.11
C TYR I 64 -21.03 -31.79 -9.01
N PHE I 65 -22.29 -31.57 -9.38
CA PHE I 65 -22.67 -30.47 -10.26
C PHE I 65 -24.02 -29.92 -9.86
N GLY I 66 -24.13 -28.60 -9.81
CA GLY I 66 -25.40 -27.93 -9.61
C GLY I 66 -25.95 -27.44 -10.93
N SER I 67 -25.06 -27.20 -11.90
CA SER I 67 -25.43 -26.72 -13.21
C SER I 67 -25.50 -27.89 -14.18
N LYS I 68 -26.65 -28.04 -14.84
CA LYS I 68 -26.81 -29.11 -15.82
C LYS I 68 -25.92 -28.88 -17.03
N LYS I 69 -25.63 -27.61 -17.35
CA LYS I 69 -24.77 -27.31 -18.49
C LYS I 69 -23.33 -27.69 -18.22
N GLN I 70 -22.82 -27.38 -17.02
CA GLN I 70 -21.48 -27.80 -16.66
C GLN I 70 -21.36 -29.31 -16.65
N TYR I 71 -22.44 -29.99 -16.24
CA TYR I 71 -22.48 -31.44 -16.28
C TYR I 71 -22.34 -31.95 -17.71
N GLU I 72 -23.09 -31.34 -18.64
CA GLU I 72 -23.02 -31.73 -20.05
C GLU I 72 -21.61 -31.56 -20.60
N ARG I 73 -21.00 -30.38 -20.35
CA ARG I 73 -19.66 -30.13 -20.83
C ARG I 73 -18.66 -31.10 -20.22
N TYR I 74 -18.85 -31.43 -18.94
CA TYR I 74 -17.95 -32.35 -18.25
C TYR I 74 -18.01 -33.75 -18.86
N ARG I 75 -19.22 -34.25 -19.11
CA ARG I 75 -19.37 -35.59 -19.66
C ARG I 75 -18.75 -35.72 -21.04
N LYS I 76 -18.80 -34.65 -21.85
CA LYS I 76 -18.23 -34.71 -23.19
C LYS I 76 -16.72 -34.76 -23.17
N LYS I 77 -16.09 -34.34 -22.07
CA LYS I 77 -14.64 -34.25 -21.97
C LYS I 77 -14.02 -35.28 -21.04
N CYS I 78 -14.83 -36.05 -20.31
CA CYS I 78 -14.34 -37.00 -19.33
C CYS I 78 -14.13 -38.36 -20.00
N THR I 79 -12.89 -38.84 -19.98
CA THR I 79 -12.55 -40.13 -20.57
C THR I 79 -12.45 -41.22 -19.52
N LEU I 80 -12.58 -40.89 -18.24
CA LEU I 80 -12.53 -41.89 -17.18
C LEU I 80 -13.83 -42.68 -17.15
N ARG I 81 -13.71 -44.01 -17.20
CA ARG I 81 -14.87 -44.90 -17.20
C ARG I 81 -14.71 -46.03 -16.18
N HIS I 82 -13.88 -45.81 -15.17
CA HIS I 82 -13.66 -46.78 -14.09
C HIS I 82 -12.92 -46.06 -12.96
N PRO I 83 -12.93 -46.63 -11.75
CA PRO I 83 -12.17 -46.04 -10.64
C PRO I 83 -10.71 -45.83 -11.01
N PRO I 84 -10.14 -44.67 -10.67
CA PRO I 84 -8.76 -44.37 -11.08
C PRO I 84 -7.72 -45.21 -10.36
N GLY I 85 -7.64 -46.49 -10.68
CA GLY I 85 -6.67 -47.34 -10.03
C GLY I 85 -6.58 -48.68 -10.74
N ASN I 86 -5.77 -49.57 -10.16
CA ASN I 86 -5.59 -50.89 -10.73
C ASN I 86 -6.77 -51.79 -10.41
N GLU I 87 -7.21 -52.55 -11.42
CA GLU I 87 -8.21 -53.58 -11.23
C GLU I 87 -7.53 -54.79 -10.61
N ILE I 88 -7.90 -55.12 -9.37
CA ILE I 88 -7.24 -56.19 -8.62
C ILE I 88 -8.10 -57.44 -8.55
N TYR I 89 -9.32 -57.41 -9.09
CA TYR I 89 -10.20 -58.56 -9.07
C TYR I 89 -11.22 -58.41 -10.20
N ARG I 90 -11.57 -59.52 -10.84
CA ARG I 90 -12.59 -59.48 -11.90
C ARG I 90 -13.18 -60.86 -12.10
N ASP I 91 -14.50 -60.97 -11.95
CA ASP I 91 -15.26 -62.12 -12.40
C ASP I 91 -16.34 -61.64 -13.37
N ASP I 92 -17.26 -62.54 -13.73
CA ASP I 92 -18.32 -62.19 -14.67
C ASP I 92 -19.41 -61.33 -14.03
N TYR I 93 -19.32 -61.06 -12.73
CA TYR I 93 -20.32 -60.28 -12.01
C TYR I 93 -19.81 -58.90 -11.63
N VAL I 94 -18.74 -58.84 -10.81
CA VAL I 94 -18.21 -57.57 -10.31
C VAL I 94 -16.70 -57.54 -10.45
N SER I 95 -16.13 -56.34 -10.31
CA SER I 95 -14.69 -56.13 -10.28
C SER I 95 -14.36 -55.23 -9.10
N PHE I 96 -13.12 -55.33 -8.63
CA PHE I 96 -12.62 -54.53 -7.51
C PHE I 96 -11.41 -53.71 -7.94
N PHE I 97 -11.38 -52.45 -7.49
CA PHE I 97 -10.27 -51.52 -7.76
C PHE I 97 -9.68 -51.06 -6.43
N GLU I 98 -8.35 -51.01 -6.36
CA GLU I 98 -7.62 -50.53 -5.19
C GLU I 98 -7.14 -49.12 -5.44
N ILE I 99 -7.57 -48.17 -4.60
CA ILE I 99 -7.26 -46.76 -4.78
C ILE I 99 -6.64 -46.19 -3.51
N ASP I 100 -5.48 -45.56 -3.67
CA ASP I 100 -4.77 -44.90 -2.58
C ASP I 100 -5.29 -43.47 -2.45
N GLY I 101 -5.66 -43.08 -1.22
CA GLY I 101 -6.13 -41.72 -1.00
C GLY I 101 -5.09 -40.67 -1.28
N ARG I 102 -3.82 -40.98 -1.04
CA ARG I 102 -2.75 -40.03 -1.30
C ARG I 102 -2.57 -39.79 -2.79
N LYS I 103 -2.78 -40.83 -3.60
CA LYS I 103 -2.58 -40.72 -5.05
C LYS I 103 -3.80 -40.13 -5.77
N GLN I 104 -5.00 -40.41 -5.30
CA GLN I 104 -6.24 -39.98 -5.95
C GLN I 104 -7.04 -39.08 -5.01
N ARG I 105 -6.53 -37.87 -4.77
CA ARG I 105 -7.15 -36.97 -3.81
C ARG I 105 -8.56 -36.56 -4.24
N THR I 106 -8.70 -36.08 -5.47
CA THR I 106 -9.99 -35.57 -5.92
C THR I 106 -11.06 -36.66 -5.93
N TRP I 107 -10.74 -37.82 -6.50
CA TRP I 107 -11.73 -38.88 -6.60
C TRP I 107 -12.13 -39.40 -5.22
N CYS I 108 -11.14 -39.58 -4.33
CA CYS I 108 -11.47 -40.11 -3.00
C CYS I 108 -12.26 -39.10 -2.18
N ARG I 109 -11.97 -37.80 -2.35
CA ARG I 109 -12.77 -36.78 -1.69
C ARG I 109 -14.22 -36.84 -2.18
N ASN I 110 -14.40 -36.97 -3.49
CA ASN I 110 -15.75 -37.11 -4.04
C ASN I 110 -16.44 -38.36 -3.51
N LEU I 111 -15.69 -39.45 -3.36
CA LEU I 111 -16.27 -40.67 -2.81
C LEU I 111 -16.69 -40.49 -1.36
N CYS I 112 -15.85 -39.81 -0.56
CA CYS I 112 -16.18 -39.57 0.85
C CYS I 112 -17.37 -38.63 0.98
N LEU I 113 -17.45 -37.62 0.13
CA LEU I 113 -18.61 -36.72 0.15
C LEU I 113 -19.87 -37.48 -0.18
N LEU I 114 -19.81 -38.37 -1.18
CA LEU I 114 -20.96 -39.18 -1.55
C LEU I 114 -21.30 -40.16 -0.44
N SER I 115 -20.28 -40.79 0.15
CA SER I 115 -20.50 -41.78 1.19
C SER I 115 -21.08 -41.14 2.45
N LYS I 116 -20.66 -39.92 2.76
CA LYS I 116 -21.15 -39.25 3.97
C LYS I 116 -22.67 -39.06 3.93
N LEU I 117 -23.25 -38.99 2.73
CA LEU I 117 -24.69 -38.84 2.60
C LEU I 117 -25.45 -40.01 3.19
N PHE I 118 -24.81 -41.17 3.31
CA PHE I 118 -25.47 -42.39 3.76
C PHE I 118 -24.78 -43.02 4.95
N LEU I 119 -23.69 -42.42 5.44
CA LEU I 119 -23.01 -42.83 6.65
C LEU I 119 -23.07 -41.66 7.64
N ASP I 120 -23.73 -41.88 8.78
CA ASP I 120 -23.91 -40.82 9.76
C ASP I 120 -22.60 -40.43 10.44
N HIS I 121 -21.74 -41.40 10.73
CA HIS I 121 -20.56 -41.14 11.57
C HIS I 121 -19.24 -41.14 10.82
N THR I 123 -16.32 -39.29 8.98
CA THR I 123 -15.70 -37.99 9.23
C THR I 123 -14.88 -37.50 8.05
N LEU I 124 -15.16 -36.28 7.64
CA LEU I 124 -14.39 -35.61 6.60
C LEU I 124 -13.54 -34.49 7.21
N TYR I 125 -13.26 -34.63 8.51
CA TYR I 125 -12.47 -33.65 9.25
C TYR I 125 -11.06 -33.54 8.68
N TYR I 126 -10.42 -34.68 8.46
CA TYR I 126 -9.10 -34.73 7.85
C TYR I 126 -9.21 -35.20 6.40
N ASP I 127 -8.13 -35.04 5.66
CA ASP I 127 -8.10 -35.40 4.25
C ASP I 127 -8.10 -36.92 4.10
N VAL I 128 -8.14 -37.38 2.84
CA VAL I 128 -8.32 -38.80 2.55
C VAL I 128 -7.00 -39.56 2.46
N ASP I 129 -5.87 -38.90 2.72
CA ASP I 129 -4.55 -39.52 2.60
C ASP I 129 -4.39 -40.84 3.33
N PRO I 130 -4.77 -40.99 4.62
CA PRO I 130 -4.41 -42.22 5.33
C PRO I 130 -5.29 -43.43 5.05
N PHE I 131 -6.11 -43.38 4.00
CA PHE I 131 -7.05 -44.44 3.71
C PHE I 131 -6.82 -45.07 2.34
N LEU I 132 -7.09 -46.37 2.26
CA LEU I 132 -7.18 -47.11 1.01
C LEU I 132 -8.65 -47.38 0.73
N PHE I 133 -9.05 -47.28 -0.53
CA PHE I 133 -10.44 -47.44 -0.94
C PHE I 133 -10.55 -48.61 -1.92
N TYR I 134 -11.26 -49.66 -1.50
CA TYR I 134 -11.51 -50.82 -2.34
C TYR I 134 -12.94 -50.71 -2.88
N CYS I 135 -13.05 -50.47 -4.18
CA CYS I 135 -14.31 -50.10 -4.81
C CYS I 135 -14.81 -51.23 -5.71
N MET I 136 -16.03 -51.68 -5.47
CA MET I 136 -16.64 -52.74 -6.26
C MET I 136 -17.48 -52.12 -7.37
N THR I 137 -17.29 -52.61 -8.59
CA THR I 137 -17.99 -52.08 -9.76
C THR I 137 -18.65 -53.21 -10.54
N ARG I 138 -19.68 -52.86 -11.30
CA ARG I 138 -20.30 -53.74 -12.28
C ARG I 138 -20.03 -53.18 -13.67
N ARG I 139 -19.59 -54.05 -14.58
CA ARG I 139 -19.18 -53.61 -15.91
C ARG I 139 -20.38 -53.51 -16.85
N ASP I 140 -20.25 -52.62 -17.83
CA ASP I 140 -21.33 -52.33 -18.76
C ASP I 140 -20.70 -51.96 -20.10
N GLU I 141 -21.57 -51.68 -21.08
CA GLU I 141 -21.06 -51.20 -22.37
C GLU I 141 -20.39 -49.84 -22.21
N LEU I 142 -20.86 -49.03 -21.24
CA LEU I 142 -20.31 -47.71 -21.02
C LEU I 142 -19.05 -47.74 -20.15
N GLY I 143 -18.90 -48.76 -19.32
CA GLY I 143 -17.73 -48.88 -18.47
C GLY I 143 -18.09 -49.55 -17.16
N HIS I 144 -17.24 -49.30 -16.16
CA HIS I 144 -17.43 -49.84 -14.82
C HIS I 144 -18.25 -48.87 -13.97
N HIS I 145 -19.36 -49.36 -13.42
CA HIS I 145 -20.25 -48.55 -12.60
C HIS I 145 -20.07 -48.90 -11.13
N LEU I 146 -19.65 -47.91 -10.33
CA LEU I 146 -19.47 -48.12 -8.90
C LEU I 146 -20.78 -48.48 -8.22
N VAL I 147 -20.79 -49.60 -7.50
CA VAL I 147 -21.98 -50.03 -6.77
C VAL I 147 -21.78 -49.98 -5.26
N GLY I 148 -20.55 -50.00 -4.78
CA GLY I 148 -20.29 -49.97 -3.35
C GLY I 148 -18.79 -49.99 -3.14
N TYR I 149 -18.40 -49.82 -1.89
CA TYR I 149 -16.97 -49.77 -1.56
C TYR I 149 -16.80 -49.99 -0.08
N PHE I 150 -15.55 -50.21 0.32
CA PHE I 150 -15.17 -50.14 1.72
C PHE I 150 -13.75 -49.56 1.79
N SER I 151 -13.51 -48.72 2.80
CA SER I 151 -12.21 -48.13 3.01
C SER I 151 -11.41 -48.96 4.00
N LYS I 152 -10.13 -48.63 4.14
CA LYS I 152 -9.23 -49.38 5.00
C LYS I 152 -8.06 -48.49 5.39
N GLU I 153 -7.79 -48.40 6.69
CA GLU I 153 -6.65 -47.63 7.15
C GLU I 153 -5.36 -48.29 6.67
N LYS I 154 -4.41 -47.46 6.22
CA LYS I 154 -3.13 -48.00 5.78
C LYS I 154 -2.39 -48.69 6.93
N GLU I 155 -2.42 -48.08 8.12
CA GLU I 155 -1.86 -48.68 9.33
C GLU I 155 -2.86 -48.46 10.46
N SER I 156 -3.62 -49.49 10.80
CA SER I 156 -4.66 -49.41 11.84
C SER I 156 -4.10 -49.96 13.16
N ALA I 157 -4.19 -49.14 14.21
CA ALA I 157 -3.70 -49.56 15.52
C ALA I 157 -4.54 -50.70 16.09
N ASP I 158 -5.86 -50.63 15.88
CA ASP I 158 -6.78 -51.65 16.38
C ASP I 158 -6.93 -52.83 15.44
N GLY I 159 -6.20 -52.85 14.34
CA GLY I 159 -6.25 -53.95 13.41
C GLY I 159 -7.55 -54.05 12.64
N TYR I 160 -8.22 -52.91 12.40
CA TYR I 160 -9.45 -52.93 11.64
C TYR I 160 -9.17 -53.19 10.17
N ASN I 161 -9.89 -54.13 9.58
CA ASN I 161 -9.75 -54.41 8.16
C ASN I 161 -10.74 -53.62 7.32
N VAL I 162 -11.68 -52.93 7.96
CA VAL I 162 -12.66 -52.08 7.30
C VAL I 162 -12.89 -50.85 8.17
N ALA I 163 -12.78 -49.67 7.57
CA ALA I 163 -13.08 -48.43 8.29
C ALA I 163 -14.54 -48.06 8.08
N CYS I 164 -14.89 -47.71 6.84
CA CYS I 164 -16.26 -47.46 6.45
C CYS I 164 -16.62 -48.37 5.26
N ILE I 165 -17.84 -48.90 5.27
CA ILE I 165 -18.31 -49.78 4.21
C ILE I 165 -19.69 -49.30 3.76
N LEU I 166 -19.92 -49.31 2.46
CA LEU I 166 -21.16 -48.75 1.92
C LEU I 166 -21.53 -49.43 0.61
N THR I 167 -22.81 -49.81 0.50
CA THR I 167 -23.43 -50.20 -0.76
C THR I 167 -24.36 -49.07 -1.17
N LEU I 168 -24.21 -48.59 -2.40
CA LEU I 168 -25.01 -47.44 -2.83
C LEU I 168 -26.50 -47.76 -2.78
N PRO I 169 -27.33 -46.83 -2.31
CA PRO I 169 -28.74 -47.13 -2.07
C PRO I 169 -29.48 -47.65 -3.28
N GLN I 170 -29.12 -47.22 -4.49
CA GLN I 170 -29.79 -47.70 -5.69
C GLN I 170 -29.39 -49.13 -6.05
N TYR I 171 -28.39 -49.67 -5.35
CA TYR I 171 -27.91 -51.03 -5.59
C TYR I 171 -28.01 -51.89 -4.34
N GLN I 172 -28.70 -51.42 -3.30
CA GLN I 172 -28.79 -52.13 -2.04
C GLN I 172 -29.81 -53.27 -2.12
N ARG I 173 -29.72 -54.18 -1.14
CA ARG I 173 -30.60 -55.35 -1.05
C ARG I 173 -30.51 -56.24 -2.28
N MET I 174 -29.33 -56.25 -2.92
CA MET I 174 -29.06 -57.08 -4.08
C MET I 174 -27.93 -58.07 -3.84
N GLY I 175 -27.44 -58.17 -2.61
CA GLY I 175 -26.36 -59.06 -2.25
C GLY I 175 -24.98 -58.47 -2.47
N TYR I 176 -24.89 -57.20 -2.86
CA TYR I 176 -23.59 -56.56 -3.04
C TYR I 176 -22.87 -56.40 -1.71
N GLY I 177 -23.61 -56.09 -0.65
CA GLY I 177 -23.00 -55.94 0.67
C GLY I 177 -22.26 -57.18 1.12
N LYS I 178 -22.80 -58.36 0.79
CA LYS I 178 -22.11 -59.59 1.15
C LYS I 178 -20.78 -59.70 0.43
N LEU I 179 -20.76 -59.35 -0.87
CA LEU I 179 -19.53 -59.43 -1.64
C LEU I 179 -18.47 -58.46 -1.11
N LEU I 180 -18.91 -57.30 -0.60
CA LEU I 180 -17.97 -56.35 -0.01
C LEU I 180 -17.29 -56.95 1.21
N ILE I 181 -18.08 -57.57 2.09
CA ILE I 181 -17.53 -58.14 3.32
C ILE I 181 -16.63 -59.34 3.00
N GLU I 182 -17.02 -60.17 2.03
CA GLU I 182 -16.17 -61.30 1.64
C GLU I 182 -14.82 -60.80 1.18
N PHE I 183 -14.80 -59.80 0.29
CA PHE I 183 -13.55 -59.31 -0.25
C PHE I 183 -12.68 -58.68 0.84
N SER I 184 -13.30 -58.06 1.84
CA SER I 184 -12.53 -57.43 2.91
C SER I 184 -11.74 -58.47 3.69
N TYR I 185 -12.32 -59.66 3.89
CA TYR I 185 -11.61 -60.72 4.59
C TYR I 185 -10.64 -61.44 3.67
N GLU I 186 -10.93 -61.49 2.37
CA GLU I 186 -9.98 -62.08 1.44
C GLU I 186 -8.70 -61.28 1.40
N LEU I 187 -8.78 -59.97 1.64
CA LEU I 187 -7.58 -59.15 1.77
C LEU I 187 -6.84 -59.51 3.06
N SER I 188 -7.59 -59.71 4.14
CA SER I 188 -6.97 -60.08 5.41
C SER I 188 -6.34 -61.45 5.33
N LYS I 189 -6.97 -62.38 4.59
CA LYS I 189 -6.39 -63.71 4.42
C LYS I 189 -5.13 -63.65 3.58
N LYS I 190 -5.11 -62.79 2.56
CA LYS I 190 -3.92 -62.62 1.74
C LYS I 190 -2.83 -61.87 2.50
N GLU I 191 -3.19 -61.14 3.55
CA GLU I 191 -2.25 -60.44 4.40
C GLU I 191 -1.79 -61.29 5.57
N ASN I 192 -2.34 -62.50 5.70
CA ASN I 192 -2.07 -63.40 6.82
C ASN I 192 -2.34 -62.73 8.16
N LYS I 193 -3.43 -61.95 8.21
CA LYS I 193 -3.83 -61.24 9.41
C LYS I 193 -5.32 -61.46 9.66
N VAL I 194 -5.71 -61.31 10.93
CA VAL I 194 -7.12 -61.33 11.31
C VAL I 194 -7.62 -59.91 11.30
N GLY I 195 -8.93 -59.74 11.08
CA GLY I 195 -9.49 -58.40 10.96
C GLY I 195 -10.93 -58.36 11.40
N SER I 196 -11.35 -57.16 11.79
CA SER I 196 -12.72 -56.91 12.20
C SER I 196 -13.09 -55.51 11.75
N PRO I 197 -14.34 -55.27 11.37
CA PRO I 197 -14.73 -53.94 10.93
C PRO I 197 -14.62 -52.96 12.10
N GLN I 198 -14.42 -51.68 11.77
CA GLN I 198 -14.33 -50.65 12.80
C GLN I 198 -15.52 -50.73 13.73
N LYS I 199 -15.25 -50.81 15.03
CA LYS I 199 -16.22 -51.43 15.94
C LYS I 199 -17.49 -50.63 16.17
N PRO I 200 -17.54 -49.23 15.99
CA PRO I 200 -18.87 -48.61 16.18
C PRO I 200 -19.68 -48.81 14.90
N LEU I 201 -20.39 -49.94 14.85
CA LEU I 201 -21.13 -50.32 13.65
C LEU I 201 -22.52 -49.71 13.64
N SER I 202 -22.98 -49.35 12.45
CA SER I 202 -24.33 -48.83 12.32
C SER I 202 -25.34 -49.96 12.53
N ASP I 203 -26.61 -49.57 12.63
CA ASP I 203 -27.66 -50.57 12.80
C ASP I 203 -27.77 -51.46 11.57
N LEU I 204 -27.79 -50.84 10.38
CA LEU I 204 -27.85 -51.61 9.15
C LEU I 204 -26.55 -52.37 8.90
N GLY I 205 -25.41 -51.79 9.29
CA GLY I 205 -24.15 -52.46 9.11
C GLY I 205 -23.98 -53.66 10.02
N LEU I 206 -24.41 -53.53 11.27
CA LEU I 206 -24.34 -54.64 12.21
C LEU I 206 -25.13 -55.84 11.70
N LEU I 207 -26.33 -55.60 11.16
CA LEU I 207 -27.16 -56.68 10.66
C LEU I 207 -26.45 -57.46 9.55
N SER I 208 -25.69 -56.75 8.71
CA SER I 208 -25.03 -57.40 7.57
C SER I 208 -23.79 -58.20 8.00
N TYR I 209 -23.06 -57.71 9.01
CA TYR I 209 -21.89 -58.45 9.47
C TYR I 209 -22.28 -59.69 10.26
N ARG I 210 -23.33 -59.60 11.08
CA ARG I 210 -23.83 -60.78 11.78
C ARG I 210 -24.26 -61.85 10.79
N ALA I 211 -24.84 -61.43 9.66
CA ALA I 211 -25.29 -62.38 8.65
C ALA I 211 -24.10 -63.04 7.94
N TYR I 212 -23.06 -62.26 7.65
CA TYR I 212 -21.87 -62.84 7.01
C TYR I 212 -21.15 -63.78 7.97
N TRP I 213 -20.98 -63.35 9.22
CA TRP I 213 -20.27 -64.18 10.19
C TRP I 213 -20.99 -65.50 10.42
N SER I 214 -22.32 -65.46 10.51
CA SER I 214 -23.10 -66.68 10.68
C SER I 214 -22.97 -67.58 9.45
N ASP I 215 -23.14 -67.02 8.26
CA ASP I 215 -23.11 -67.82 7.04
C ASP I 215 -21.77 -68.51 6.83
N THR I 216 -20.67 -67.80 7.06
CA THR I 216 -19.36 -68.41 6.83
C THR I 216 -19.02 -69.42 7.92
N LEU I 217 -19.42 -69.15 9.16
CA LEU I 217 -19.15 -70.09 10.25
C LEU I 217 -19.93 -71.38 10.06
N ILE I 218 -21.21 -71.28 9.70
CA ILE I 218 -22.03 -72.47 9.47
C ILE I 218 -21.49 -73.26 8.30
N THR I 219 -21.05 -72.57 7.25
CA THR I 219 -20.50 -73.25 6.08
C THR I 219 -19.18 -73.93 6.41
N LEU I 220 -18.34 -73.27 7.21
CA LEU I 220 -17.05 -73.84 7.55
C LEU I 220 -17.21 -75.08 8.42
N LEU I 221 -18.07 -75.01 9.44
CA LEU I 221 -18.22 -76.12 10.37
C LEU I 221 -18.74 -77.37 9.68
N VAL I 222 -19.79 -77.23 8.86
CA VAL I 222 -20.38 -78.38 8.20
C VAL I 222 -19.42 -78.96 7.17
N GLU I 223 -18.86 -78.10 6.31
CA GLU I 223 -17.95 -78.62 5.28
C GLU I 223 -16.66 -79.16 5.87
N HIS I 224 -16.17 -78.57 6.96
CA HIS I 224 -14.99 -79.10 7.62
C HIS I 224 -15.23 -80.53 8.08
N GLN I 225 -16.40 -80.78 8.70
CA GLN I 225 -16.82 -82.11 9.14
C GLN I 225 -15.95 -82.65 10.27
N LYS I 226 -15.26 -81.76 10.99
CA LYS I 226 -14.32 -82.17 12.03
C LYS I 226 -14.37 -81.14 13.15
N GLU I 227 -13.94 -81.55 14.34
CA GLU I 227 -13.83 -80.59 15.44
C GLU I 227 -12.77 -79.57 15.06
N ILE I 228 -13.02 -78.31 15.37
CA ILE I 228 -12.11 -77.25 14.97
C ILE I 228 -11.85 -76.31 16.14
N THR I 229 -10.60 -75.84 16.24
CA THR I 229 -10.21 -74.92 17.29
C THR I 229 -10.64 -73.50 16.92
N ILE I 230 -10.81 -72.67 17.96
CA ILE I 230 -11.09 -71.26 17.74
C ILE I 230 -9.96 -70.62 16.94
N ASP I 231 -8.72 -70.92 17.30
CA ASP I 231 -7.57 -70.36 16.60
C ASP I 231 -7.47 -70.89 15.18
N GLU I 232 -7.99 -72.10 14.94
CA GLU I 232 -7.97 -72.66 13.59
C GLU I 232 -9.07 -72.06 12.72
N ILE I 233 -10.22 -71.71 13.31
CA ILE I 233 -11.25 -71.02 12.56
C ILE I 233 -10.77 -69.62 12.20
N SER I 234 -10.16 -68.94 13.18
CA SER I 234 -9.62 -67.60 12.96
C SER I 234 -8.54 -67.61 11.88
N SER I 235 -7.83 -68.74 11.73
CA SER I 235 -6.79 -68.83 10.72
C SER I 235 -7.36 -69.02 9.32
N MET I 236 -8.50 -69.71 9.21
CA MET I 236 -9.08 -70.01 7.89
C MET I 236 -10.01 -68.91 7.39
N THR I 237 -10.58 -68.10 8.29
CA THR I 237 -11.54 -67.09 7.89
C THR I 237 -11.08 -65.67 8.17
N SER I 238 -9.94 -65.49 8.83
CA SER I 238 -9.39 -64.20 9.24
C SER I 238 -10.33 -63.43 10.17
N MET I 239 -11.32 -64.11 10.75
CA MET I 239 -12.19 -63.49 11.74
C MET I 239 -11.50 -63.48 13.09
N THR I 240 -11.67 -62.39 13.83
CA THR I 240 -11.11 -62.33 15.17
C THR I 240 -11.83 -63.30 16.10
N THR I 241 -11.12 -63.74 17.14
CA THR I 241 -11.73 -64.66 18.10
C THR I 241 -12.95 -64.04 18.75
N THR I 242 -12.94 -62.71 18.96
CA THR I 242 -14.09 -62.04 19.53
C THR I 242 -15.33 -62.23 18.66
N ASP I 243 -15.20 -62.00 17.36
CA ASP I 243 -16.33 -62.14 16.45
C ASP I 243 -16.77 -63.60 16.34
N ILE I 244 -15.83 -64.54 16.40
CA ILE I 244 -16.18 -65.95 16.27
C ILE I 244 -16.98 -66.43 17.48
N LEU I 245 -16.50 -66.12 18.69
CA LEU I 245 -17.20 -66.53 19.90
C LEU I 245 -18.59 -65.92 19.96
N HIS I 246 -18.71 -64.62 19.66
CA HIS I 246 -20.01 -63.96 19.68
C HIS I 246 -20.95 -64.58 18.65
N THR I 247 -20.41 -64.97 17.49
CA THR I 247 -21.25 -65.61 16.48
C THR I 247 -21.73 -66.97 16.96
N ALA I 248 -20.87 -67.70 17.69
CA ALA I 248 -21.26 -68.99 18.21
C ALA I 248 -22.31 -68.85 19.32
N LYS I 249 -22.15 -67.84 20.18
CA LYS I 249 -23.14 -67.62 21.23
C LYS I 249 -24.50 -67.30 20.64
N THR I 250 -24.53 -66.54 19.54
CA THR I 250 -25.79 -66.23 18.88
C THR I 250 -26.45 -67.49 18.34
N LEU I 251 -25.64 -68.40 17.81
CA LEU I 251 -26.14 -69.67 17.26
C LEU I 251 -26.34 -70.73 18.34
N ASN I 252 -26.06 -70.40 19.61
CA ASN I 252 -26.22 -71.31 20.73
C ASN I 252 -25.42 -72.60 20.56
N ILE I 253 -24.18 -72.46 20.06
CA ILE I 253 -23.33 -73.62 19.83
C ILE I 253 -21.98 -73.49 20.56
N LEU I 254 -21.90 -72.65 21.59
CA LEU I 254 -20.66 -72.45 22.33
C LEU I 254 -20.81 -72.96 23.76
N ARG I 255 -19.77 -73.65 24.24
CA ARG I 255 -19.71 -74.15 25.62
C ARG I 255 -18.31 -73.94 26.17
N TYR I 256 -18.21 -73.96 27.50
CA TYR I 256 -16.96 -73.71 28.23
C TYR I 256 -16.53 -74.97 28.96
N TYR I 257 -15.31 -75.44 28.68
CA TYR I 257 -14.77 -76.65 29.31
C TYR I 257 -13.29 -76.49 29.58
N LYS I 258 -12.89 -76.63 30.85
CA LYS I 258 -11.49 -76.65 31.27
C LYS I 258 -10.76 -75.37 30.85
N GLY I 259 -11.45 -74.22 30.97
CA GLY I 259 -10.83 -72.95 30.68
C GLY I 259 -10.72 -72.60 29.21
N GLN I 260 -11.39 -73.34 28.33
CA GLN I 260 -11.32 -73.09 26.90
C GLN I 260 -12.69 -73.28 26.28
N HIS I 261 -12.94 -72.51 25.21
CA HIS I 261 -14.20 -72.55 24.48
C HIS I 261 -14.19 -73.63 23.42
N ILE I 262 -15.33 -74.31 23.25
CA ILE I 262 -15.50 -75.39 22.28
C ILE I 262 -16.78 -75.17 21.49
N ILE I 263 -16.70 -75.33 20.17
CA ILE I 263 -17.84 -75.18 19.26
C ILE I 263 -18.23 -76.55 18.72
N PHE I 264 -19.53 -76.88 18.79
CA PHE I 264 -20.05 -78.15 18.31
C PHE I 264 -21.06 -77.92 17.18
N LEU I 265 -21.76 -78.99 16.80
CA LEU I 265 -22.78 -78.97 15.75
C LEU I 265 -24.07 -79.58 16.25
N ASN I 266 -25.20 -78.99 15.86
CA ASN I 266 -26.51 -79.53 16.21
C ASN I 266 -27.43 -79.64 15.00
N GLU I 267 -28.72 -79.88 15.25
CA GLU I 267 -29.70 -79.96 14.18
C GLU I 267 -29.88 -78.60 13.51
N ASP I 268 -29.81 -77.53 14.30
CA ASP I 268 -30.05 -76.19 13.79
C ASP I 268 -29.01 -75.79 12.74
N ILE I 269 -27.73 -76.02 13.03
CA ILE I 269 -26.66 -75.63 12.12
C ILE I 269 -26.79 -76.39 10.80
N LEU I 270 -27.03 -77.70 10.86
CA LEU I 270 -27.17 -78.49 9.65
C LEU I 270 -28.39 -78.04 8.84
N ASP I 271 -29.44 -77.60 9.53
CA ASP I 271 -30.62 -77.09 8.84
C ASP I 271 -30.34 -75.76 8.18
N ARG I 272 -29.62 -74.87 8.87
CA ARG I 272 -29.27 -73.57 8.29
C ARG I 272 -28.38 -73.74 7.07
N TYR I 273 -27.49 -74.73 7.09
CA TYR I 273 -26.57 -74.94 5.98
C TYR I 273 -27.30 -75.37 4.71
N ASN I 274 -28.36 -76.16 4.85
CA ASN I 274 -29.09 -76.63 3.67
C ASN I 274 -29.79 -75.48 2.96
N ARG I 275 -30.52 -74.65 3.72
CA ARG I 275 -31.23 -73.52 3.13
C ARG I 275 -30.27 -72.50 2.56
N LEU I 276 -29.09 -72.33 3.18
CA LEU I 276 -28.11 -71.36 2.71
C LEU I 276 -27.58 -71.77 1.34
N LYS I 277 -27.25 -73.04 1.16
CA LYS I 277 -26.70 -73.51 -0.10
C LYS I 277 -27.73 -73.41 -1.22
N ALA I 278 -29.01 -73.59 -0.89
CA ALA I 278 -30.07 -73.50 -1.89
C ALA I 278 -30.23 -72.09 -2.46
N LYS I 279 -29.78 -71.07 -1.71
CA LYS I 279 -29.94 -69.69 -2.15
C LYS I 279 -29.13 -69.39 -3.40
N LYS I 280 -28.00 -70.08 -3.60
CA LYS I 280 -27.16 -69.91 -4.79
C LYS I 280 -26.66 -68.47 -4.92
N ARG I 281 -26.08 -67.97 -3.83
CA ARG I 281 -25.57 -66.61 -3.78
C ARG I 281 -24.25 -66.46 -4.54
N ARG I 282 -24.03 -65.27 -5.07
CA ARG I 282 -22.75 -64.92 -5.68
C ARG I 282 -21.66 -64.87 -4.61
N THR I 283 -20.45 -65.27 -4.97
CA THR I 283 -19.34 -65.28 -4.02
C THR I 283 -18.06 -64.78 -4.68
N ILE I 284 -17.10 -64.43 -3.83
CA ILE I 284 -15.78 -63.98 -4.27
C ILE I 284 -14.90 -65.19 -4.57
N ASP I 285 -14.29 -65.20 -5.76
CA ASP I 285 -13.40 -66.29 -6.14
C ASP I 285 -11.96 -65.92 -5.84
N PRO I 286 -11.34 -66.49 -4.80
CA PRO I 286 -9.98 -66.06 -4.43
C PRO I 286 -8.95 -66.24 -5.53
N ASN I 287 -9.17 -67.15 -6.48
CA ASN I 287 -8.23 -67.37 -7.56
C ASN I 287 -8.20 -66.22 -8.55
N ARG I 288 -9.24 -65.40 -8.58
CA ARG I 288 -9.31 -64.26 -9.49
C ARG I 288 -8.82 -62.97 -8.86
N LEU I 289 -8.35 -63.02 -7.61
CA LEU I 289 -7.79 -61.88 -6.90
C LEU I 289 -6.29 -61.84 -7.14
N ILE I 290 -5.84 -60.95 -8.03
CA ILE I 290 -4.43 -60.73 -8.31
C ILE I 290 -4.01 -59.50 -7.50
N TRP I 291 -3.46 -59.70 -6.31
CA TRP I 291 -3.22 -58.58 -5.40
C TRP I 291 -2.16 -58.95 -4.36
N LYS I 292 -1.20 -58.04 -4.15
CA LYS I 292 -0.21 -58.14 -3.08
C LYS I 292 -0.32 -56.93 -2.14
N PRO I 293 -0.21 -57.15 -0.84
CA PRO I 293 -0.36 -56.05 0.16
C PRO I 293 0.59 -54.89 -0.09
N PRO I 294 0.06 -53.66 -0.15
CA PRO I 294 0.92 -52.49 -0.35
C PRO I 294 1.93 -52.31 0.77
N VAL I 295 3.12 -51.83 0.41
CA VAL I 295 4.21 -51.60 1.35
C VAL I 295 4.42 -50.10 1.50
N PHE I 296 4.16 -49.59 2.71
CA PHE I 296 4.35 -48.19 3.05
C PHE I 296 5.58 -48.02 3.95
N THR I 297 6.44 -47.08 3.58
CA THR I 297 7.67 -46.82 4.34
C THR I 297 7.41 -45.90 5.52
N LEU J 5 -8.24 -33.67 -68.30
CA LEU J 5 -7.67 -32.37 -68.67
C LEU J 5 -6.25 -32.21 -68.13
N LYS J 6 -5.90 -30.97 -67.78
CA LYS J 6 -4.62 -30.72 -67.11
C LYS J 6 -4.59 -31.29 -65.70
N SER J 7 -5.76 -31.48 -65.08
CA SER J 7 -5.84 -32.20 -63.81
C SER J 7 -5.11 -33.54 -63.87
N TYR J 8 -5.07 -34.16 -65.04
CA TYR J 8 -4.41 -35.45 -65.19
C TYR J 8 -2.90 -35.32 -64.97
N GLU J 9 -2.30 -34.22 -65.44
CA GLU J 9 -0.89 -33.99 -65.21
C GLU J 9 -0.61 -33.64 -63.75
N ALA J 10 -1.53 -32.92 -63.11
CA ALA J 10 -1.36 -32.56 -61.70
C ALA J 10 -1.42 -33.81 -60.82
N LEU J 11 -2.39 -34.69 -61.11
CA LEU J 11 -2.51 -35.94 -60.35
C LEU J 11 -1.28 -36.81 -60.54
N LYS J 12 -0.69 -36.77 -61.75
CA LYS J 12 0.48 -37.59 -62.05
C LYS J 12 1.71 -37.12 -61.28
N ALA J 13 1.79 -35.84 -60.97
CA ALA J 13 2.95 -35.29 -60.28
C ALA J 13 2.86 -35.45 -58.77
N GLU J 14 1.66 -35.35 -58.20
CA GLU J 14 1.48 -35.49 -56.78
C GLU J 14 1.30 -36.94 -56.35
N LEU J 15 1.20 -37.87 -57.30
CA LEU J 15 1.17 -39.29 -56.95
C LEU J 15 2.59 -39.84 -56.87
N LYS J 16 3.49 -39.32 -57.71
CA LYS J 16 4.91 -39.62 -57.54
C LYS J 16 5.43 -39.01 -56.25
N LYS J 17 4.80 -37.91 -55.83
CA LYS J 17 5.17 -37.24 -54.59
C LYS J 17 4.74 -38.07 -53.38
N SER J 18 3.59 -38.73 -53.48
CA SER J 18 3.06 -39.54 -52.38
C SER J 18 3.71 -40.91 -52.32
N LEU J 19 4.09 -41.47 -53.47
CA LEU J 19 4.80 -42.76 -53.47
C LEU J 19 6.18 -42.63 -52.87
N GLN J 20 6.83 -41.48 -53.07
CA GLN J 20 8.13 -41.25 -52.47
C GLN J 20 8.01 -41.15 -50.96
N ASP J 21 6.98 -40.46 -50.46
CA ASP J 21 6.79 -40.36 -49.02
C ASP J 21 6.57 -41.73 -48.39
N ARG J 22 5.72 -42.56 -49.01
CA ARG J 22 5.53 -43.92 -48.50
C ARG J 22 6.86 -44.67 -48.48
N ARG J 23 7.67 -44.49 -49.52
CA ARG J 23 9.01 -45.07 -49.57
C ARG J 23 9.83 -44.59 -48.37
N GLU J 24 9.74 -43.30 -48.04
CA GLU J 24 10.45 -42.76 -46.89
C GLU J 24 9.92 -43.32 -45.57
N GLN J 25 8.59 -43.42 -45.45
CA GLN J 25 8.00 -43.92 -44.21
C GLN J 25 8.35 -45.39 -43.96
N GLU J 26 8.42 -46.19 -45.02
CA GLU J 26 8.80 -47.60 -44.84
C GLU J 26 10.26 -47.72 -44.40
N ASP J 27 11.12 -46.84 -44.91
CA ASP J 27 12.54 -46.91 -44.57
C ASP J 27 12.77 -46.51 -43.11
N THR J 28 12.18 -45.40 -42.67
CA THR J 28 12.34 -44.99 -41.29
C THR J 28 11.65 -45.96 -40.33
N PHE J 29 10.61 -46.65 -40.79
CA PHE J 29 9.98 -47.67 -39.96
C PHE J 29 10.93 -48.82 -39.69
N ASP J 30 11.61 -49.30 -40.73
CA ASP J 30 12.55 -50.40 -40.56
C ASP J 30 13.68 -50.02 -39.60
N ASN J 31 14.15 -48.77 -39.69
CA ASN J 31 15.20 -48.30 -38.80
C ASN J 31 14.73 -48.29 -37.35
N LEU J 32 13.53 -47.74 -37.11
CA LEU J 32 12.99 -47.69 -35.76
C LEU J 32 12.84 -49.08 -35.16
N GLN J 33 12.33 -50.03 -35.95
CA GLN J 33 12.22 -51.41 -35.47
C GLN J 33 13.56 -51.93 -34.99
N GLN J 34 14.62 -51.70 -35.79
CA GLN J 34 15.95 -52.16 -35.43
C GLN J 34 16.49 -51.41 -34.22
N GLU J 35 16.31 -50.09 -34.17
CA GLU J 35 16.81 -49.31 -33.05
C GLU J 35 16.15 -49.73 -31.74
N ILE J 36 14.85 -50.04 -31.78
CA ILE J 36 14.16 -50.51 -30.58
C ILE J 36 14.80 -51.78 -30.07
N TYR J 37 15.05 -52.74 -30.96
CA TYR J 37 15.69 -53.99 -30.55
C TYR J 37 17.08 -53.74 -30.00
N ASP J 38 17.84 -52.84 -30.62
CA ASP J 38 19.19 -52.55 -30.14
C ASP J 38 19.16 -51.85 -28.79
N LYS J 39 18.24 -50.89 -28.61
CA LYS J 39 18.14 -50.20 -27.33
C LYS J 39 17.73 -51.16 -26.21
N GLU J 40 16.87 -52.14 -26.53
CA GLU J 40 16.53 -53.15 -25.53
C GLU J 40 17.76 -53.93 -25.09
N THR J 41 18.65 -54.23 -26.04
CA THR J 41 19.86 -54.97 -25.71
C THR J 41 20.82 -54.11 -24.89
N GLU J 42 21.02 -52.86 -25.32
CA GLU J 42 21.96 -51.98 -24.63
C GLU J 42 21.51 -51.66 -23.21
N TYR J 43 20.25 -51.25 -23.05
CA TYR J 43 19.77 -50.77 -21.76
C TYR J 43 19.48 -51.89 -20.77
N PHE J 44 19.18 -53.10 -21.26
CA PHE J 44 18.72 -54.18 -20.39
C PHE J 44 19.64 -55.40 -20.42
N SER J 45 20.94 -55.18 -20.60
CA SER J 45 21.91 -56.28 -20.57
C SER J 45 23.29 -55.77 -20.18
N SER J 66 19.21 -54.17 -11.19
CA SER J 66 18.85 -53.37 -10.03
C SER J 66 17.44 -52.79 -10.17
N GLY J 67 17.35 -51.65 -10.85
CA GLY J 67 16.07 -51.01 -11.11
C GLY J 67 15.78 -50.98 -12.59
N ASN J 68 14.58 -51.38 -13.00
CA ASN J 68 14.27 -51.45 -14.42
C ASN J 68 12.80 -51.17 -14.68
N ILE J 69 12.53 -50.63 -15.87
CA ILE J 69 11.16 -50.51 -16.34
C ILE J 69 10.59 -51.88 -16.68
N ILE J 70 11.47 -52.87 -16.81
CA ILE J 70 11.04 -54.23 -17.09
C ILE J 70 10.74 -55.01 -15.81
N LYS J 71 11.46 -54.72 -14.73
CA LYS J 71 11.42 -55.55 -13.52
C LYS J 71 10.72 -54.90 -12.34
N GLY J 72 10.74 -53.57 -12.20
CA GLY J 72 9.96 -52.99 -11.14
C GLY J 72 10.52 -51.78 -10.41
N PHE J 73 11.73 -51.34 -10.77
CA PHE J 73 12.38 -50.15 -10.21
C PHE J 73 12.72 -50.28 -8.72
N ASP J 74 12.38 -51.40 -8.09
CA ASP J 74 12.64 -51.57 -6.66
C ASP J 74 13.71 -52.63 -6.42
N PHE J 88 18.74 -61.11 -18.39
CA PHE J 88 17.71 -60.66 -19.34
C PHE J 88 17.07 -61.87 -20.01
N ASN J 89 16.20 -61.62 -20.98
CA ASN J 89 15.48 -62.68 -21.67
C ASN J 89 14.83 -62.12 -22.92
N ASN J 90 14.67 -62.99 -23.93
CA ASN J 90 14.04 -62.57 -25.18
C ASN J 90 12.54 -62.35 -25.01
N ASN J 91 11.95 -62.81 -23.92
CA ASN J 91 10.55 -62.60 -23.64
C ASN J 91 10.30 -61.31 -22.86
N ASP J 92 11.36 -60.65 -22.42
CA ASP J 92 11.28 -59.39 -21.71
C ASP J 92 11.38 -58.19 -22.66
N ARG J 93 11.44 -58.44 -23.96
CA ARG J 93 11.49 -57.39 -24.97
C ARG J 93 10.10 -56.84 -25.26
N ILE J 94 9.50 -56.26 -24.23
CA ILE J 94 8.11 -55.80 -24.31
C ILE J 94 7.92 -54.71 -25.35
N PHE J 95 8.98 -53.98 -25.71
CA PHE J 95 8.85 -52.93 -26.71
C PHE J 95 8.82 -53.50 -28.11
N SER J 96 9.73 -54.44 -28.41
CA SER J 96 9.75 -55.06 -29.73
C SER J 96 8.54 -55.96 -29.92
N LEU J 97 8.08 -56.64 -28.86
CA LEU J 97 6.93 -57.52 -28.96
C LEU J 97 5.63 -56.76 -29.17
N SER J 98 5.67 -55.43 -29.08
CA SER J 98 4.50 -54.61 -29.39
C SER J 98 4.25 -54.57 -30.89
N SER J 99 5.29 -54.85 -31.67
CA SER J 99 5.18 -54.95 -33.12
C SER J 99 4.85 -56.39 -33.50
N ALA J 100 3.75 -56.56 -34.25
CA ALA J 100 3.42 -57.91 -34.71
C ALA J 100 4.30 -58.29 -35.89
N THR J 101 4.99 -57.32 -36.48
CA THR J 101 5.97 -57.61 -37.53
C THR J 101 7.20 -58.27 -36.92
N TYR J 102 7.58 -57.85 -35.72
CA TYR J 102 8.69 -58.47 -35.02
C TYR J 102 8.32 -59.86 -34.54
N VAL J 103 7.05 -60.09 -34.23
CA VAL J 103 6.61 -61.41 -33.79
C VAL J 103 6.68 -62.40 -34.95
N LYS J 104 6.30 -61.96 -36.16
CA LYS J 104 6.39 -62.83 -37.33
C LYS J 104 7.84 -63.21 -37.61
N GLN J 105 8.76 -62.26 -37.51
CA GLN J 105 10.18 -62.54 -37.76
C GLN J 105 10.71 -63.55 -36.77
N GLN J 106 10.41 -63.35 -35.48
CA GLN J 106 10.94 -64.23 -34.43
C GLN J 106 10.37 -65.65 -34.53
N HIS J 107 9.20 -65.81 -35.13
CA HIS J 107 8.57 -67.12 -35.27
C HIS J 107 8.68 -67.63 -36.70
N THR K 3 -35.13 -46.87 5.36
CA THR K 3 -34.09 -46.14 4.62
C THR K 3 -34.67 -45.43 3.40
N PRO K 4 -34.29 -44.15 3.20
CA PRO K 4 -34.85 -43.36 2.09
C PRO K 4 -34.68 -43.98 0.72
N ASP K 5 -35.49 -43.53 -0.24
CA ASP K 5 -35.64 -44.19 -1.52
C ASP K 5 -34.44 -43.94 -2.42
N ALA K 6 -34.21 -44.89 -3.33
CA ALA K 6 -33.22 -44.73 -4.40
C ALA K 6 -33.55 -45.67 -5.55
N SER K 7 -34.61 -45.33 -6.30
CA SER K 7 -35.01 -46.16 -7.44
C SER K 7 -35.58 -45.33 -8.58
N MET K 8 -35.36 -44.01 -8.60
CA MET K 8 -35.88 -43.14 -9.63
C MET K 8 -34.88 -43.05 -10.78
N THR K 9 -35.39 -43.12 -12.01
CA THR K 9 -34.56 -43.19 -13.20
C THR K 9 -34.54 -41.83 -13.91
N TRP K 10 -33.39 -41.51 -14.48
CA TRP K 10 -33.19 -40.25 -15.21
C TRP K 10 -33.39 -40.50 -16.70
N ASN K 11 -34.13 -39.59 -17.36
CA ASN K 11 -34.51 -39.82 -18.75
C ASN K 11 -33.43 -39.37 -19.74
N GLU K 12 -32.67 -38.34 -19.41
CA GLU K 12 -31.62 -37.84 -20.30
C GLU K 12 -30.30 -38.56 -20.12
N TYR K 13 -30.31 -39.73 -19.45
CA TYR K 13 -29.08 -40.45 -19.18
C TYR K 13 -28.35 -40.83 -20.47
N ASP K 14 -29.09 -41.27 -21.49
CA ASP K 14 -28.47 -41.71 -22.73
C ASP K 14 -27.81 -40.57 -23.48
N LYS K 15 -28.21 -39.32 -23.22
CA LYS K 15 -27.55 -38.19 -23.85
C LYS K 15 -26.23 -37.86 -23.16
N PHE K 16 -26.19 -37.95 -21.84
CA PHE K 16 -25.00 -37.58 -21.09
C PHE K 16 -23.96 -38.70 -21.03
N TYR K 17 -24.37 -39.94 -21.28
CA TYR K 17 -23.49 -41.10 -21.17
C TYR K 17 -23.49 -41.85 -22.49
N THR K 18 -22.57 -41.48 -23.38
CA THR K 18 -22.41 -42.12 -24.68
C THR K 18 -21.00 -42.70 -24.78
N GLY K 19 -20.83 -43.57 -25.77
CA GLY K 19 -19.56 -44.23 -26.03
C GLY K 19 -19.57 -45.67 -25.57
N SER K 20 -18.39 -46.29 -25.70
CA SER K 20 -18.22 -47.69 -25.34
C SER K 20 -16.83 -47.88 -24.75
N PHE K 21 -16.76 -48.60 -23.63
CA PHE K 21 -15.51 -48.94 -22.99
C PHE K 21 -15.23 -50.42 -23.24
N GLN K 22 -14.13 -50.69 -23.94
CA GLN K 22 -13.79 -52.05 -24.33
C GLN K 22 -12.98 -52.74 -23.24
N GLU K 23 -13.42 -53.93 -22.85
CA GLU K 23 -12.74 -54.70 -21.81
C GLU K 23 -11.47 -55.34 -22.36
N THR K 24 -10.41 -55.32 -21.55
CA THR K 24 -9.13 -55.89 -21.93
C THR K 24 -8.94 -57.25 -21.26
N THR K 25 -8.13 -58.10 -21.89
CA THR K 25 -7.94 -59.45 -21.38
C THR K 25 -7.26 -59.45 -20.02
N SER K 26 -6.25 -58.60 -19.84
CA SER K 26 -5.59 -58.49 -18.55
C SER K 26 -6.22 -57.38 -17.72
N TYR K 27 -5.97 -57.44 -16.42
CA TYR K 27 -6.58 -56.50 -15.49
C TYR K 27 -6.09 -55.08 -15.76
N ILE K 28 -6.97 -54.11 -15.51
CA ILE K 28 -6.67 -52.72 -15.83
C ILE K 28 -5.51 -52.23 -14.98
N LYS K 29 -4.55 -51.57 -15.62
CA LYS K 29 -3.43 -50.92 -14.94
C LYS K 29 -3.56 -49.41 -15.15
N PHE K 30 -3.74 -48.66 -14.07
CA PHE K 30 -4.13 -47.28 -14.16
C PHE K 30 -3.71 -46.52 -12.92
N SER K 31 -3.23 -45.30 -13.11
CA SER K 31 -2.89 -44.42 -11.99
C SER K 31 -3.08 -42.94 -12.30
N ALA K 32 -3.61 -42.57 -13.47
CA ALA K 32 -3.87 -41.17 -13.76
C ALA K 32 -4.99 -40.63 -12.87
N THR K 33 -4.92 -39.34 -12.58
CA THR K 33 -5.91 -38.73 -11.71
C THR K 33 -7.15 -38.33 -12.51
N VAL K 34 -8.19 -37.93 -11.77
CA VAL K 34 -9.39 -37.37 -12.41
C VAL K 34 -9.03 -36.15 -13.25
N GLU K 35 -8.14 -35.30 -12.73
CA GLU K 35 -7.72 -34.13 -13.50
C GLU K 35 -7.07 -34.54 -14.82
N ASP K 36 -6.39 -35.69 -14.84
CA ASP K 36 -5.73 -36.13 -16.07
C ASP K 36 -6.73 -36.55 -17.13
N CYS K 37 -7.90 -37.03 -16.73
CA CYS K 37 -8.88 -37.61 -17.65
C CYS K 37 -10.07 -36.70 -17.93
N CYS K 38 -10.02 -35.43 -17.48
CA CYS K 38 -11.16 -34.53 -17.68
C CYS K 38 -10.95 -33.47 -18.73
N GLY K 39 -9.70 -33.16 -19.09
CA GLY K 39 -9.46 -32.13 -20.07
C GLY K 39 -9.42 -30.74 -19.47
N THR K 40 -9.99 -29.76 -20.17
CA THR K 40 -9.99 -28.39 -19.67
C THR K 40 -10.80 -28.31 -18.38
N ASN K 41 -10.19 -27.75 -17.33
CA ASN K 41 -10.82 -27.76 -16.02
C ASN K 41 -12.01 -26.80 -15.93
N TYR K 42 -12.17 -25.90 -16.90
CA TYR K 42 -13.30 -24.97 -16.90
C TYR K 42 -14.46 -25.57 -17.69
N ASN K 43 -15.67 -25.42 -17.15
CA ASN K 43 -16.88 -25.96 -17.78
C ASN K 43 -17.93 -24.86 -17.83
N MET K 44 -18.48 -24.63 -19.02
CA MET K 44 -19.47 -23.57 -19.20
C MET K 44 -20.78 -23.94 -18.51
N ASP K 45 -21.43 -22.93 -17.95
CA ASP K 45 -22.76 -23.09 -17.38
C ASP K 45 -23.79 -22.50 -18.34
N GLU K 46 -25.04 -22.42 -17.89
CA GLU K 46 -26.11 -21.89 -18.76
C GLU K 46 -25.87 -20.44 -19.10
N ARG K 47 -25.30 -19.68 -18.16
CA ARG K 47 -25.02 -18.27 -18.42
C ARG K 47 -23.89 -18.11 -19.44
N ASP K 48 -22.94 -19.04 -19.47
CA ASP K 48 -21.82 -18.91 -20.40
C ASP K 48 -22.25 -19.22 -21.83
N GLU K 49 -23.17 -20.16 -22.02
CA GLU K 49 -23.54 -20.54 -23.38
C GLU K 49 -24.44 -19.50 -24.04
N THR K 50 -25.29 -18.82 -23.26
CA THR K 50 -26.08 -17.73 -23.84
C THR K 50 -25.19 -16.57 -24.26
N PHE K 51 -24.15 -16.28 -23.47
CA PHE K 51 -23.22 -15.23 -23.85
C PHE K 51 -22.43 -15.61 -25.10
N LEU K 52 -21.99 -16.87 -25.19
CA LEU K 52 -21.24 -17.29 -26.36
C LEU K 52 -22.11 -17.31 -27.60
N ASN K 53 -23.37 -17.73 -27.46
CA ASN K 53 -24.23 -17.89 -28.64
C ASN K 53 -24.78 -16.54 -29.10
N GLU K 54 -25.20 -15.68 -28.17
CA GLU K 54 -25.92 -14.47 -28.52
C GLU K 54 -25.03 -13.22 -28.56
N GLN K 55 -23.92 -13.20 -27.83
CA GLN K 55 -23.09 -12.00 -27.75
C GLN K 55 -21.77 -12.11 -28.51
N VAL K 56 -21.27 -13.32 -28.74
CA VAL K 56 -19.98 -13.53 -29.38
C VAL K 56 -20.14 -14.08 -30.79
N ASN K 57 -20.93 -15.13 -30.96
CA ASN K 57 -21.06 -15.81 -32.25
C ASN K 57 -22.36 -15.46 -32.98
N LYS K 58 -23.05 -14.39 -32.56
CA LYS K 58 -24.32 -14.04 -33.18
C LYS K 58 -24.14 -13.62 -34.63
N GLY K 59 -23.17 -12.75 -34.90
CA GLY K 59 -22.92 -12.32 -36.26
C GLY K 59 -21.48 -12.48 -36.66
N SER K 60 -20.75 -13.33 -35.95
CA SER K 60 -19.33 -13.49 -36.20
C SER K 60 -19.09 -14.38 -37.41
N SER K 61 -18.16 -13.95 -38.27
CA SER K 61 -17.70 -14.80 -39.36
C SER K 61 -16.82 -15.93 -38.86
N ASP K 62 -16.13 -15.72 -37.74
CA ASP K 62 -15.25 -16.70 -37.14
C ASP K 62 -15.92 -17.22 -35.86
N ILE K 63 -16.19 -18.51 -35.82
CA ILE K 63 -16.97 -19.11 -34.73
C ILE K 63 -16.03 -19.52 -33.60
N LEU K 64 -16.36 -19.09 -32.39
CA LEU K 64 -15.66 -19.54 -31.19
C LEU K 64 -16.41 -20.74 -30.61
N THR K 65 -15.74 -21.87 -30.50
CA THR K 65 -16.38 -23.09 -30.04
C THR K 65 -16.40 -23.17 -28.51
N GLU K 66 -17.32 -23.97 -27.99
CA GLU K 66 -17.42 -24.16 -26.55
C GLU K 66 -16.10 -24.62 -25.95
N ASP K 67 -15.41 -25.54 -26.64
CA ASP K 67 -14.11 -25.99 -26.15
C ASP K 67 -13.10 -24.85 -26.13
N GLU K 68 -13.06 -24.03 -27.19
CA GLU K 68 -12.13 -22.91 -27.24
C GLU K 68 -12.48 -21.86 -26.19
N PHE K 69 -13.77 -21.67 -25.91
CA PHE K 69 -14.18 -20.78 -24.82
C PHE K 69 -13.57 -21.22 -23.50
N GLU K 70 -13.59 -22.53 -23.22
CA GLU K 70 -13.10 -23.03 -21.94
C GLU K 70 -11.58 -22.99 -21.87
N ILE K 71 -10.89 -23.11 -23.01
CA ILE K 71 -9.44 -22.94 -23.03
C ILE K 71 -9.06 -21.55 -22.55
N LEU K 72 -9.77 -20.53 -23.06
CA LEU K 72 -9.45 -19.15 -22.70
C LEU K 72 -9.74 -18.89 -21.22
N CYS K 73 -10.91 -19.32 -20.75
CA CYS K 73 -11.28 -19.06 -19.35
C CYS K 73 -10.35 -19.80 -18.40
N SER K 74 -9.92 -21.01 -18.78
CA SER K 74 -8.99 -21.75 -17.93
C SER K 74 -7.64 -21.05 -17.85
N SER K 75 -7.22 -20.40 -18.93
CA SER K 75 -5.97 -19.65 -18.90
C SER K 75 -6.10 -18.39 -18.06
N PHE K 76 -7.25 -17.73 -18.11
CA PHE K 76 -7.49 -16.57 -17.24
C PHE K 76 -7.44 -16.98 -15.78
N GLU K 77 -8.08 -18.11 -15.45
CA GLU K 77 -8.12 -18.59 -14.08
C GLU K 77 -6.73 -18.91 -13.55
N HIS K 78 -5.91 -19.57 -14.38
CA HIS K 78 -4.56 -19.93 -13.94
C HIS K 78 -3.68 -18.70 -13.77
N ALA K 79 -3.86 -17.69 -14.64
CA ALA K 79 -3.00 -16.51 -14.57
C ALA K 79 -3.35 -15.65 -13.35
N ILE K 80 -4.64 -15.46 -13.08
CA ILE K 80 -5.05 -14.61 -11.97
C ILE K 80 -4.62 -15.22 -10.64
N HIS K 81 -4.78 -16.54 -10.48
CA HIS K 81 -4.35 -17.19 -9.25
C HIS K 81 -2.85 -17.03 -9.02
N GLU K 82 -2.07 -16.94 -10.09
CA GLU K 82 -0.62 -16.81 -9.95
C GLU K 82 -0.23 -15.37 -9.59
N ARG K 83 -0.81 -14.39 -10.29
CA ARG K 83 -0.38 -13.01 -10.08
C ARG K 83 -1.11 -12.36 -8.90
N GLN K 84 -2.39 -12.68 -8.70
CA GLN K 84 -3.20 -12.12 -7.63
C GLN K 84 -3.76 -13.24 -6.78
N PRO K 85 -2.93 -13.86 -5.93
CA PRO K 85 -3.48 -14.88 -5.02
C PRO K 85 -4.42 -14.29 -3.99
N PHE K 86 -4.25 -13.02 -3.64
CA PHE K 86 -5.09 -12.33 -2.66
C PHE K 86 -6.07 -11.38 -3.34
N LEU K 87 -6.69 -11.85 -4.42
CA LEU K 87 -7.65 -11.02 -5.15
C LEU K 87 -8.89 -10.72 -4.30
N SER K 88 -9.26 -11.64 -3.41
CA SER K 88 -10.44 -11.43 -2.58
C SER K 88 -10.28 -10.25 -1.64
N MET K 89 -9.06 -9.78 -1.42
CA MET K 89 -8.85 -8.60 -0.58
C MET K 89 -9.44 -7.35 -1.23
N ASP K 90 -9.35 -7.26 -2.56
CA ASP K 90 -9.87 -6.11 -3.29
C ASP K 90 -10.30 -6.58 -4.68
N PRO K 91 -11.51 -7.15 -4.80
CA PRO K 91 -11.90 -7.75 -6.08
C PRO K 91 -11.94 -6.77 -7.24
N GLU K 92 -12.23 -5.49 -6.96
CA GLU K 92 -12.32 -4.50 -8.03
C GLU K 92 -10.95 -4.11 -8.59
N SER K 93 -9.86 -4.44 -7.89
CA SER K 93 -8.52 -4.17 -8.37
C SER K 93 -7.96 -5.30 -9.23
N ILE K 94 -8.84 -6.09 -9.86
CA ILE K 94 -8.37 -7.21 -10.67
C ILE K 94 -7.65 -6.68 -11.89
N LEU K 95 -6.59 -7.38 -12.30
CA LEU K 95 -5.76 -6.91 -13.40
C LEU K 95 -6.55 -6.85 -14.70
N SER K 96 -6.14 -5.93 -15.57
CA SER K 96 -6.75 -5.78 -16.88
C SER K 96 -6.25 -6.89 -17.81
N PHE K 97 -6.89 -6.99 -18.97
CA PHE K 97 -6.47 -7.98 -19.96
C PHE K 97 -5.05 -7.71 -20.44
N GLU K 98 -4.71 -6.44 -20.70
CA GLU K 98 -3.39 -6.12 -21.20
C GLU K 98 -2.32 -6.39 -20.15
N GLU K 99 -2.63 -6.17 -18.87
CA GLU K 99 -1.66 -6.46 -17.83
C GLU K 99 -1.46 -7.96 -17.67
N LEU K 100 -2.52 -8.75 -17.82
CA LEU K 100 -2.43 -10.19 -17.69
C LEU K 100 -1.92 -10.87 -18.94
N LYS K 101 -1.91 -10.17 -20.07
CA LYS K 101 -1.54 -10.78 -21.35
C LYS K 101 -0.13 -11.36 -21.37
N PRO K 102 0.92 -10.73 -20.82
CA PRO K 102 2.23 -11.41 -20.80
C PRO K 102 2.20 -12.74 -20.08
N THR K 103 1.46 -12.84 -18.98
CA THR K 103 1.37 -14.09 -18.25
C THR K 103 0.61 -15.15 -19.05
N LEU K 104 -0.41 -14.73 -19.80
CA LEU K 104 -1.19 -15.68 -20.57
C LEU K 104 -0.35 -16.32 -21.68
N ILE K 105 0.58 -15.56 -22.25
CA ILE K 105 1.40 -16.08 -23.34
C ILE K 105 2.31 -17.20 -22.84
N LYS K 106 2.98 -16.99 -21.71
CA LYS K 106 3.90 -17.98 -21.17
C LYS K 106 3.20 -19.15 -20.50
N SER K 107 1.87 -19.11 -20.38
CA SER K 107 1.15 -20.12 -19.63
C SER K 107 1.30 -21.51 -20.25
N ASP K 108 1.42 -22.52 -19.40
CA ASP K 108 1.60 -23.91 -19.81
C ASP K 108 0.46 -24.72 -19.21
N MET K 109 -0.67 -24.75 -19.92
CA MET K 109 -1.86 -25.43 -19.43
C MET K 109 -1.85 -26.90 -19.84
N ALA K 110 -2.11 -27.78 -18.87
CA ALA K 110 -2.26 -29.22 -19.12
C ALA K 110 -1.02 -29.80 -19.81
N ASP K 111 0.15 -29.35 -19.36
CA ASP K 111 1.43 -29.81 -19.90
C ASP K 111 1.52 -29.57 -21.41
N PHE K 112 1.07 -28.39 -21.85
CA PHE K 112 1.12 -28.06 -23.27
C PHE K 112 2.55 -28.06 -23.78
N ASN K 113 3.47 -27.43 -23.03
CA ASN K 113 4.87 -27.39 -23.46
C ASN K 113 5.46 -28.79 -23.52
N LEU K 114 5.14 -29.63 -22.53
CA LEU K 114 5.58 -31.03 -22.57
C LEU K 114 4.98 -31.74 -23.77
N ARG K 115 3.66 -31.62 -23.97
CA ARG K 115 3.03 -32.21 -25.15
C ARG K 115 3.62 -31.62 -26.43
N ASN K 116 3.82 -30.31 -26.46
CA ASN K 116 4.41 -29.68 -27.64
C ASN K 116 5.82 -30.18 -27.88
N GLN K 117 6.60 -30.34 -26.80
CA GLN K 117 7.93 -30.93 -26.93
C GLN K 117 7.84 -32.38 -27.38
N LEU K 118 6.93 -33.16 -26.76
CA LEU K 118 6.74 -34.55 -27.19
C LEU K 118 6.21 -34.60 -28.61
N ASN K 119 5.22 -33.77 -28.93
CA ASN K 119 4.73 -33.68 -30.30
C ASN K 119 5.86 -33.38 -31.27
N HIS K 120 6.82 -32.58 -30.82
CA HIS K 120 7.99 -32.28 -31.64
C HIS K 120 8.95 -33.47 -31.69
N GLU K 121 9.11 -34.18 -30.58
CA GLU K 121 10.08 -35.27 -30.52
C GLU K 121 9.63 -36.47 -31.32
N ILE K 122 8.34 -36.80 -31.27
CA ILE K 122 7.85 -38.01 -31.94
C ILE K 122 8.13 -37.99 -33.43
N ASN K 123 8.49 -36.83 -33.98
CA ASN K 123 8.50 -36.53 -35.42
C ASN K 123 7.06 -36.43 -35.90
N SER K 124 6.15 -36.16 -34.96
CA SER K 124 4.72 -36.21 -35.22
C SER K 124 4.07 -34.83 -35.19
N HIS K 125 4.84 -33.76 -35.44
CA HIS K 125 4.21 -32.45 -35.28
C HIS K 125 3.28 -32.12 -36.44
N LYS K 126 3.27 -32.93 -37.51
CA LYS K 126 2.18 -32.89 -38.46
C LYS K 126 0.83 -33.01 -37.75
N THR K 127 0.68 -34.05 -36.94
CA THR K 127 -0.51 -34.32 -36.17
C THR K 127 -0.36 -33.72 -34.77
N HIS K 128 -1.19 -34.18 -33.83
CA HIS K 128 -1.17 -33.66 -32.47
C HIS K 128 -1.07 -34.80 -31.46
N PHE K 129 -0.37 -34.51 -30.37
CA PHE K 129 -0.13 -35.47 -29.30
C PHE K 129 -1.42 -35.68 -28.50
N ILE K 130 -2.02 -36.86 -28.64
CA ILE K 130 -3.27 -37.21 -27.98
C ILE K 130 -3.05 -38.52 -27.23
N THR K 131 -3.57 -38.60 -26.01
CA THR K 131 -3.46 -39.78 -25.16
C THR K 131 -4.84 -40.36 -24.90
N GLN K 132 -4.87 -41.47 -24.16
CA GLN K 132 -6.13 -42.09 -23.74
C GLN K 132 -6.91 -41.22 -22.77
N PHE K 133 -6.25 -40.28 -22.09
CA PHE K 133 -6.89 -39.39 -21.14
C PHE K 133 -7.52 -38.19 -21.82
N ASP K 134 -7.39 -38.08 -23.15
CA ASP K 134 -7.86 -36.97 -23.95
C ASP K 134 -9.05 -37.39 -24.82
N PRO K 135 -10.07 -36.54 -24.92
CA PRO K 135 -11.21 -36.84 -25.80
C PRO K 135 -10.94 -36.40 -27.23
N VAL K 136 -11.49 -37.17 -28.17
CA VAL K 136 -11.13 -36.98 -29.57
C VAL K 136 -11.70 -35.68 -30.13
N SER K 137 -12.81 -35.19 -29.57
CA SER K 137 -13.45 -34.01 -30.13
C SER K 137 -12.63 -32.75 -29.90
N GLN K 138 -11.86 -32.70 -28.81
CA GLN K 138 -11.08 -31.52 -28.47
C GLN K 138 -9.75 -31.45 -29.21
N MET K 139 -9.41 -32.47 -30.00
CA MET K 139 -8.24 -32.36 -30.88
C MET K 139 -8.37 -31.19 -31.84
N ASN K 140 -9.61 -30.80 -32.18
CA ASN K 140 -9.83 -29.80 -33.23
C ASN K 140 -9.54 -28.38 -32.77
N THR K 141 -9.52 -28.11 -31.46
CA THR K 141 -9.47 -26.73 -30.99
C THR K 141 -8.18 -26.04 -31.42
N ARG K 142 -8.29 -24.73 -31.67
CA ARG K 142 -7.16 -23.94 -32.11
C ARG K 142 -6.19 -23.70 -30.96
N PRO K 143 -4.93 -23.35 -31.26
CA PRO K 143 -3.97 -23.07 -30.20
C PRO K 143 -4.37 -21.86 -29.38
N LEU K 144 -3.84 -21.80 -28.15
CA LEU K 144 -4.23 -20.76 -27.21
C LEU K 144 -3.76 -19.38 -27.67
N ILE K 145 -2.53 -19.29 -28.18
CA ILE K 145 -1.98 -18.00 -28.57
C ILE K 145 -2.84 -17.34 -29.64
N GLN K 146 -3.37 -18.16 -30.56
CA GLN K 146 -4.22 -17.62 -31.61
C GLN K 146 -5.56 -17.13 -31.04
N LEU K 147 -6.08 -17.81 -30.02
CA LEU K 147 -7.35 -17.40 -29.43
C LEU K 147 -7.19 -16.10 -28.63
N ILE K 148 -6.02 -15.92 -28.00
CA ILE K 148 -5.81 -14.74 -27.17
C ILE K 148 -5.86 -13.46 -28.01
N GLU K 149 -5.37 -13.53 -29.24
CA GLU K 149 -5.34 -12.34 -30.09
C GLU K 149 -6.73 -12.04 -30.65
N LYS K 150 -7.47 -13.06 -31.06
CA LYS K 150 -8.74 -12.84 -31.74
C LYS K 150 -9.87 -12.59 -30.74
N PHE K 151 -9.93 -13.38 -29.67
CA PHE K 151 -11.03 -13.32 -28.72
C PHE K 151 -10.61 -12.95 -27.30
N GLY K 152 -9.31 -12.73 -27.05
CA GLY K 152 -8.84 -12.59 -25.68
C GLY K 152 -9.47 -11.44 -24.93
N SER K 153 -9.49 -10.26 -25.56
CA SER K 153 -10.00 -9.08 -24.86
C SER K 153 -11.50 -9.18 -24.64
N LYS K 154 -12.24 -9.70 -25.63
CA LYS K 154 -13.70 -9.74 -25.52
C LYS K 154 -14.15 -10.74 -24.46
N ILE K 155 -13.52 -11.92 -24.43
CA ILE K 155 -13.90 -12.93 -23.46
C ILE K 155 -13.49 -12.52 -22.06
N TYR K 156 -12.33 -11.88 -21.92
CA TYR K 156 -11.83 -11.52 -20.59
C TYR K 156 -12.75 -10.51 -19.92
N ASP K 157 -13.34 -9.59 -20.69
CA ASP K 157 -14.28 -8.63 -20.11
C ASP K 157 -15.46 -9.33 -19.46
N TYR K 158 -15.97 -10.38 -20.09
CA TYR K 158 -17.06 -11.14 -19.50
C TYR K 158 -16.60 -11.93 -18.28
N TRP K 159 -15.46 -12.60 -18.41
CA TRP K 159 -14.94 -13.38 -17.29
C TRP K 159 -14.50 -12.49 -16.12
N ARG K 160 -14.06 -11.26 -16.43
CA ARG K 160 -13.70 -10.34 -15.36
C ARG K 160 -14.90 -10.00 -14.49
N GLU K 161 -16.06 -9.75 -15.10
CA GLU K 161 -17.25 -9.42 -14.32
C GLU K 161 -17.67 -10.59 -13.43
N ARG K 162 -17.67 -11.81 -13.97
CA ARG K 162 -18.04 -12.96 -13.16
C ARG K 162 -17.07 -13.13 -12.00
N LYS K 163 -15.78 -12.85 -12.21
CA LYS K 163 -14.81 -12.90 -11.13
C LYS K 163 -15.09 -11.82 -10.10
N ILE K 164 -15.56 -10.66 -10.55
CA ILE K 164 -15.90 -9.57 -9.64
C ILE K 164 -17.16 -9.91 -8.85
N GLU K 165 -18.12 -10.56 -9.49
CA GLU K 165 -19.37 -10.90 -8.81
C GLU K 165 -19.11 -11.82 -7.62
N VAL K 166 -18.18 -12.77 -7.76
CA VAL K 166 -17.91 -13.74 -6.71
C VAL K 166 -16.80 -13.22 -5.81
N ASN K 167 -16.55 -11.91 -5.87
CA ASN K 167 -15.63 -11.23 -4.95
C ASN K 167 -14.21 -11.77 -5.06
N GLY K 168 -13.79 -12.15 -6.27
CA GLY K 168 -12.46 -12.68 -6.49
C GLY K 168 -12.29 -14.15 -6.19
N TYR K 169 -13.35 -14.86 -5.80
CA TYR K 169 -13.28 -16.29 -5.54
C TYR K 169 -13.60 -17.07 -6.81
N GLU K 170 -14.07 -18.30 -6.67
CA GLU K 170 -14.32 -19.17 -7.82
C GLU K 170 -15.77 -19.10 -8.25
N ILE K 171 -15.97 -19.19 -9.57
CA ILE K 171 -17.33 -19.26 -10.10
C ILE K 171 -17.98 -20.60 -9.73
N PHE K 172 -17.22 -21.68 -9.84
CA PHE K 172 -17.73 -23.00 -9.51
C PHE K 172 -17.78 -23.17 -7.98
N PRO K 173 -18.87 -23.73 -7.46
CA PRO K 173 -19.00 -23.87 -6.00
C PRO K 173 -17.87 -24.72 -5.42
N GLN K 174 -17.26 -24.21 -4.35
CA GLN K 174 -16.06 -24.79 -3.76
C GLN K 174 -16.36 -25.39 -2.39
N LEU K 175 -15.57 -26.40 -2.04
CA LEU K 175 -15.55 -26.91 -0.67
C LEU K 175 -14.93 -25.87 0.25
N LYS K 176 -15.38 -25.87 1.50
CA LYS K 176 -14.85 -24.95 2.51
C LYS K 176 -13.66 -25.63 3.20
N PHE K 177 -12.47 -25.07 2.98
CA PHE K 177 -11.25 -25.57 3.60
C PHE K 177 -10.87 -24.70 4.79
N GLU K 178 -10.13 -25.30 5.73
CA GLU K 178 -9.77 -24.61 6.95
C GLU K 178 -8.79 -23.48 6.63
N ARG K 179 -8.90 -22.36 7.35
CA ARG K 179 -7.91 -21.31 7.14
C ARG K 179 -7.01 -21.21 8.37
N PRO K 180 -5.70 -21.08 8.20
CA PRO K 180 -4.75 -21.15 9.33
C PRO K 180 -4.83 -19.99 10.30
N GLY K 181 -5.69 -19.01 10.06
CA GLY K 181 -5.82 -17.90 10.99
C GLY K 181 -6.94 -18.01 12.00
N GLU K 182 -8.02 -18.68 11.67
CA GLU K 182 -9.23 -18.55 12.48
C GLU K 182 -9.57 -19.83 13.21
N LYS K 183 -8.70 -20.83 13.17
CA LYS K 183 -8.81 -21.99 14.04
C LYS K 183 -10.14 -22.69 13.73
N GLU K 184 -10.93 -23.09 14.73
CA GLU K 184 -12.12 -23.86 14.46
C GLU K 184 -13.35 -23.31 15.18
N GLU K 185 -14.43 -23.17 14.42
CA GLU K 185 -15.73 -22.73 14.90
C GLU K 185 -16.77 -23.84 14.86
N ILE K 186 -16.31 -25.10 14.83
CA ILE K 186 -17.18 -26.27 14.70
C ILE K 186 -18.10 -26.11 13.49
N ASP K 187 -17.51 -25.85 12.32
CA ASP K 187 -18.29 -25.69 11.11
C ASP K 187 -18.34 -27.01 10.35
N PRO K 188 -19.51 -27.65 10.22
CA PRO K 188 -19.56 -28.94 9.52
C PRO K 188 -19.25 -28.87 8.04
N TYR K 189 -19.25 -27.67 7.45
CA TYR K 189 -18.93 -27.55 6.03
C TYR K 189 -17.43 -27.50 5.77
N VAL K 190 -16.62 -27.32 6.82
CA VAL K 190 -15.17 -27.37 6.69
C VAL K 190 -14.74 -28.84 6.68
N CYS K 191 -13.90 -29.20 5.71
CA CYS K 191 -13.57 -30.61 5.53
C CYS K 191 -12.16 -30.75 4.94
N PHE K 192 -11.63 -31.97 5.04
CA PHE K 192 -10.40 -32.38 4.37
C PHE K 192 -9.19 -31.56 4.83
N ARG K 193 -9.07 -31.39 6.14
CA ARG K 193 -7.88 -30.77 6.71
C ARG K 193 -6.67 -31.69 6.52
N ARG K 194 -5.51 -31.08 6.36
CA ARG K 194 -4.26 -31.81 6.10
C ARG K 194 -3.31 -31.65 7.28
N ARG K 195 -2.62 -32.75 7.61
CA ARG K 195 -1.70 -32.81 8.75
C ARG K 195 -0.40 -33.46 8.28
N GLU K 196 0.67 -32.66 8.20
CA GLU K 196 1.93 -33.13 7.65
C GLU K 196 2.57 -34.17 8.57
N VAL K 197 3.51 -34.93 8.00
CA VAL K 197 4.12 -36.04 8.72
C VAL K 197 5.18 -35.55 9.69
N ARG K 198 6.05 -34.63 9.22
CA ARG K 198 7.13 -34.05 10.02
C ARG K 198 8.07 -35.14 10.56
N HIS K 199 8.93 -35.67 9.64
CA HIS K 199 9.86 -36.71 10.04
C HIS K 199 11.27 -36.18 10.14
N PRO K 200 12.10 -36.74 11.02
CA PRO K 200 13.47 -36.27 11.16
C PRO K 200 14.33 -36.69 9.98
N ARG K 201 15.36 -35.91 9.72
CA ARG K 201 16.26 -36.17 8.60
C ARG K 201 17.05 -37.46 8.83
N LYS K 202 17.48 -38.05 7.72
CA LYS K 202 18.43 -39.15 7.76
C LYS K 202 19.84 -38.61 7.96
N THR K 203 20.77 -39.53 8.22
CA THR K 203 22.17 -39.13 8.32
C THR K 203 22.67 -38.64 6.97
N ARG K 204 23.71 -37.81 7.00
CA ARG K 204 24.27 -37.29 5.75
C ARG K 204 24.77 -38.42 4.86
N ARG K 205 25.26 -39.50 5.46
CA ARG K 205 25.78 -40.62 4.66
C ARG K 205 24.66 -41.33 3.92
N ILE K 206 23.52 -41.57 4.59
CA ILE K 206 22.38 -42.16 3.92
C ILE K 206 21.87 -41.23 2.82
N ASP K 207 21.91 -39.91 3.07
CA ASP K 207 21.53 -38.96 2.02
C ASP K 207 22.42 -39.11 0.79
N ILE K 208 23.73 -39.29 0.99
CA ILE K 208 24.63 -39.43 -0.14
C ILE K 208 24.34 -40.72 -0.91
N LEU K 209 24.14 -41.83 -0.18
CA LEU K 209 23.84 -43.09 -0.83
C LEU K 209 22.54 -43.02 -1.62
N ASN K 210 21.51 -42.39 -1.06
CA ASN K 210 20.27 -42.22 -1.79
C ASN K 210 20.42 -41.20 -2.92
N SER K 211 21.31 -40.22 -2.77
CA SER K 211 21.60 -39.32 -3.88
C SER K 211 22.19 -40.08 -5.07
N GLN K 212 22.97 -41.13 -4.79
CA GLN K 212 23.49 -41.96 -5.89
C GLN K 212 22.38 -42.83 -6.48
N ARG K 213 21.50 -43.36 -5.64
CA ARG K 213 20.35 -44.10 -6.16
C ARG K 213 19.47 -43.22 -7.02
N LEU K 214 19.36 -41.93 -6.69
CA LEU K 214 18.53 -41.03 -7.47
C LEU K 214 19.10 -40.85 -8.88
N ARG K 215 20.43 -40.73 -8.99
CA ARG K 215 21.05 -40.63 -10.31
C ARG K 215 20.89 -41.93 -11.09
N ALA K 216 21.03 -43.07 -10.40
CA ALA K 216 20.84 -44.36 -11.07
C ALA K 216 19.40 -44.55 -11.51
N LEU K 217 18.44 -44.17 -10.66
CA LEU K 217 17.04 -44.23 -11.06
C LEU K 217 16.73 -43.25 -12.19
N HIS K 218 17.45 -42.12 -12.23
CA HIS K 218 17.21 -41.14 -13.28
C HIS K 218 17.62 -41.69 -14.65
N GLN K 219 18.73 -42.44 -14.69
CA GLN K 219 19.17 -43.02 -15.96
C GLN K 219 18.18 -44.07 -16.46
N GLU K 220 17.61 -44.87 -15.55
CA GLU K 220 16.66 -45.89 -15.95
C GLU K 220 15.37 -45.27 -16.50
N LEU K 221 14.95 -44.12 -15.95
CA LEU K 221 13.79 -43.45 -16.52
C LEU K 221 14.11 -42.85 -17.88
N LYS K 222 15.35 -42.36 -18.06
CA LYS K 222 15.78 -41.89 -19.38
C LYS K 222 15.76 -43.03 -20.39
N ASN K 223 16.24 -44.22 -19.99
CA ASN K 223 16.27 -45.36 -20.90
C ASN K 223 14.85 -45.78 -21.29
N ALA K 224 13.94 -45.84 -20.31
CA ALA K 224 12.55 -46.18 -20.64
C ALA K 224 11.91 -45.11 -21.49
N LYS K 225 12.30 -43.84 -21.30
CA LYS K 225 11.73 -42.76 -22.09
C LYS K 225 12.20 -42.85 -23.54
N ASP K 226 13.45 -43.29 -23.76
CA ASP K 226 13.93 -43.46 -25.13
C ASP K 226 13.16 -44.55 -25.86
N LEU K 227 12.97 -45.71 -25.20
CA LEU K 227 12.18 -46.78 -25.81
C LEU K 227 10.74 -46.35 -26.04
N ALA K 228 10.16 -45.60 -25.11
CA ALA K 228 8.79 -45.14 -25.28
C ALA K 228 8.69 -44.17 -26.46
N LEU K 229 9.71 -43.33 -26.64
CA LEU K 229 9.72 -42.41 -27.76
C LEU K 229 9.86 -43.15 -29.09
N LEU K 230 10.70 -44.18 -29.12
CA LEU K 230 10.87 -44.94 -30.36
C LEU K 230 9.58 -45.66 -30.75
N VAL K 231 8.87 -46.22 -29.76
CA VAL K 231 7.59 -46.85 -30.06
C VAL K 231 6.59 -45.81 -30.56
N ALA K 232 6.57 -44.62 -29.96
CA ALA K 232 5.71 -43.55 -30.46
C ALA K 232 6.11 -43.15 -31.88
N LYS K 233 7.41 -43.12 -32.17
CA LYS K 233 7.85 -42.86 -33.54
C LYS K 233 7.42 -43.99 -34.47
N ARG K 234 7.58 -45.24 -34.02
CA ARG K 234 7.27 -46.38 -34.88
C ARG K 234 5.79 -46.41 -35.24
N GLU K 235 4.92 -46.10 -34.28
CA GLU K 235 3.49 -46.08 -34.57
C GLU K 235 3.10 -44.85 -35.38
N ASN K 236 3.86 -43.76 -35.24
CA ASN K 236 3.53 -42.56 -35.99
C ASN K 236 3.86 -42.73 -37.48
N VAL K 237 5.01 -43.33 -37.79
CA VAL K 237 5.34 -43.56 -39.20
C VAL K 237 4.42 -44.62 -39.80
N SER K 238 3.95 -45.57 -39.00
CA SER K 238 2.95 -46.50 -39.50
C SER K 238 1.62 -45.78 -39.77
N LEU K 239 1.36 -44.71 -39.05
CA LEU K 239 0.17 -43.90 -39.33
C LEU K 239 0.37 -43.08 -40.59
N ASN K 240 1.58 -42.57 -40.83
CA ASN K 240 1.85 -41.89 -42.08
C ASN K 240 1.77 -42.85 -43.25
N TRP K 241 2.16 -44.12 -43.05
CA TRP K 241 2.12 -45.09 -44.13
C TRP K 241 0.70 -45.42 -44.54
N ILE K 242 -0.18 -45.66 -43.56
CA ILE K 242 -1.56 -45.97 -43.89
C ILE K 242 -2.29 -44.73 -44.40
N ASN K 243 -1.87 -43.54 -43.95
CA ASN K 243 -2.39 -42.32 -44.54
C ASN K 243 -1.93 -42.14 -45.98
N ASP K 244 -0.70 -42.56 -46.30
CA ASP K 244 -0.28 -42.58 -47.69
C ASP K 244 -1.10 -43.58 -48.49
N GLU K 245 -1.30 -44.78 -47.96
CA GLU K 245 -2.03 -45.82 -48.69
C GLU K 245 -3.46 -45.40 -48.98
N LEU K 246 -4.10 -44.70 -48.04
CA LEU K 246 -5.41 -44.11 -48.32
C LEU K 246 -5.31 -43.05 -49.40
N LYS K 247 -4.30 -42.17 -49.28
CA LYS K 247 -4.12 -41.11 -50.27
C LYS K 247 -3.72 -41.69 -51.63
N ILE K 248 -2.84 -42.70 -51.63
CA ILE K 248 -2.43 -43.33 -52.88
C ILE K 248 -3.61 -44.05 -53.54
N PHE K 249 -4.47 -44.69 -52.73
CA PHE K 249 -5.63 -45.36 -53.28
C PHE K 249 -6.57 -44.37 -53.97
N ASP K 250 -6.83 -43.23 -53.33
CA ASP K 250 -7.69 -42.20 -53.90
C ASP K 250 -6.99 -41.40 -55.00
N GLN K 251 -5.69 -41.59 -55.22
CA GLN K 251 -5.00 -41.00 -56.34
C GLN K 251 -4.85 -41.95 -57.52
N ARG K 252 -4.88 -43.27 -57.27
CA ARG K 252 -4.86 -44.25 -58.36
C ARG K 252 -6.24 -44.36 -59.01
N VAL K 253 -7.30 -44.34 -58.21
CA VAL K 253 -8.66 -44.51 -58.74
C VAL K 253 -9.03 -43.34 -59.64
N LYS K 254 -8.73 -42.12 -59.21
CA LYS K 254 -9.07 -40.95 -60.01
C LYS K 254 -8.29 -40.93 -61.33
N ILE K 255 -7.02 -41.32 -61.29
CA ILE K 255 -6.21 -41.35 -62.50
C ILE K 255 -6.77 -42.37 -63.47
N LYS K 256 -7.08 -43.58 -62.98
CA LYS K 256 -7.63 -44.61 -63.86
C LYS K 256 -8.94 -44.16 -64.51
N ASN K 257 -9.77 -43.42 -63.77
CA ASN K 257 -11.02 -42.92 -64.34
C ASN K 257 -10.74 -41.89 -65.43
N LEU K 258 -9.85 -40.94 -65.16
CA LEU K 258 -9.55 -39.91 -66.14
C LEU K 258 -8.72 -40.46 -67.30
N LYS K 259 -7.85 -41.43 -67.03
CA LYS K 259 -7.05 -42.06 -68.07
C LYS K 259 -7.95 -42.67 -69.14
N ARG K 260 -9.03 -43.34 -68.73
CA ARG K 260 -9.96 -43.91 -69.70
C ARG K 260 -10.70 -42.82 -70.46
N SER K 261 -10.88 -41.64 -69.86
CA SER K 261 -11.62 -40.57 -70.53
C SER K 261 -10.84 -40.01 -71.71
N LEU K 262 -9.52 -39.87 -71.57
CA LEU K 262 -8.66 -39.41 -72.65
C LEU K 262 -8.15 -40.54 -73.53
N ASN K 263 -8.39 -41.80 -73.16
CA ASN K 263 -7.93 -42.98 -73.90
C ASN K 263 -6.42 -42.94 -74.07
N ILE K 264 -5.72 -42.87 -72.95
CA ILE K 264 -4.26 -42.77 -72.91
C ILE K 264 -3.67 -44.12 -72.56
N SER K 265 -2.63 -44.50 -73.30
CA SER K 265 -1.94 -45.76 -73.11
C SER K 265 -0.67 -45.56 -72.28
N GLY K 266 -0.13 -46.68 -71.81
CA GLY K 266 1.09 -46.68 -71.03
C GLY K 266 0.90 -46.06 -69.65
N GLU K 267 2.03 -45.62 -69.10
CA GLU K 267 2.16 -44.87 -67.85
C GLU K 267 1.76 -45.67 -66.61
N ASP K 268 1.42 -46.95 -66.75
CA ASP K 268 0.83 -47.71 -65.65
C ASP K 268 1.83 -48.04 -64.55
N ASP K 269 3.11 -47.66 -64.68
CA ASP K 269 4.11 -48.06 -63.69
C ASP K 269 3.82 -47.49 -62.31
N ASP K 270 3.16 -46.34 -62.24
CA ASP K 270 2.80 -45.74 -60.96
C ASP K 270 1.42 -46.16 -60.46
N LEU K 271 0.68 -46.93 -61.25
CA LEU K 271 -0.66 -47.37 -60.88
C LEU K 271 -0.66 -48.73 -60.18
N ILE K 272 0.49 -49.37 -60.03
CA ILE K 272 0.61 -50.64 -59.34
C ILE K 272 1.80 -50.59 -58.39
N ASN K 273 1.71 -51.35 -57.31
CA ASN K 273 2.80 -51.44 -56.35
C ASN K 273 3.95 -52.29 -56.91
N HIS K 274 5.16 -51.97 -56.49
CA HIS K 274 6.37 -52.59 -57.02
C HIS K 274 7.19 -53.23 -55.89
N LYS K 275 7.49 -54.52 -56.05
CA LYS K 275 8.32 -55.23 -55.10
C LYS K 275 9.75 -54.68 -55.14
N ARG K 276 10.34 -54.50 -53.96
CA ARG K 276 11.68 -53.93 -53.87
C ARG K 276 12.46 -54.63 -52.77
N LYS K 277 13.79 -54.57 -52.90
CA LYS K 277 14.68 -55.02 -51.84
C LYS K 277 14.47 -54.15 -50.61
N ARG K 278 14.09 -54.78 -49.49
CA ARG K 278 13.77 -54.07 -48.26
C ARG K 278 14.59 -54.61 -47.11
N PRO K 279 15.57 -53.85 -46.60
CA PRO K 279 16.42 -54.18 -45.44
C PRO K 279 15.60 -54.39 -44.16
N MET L 1 16.16 -29.62 1.65
CA MET L 1 16.02 -30.64 0.62
C MET L 1 16.57 -31.97 1.08
N ASP L 2 15.77 -33.03 0.95
CA ASP L 2 16.13 -34.35 1.46
C ASP L 2 16.19 -35.35 0.31
N PRO L 3 17.36 -35.86 -0.05
CA PRO L 3 17.43 -36.84 -1.15
C PRO L 3 16.69 -38.11 -0.82
N SER L 4 16.74 -38.52 0.45
CA SER L 4 16.05 -39.73 0.86
C SER L 4 14.55 -39.57 0.71
N LEU L 5 14.04 -38.36 1.00
CA LEU L 5 12.63 -38.08 0.78
C LEU L 5 12.32 -38.04 -0.70
N VAL L 6 13.17 -37.35 -1.48
CA VAL L 6 12.97 -37.28 -2.93
C VAL L 6 13.01 -38.67 -3.54
N LEU L 7 13.96 -39.50 -3.10
CA LEU L 7 14.05 -40.86 -3.61
C LEU L 7 12.82 -41.67 -3.24
N GLU L 8 12.35 -41.53 -1.99
CA GLU L 8 11.15 -42.25 -1.56
C GLU L 8 9.94 -41.80 -2.37
N GLN L 9 9.79 -40.49 -2.57
CA GLN L 9 8.66 -39.97 -3.35
C GLN L 9 8.75 -40.41 -4.80
N THR L 10 9.96 -40.44 -5.36
CA THR L 10 10.12 -40.83 -6.76
C THR L 10 9.74 -42.29 -6.97
N ILE L 11 10.13 -43.17 -6.03
CA ILE L 11 9.80 -44.58 -6.15
C ILE L 11 8.29 -44.79 -6.05
N GLN L 12 7.63 -44.07 -5.15
CA GLN L 12 6.17 -44.20 -5.01
C GLN L 12 5.46 -43.71 -6.27
N ASP L 13 5.94 -42.62 -6.86
CA ASP L 13 5.31 -42.08 -8.06
C ASP L 13 5.41 -43.04 -9.24
N VAL L 14 6.53 -43.76 -9.33
CA VAL L 14 6.83 -44.60 -10.49
C VAL L 14 6.53 -46.07 -10.21
N SER L 15 5.98 -46.38 -9.03
CA SER L 15 5.78 -47.77 -8.62
C SER L 15 4.88 -48.54 -9.57
N ASN L 16 3.86 -47.88 -10.15
CA ASN L 16 2.90 -48.54 -11.01
C ASN L 16 3.25 -48.40 -12.49
N LEU L 17 4.30 -47.64 -12.82
CA LEU L 17 4.64 -47.38 -14.21
C LEU L 17 5.04 -48.63 -14.99
N PRO L 18 5.89 -49.53 -14.48
CA PRO L 18 6.21 -50.72 -15.28
C PRO L 18 5.00 -51.57 -15.59
N SER L 19 4.03 -51.61 -14.66
CA SER L 19 2.79 -52.33 -14.93
C SER L 19 2.00 -51.67 -16.06
N GLU L 20 1.99 -50.34 -16.08
CA GLU L 20 1.29 -49.61 -17.12
C GLU L 20 1.98 -49.77 -18.47
N PHE L 21 3.32 -49.77 -18.48
CA PHE L 21 4.06 -49.96 -19.72
C PHE L 21 3.73 -51.30 -20.35
N ARG L 22 3.76 -52.37 -19.55
CA ARG L 22 3.40 -53.69 -20.05
C ARG L 22 1.96 -53.72 -20.54
N TYR L 23 1.05 -53.10 -19.78
CA TYR L 23 -0.37 -53.10 -20.14
C TYR L 23 -0.60 -52.36 -21.45
N LEU L 24 0.01 -51.19 -21.61
CA LEU L 24 -0.17 -50.41 -22.83
C LEU L 24 0.49 -51.09 -24.03
N LEU L 25 1.71 -51.62 -23.86
CA LEU L 25 2.43 -52.21 -24.97
C LEU L 25 1.77 -53.48 -25.48
N GLU L 26 1.15 -54.27 -24.60
CA GLU L 26 0.50 -55.49 -25.07
C GLU L 26 -0.83 -55.18 -25.74
N GLU L 27 -1.43 -54.03 -25.45
CA GLU L 27 -2.62 -53.61 -26.19
C GLU L 27 -2.23 -53.10 -27.57
N ILE L 28 -1.05 -52.48 -27.68
CA ILE L 28 -0.51 -52.09 -28.97
C ILE L 28 -0.24 -53.33 -29.83
N GLY L 29 0.36 -54.35 -29.22
CA GLY L 29 0.61 -55.59 -29.95
C GLY L 29 -0.68 -56.28 -30.37
N SER L 30 -1.69 -56.27 -29.50
CA SER L 30 -2.97 -56.89 -29.84
C SER L 30 -3.62 -56.16 -31.01
N ASN L 31 -3.47 -54.84 -31.08
CA ASN L 31 -4.06 -54.08 -32.18
C ASN L 31 -3.21 -54.21 -33.45
N ASP L 32 -1.89 -54.29 -33.31
CA ASP L 32 -1.04 -54.46 -34.47
C ASP L 32 -1.28 -55.82 -35.14
N LEU L 33 -1.61 -56.84 -34.35
CA LEU L 33 -1.94 -58.14 -34.90
C LEU L 33 -3.23 -58.06 -35.71
N LYS L 34 -4.22 -57.33 -35.20
CA LYS L 34 -5.46 -57.12 -35.95
C LYS L 34 -5.20 -56.30 -37.21
N LEU L 35 -4.23 -55.39 -37.15
CA LEU L 35 -3.90 -54.56 -38.30
C LEU L 35 -3.26 -55.37 -39.42
N ILE L 36 -2.36 -56.29 -39.07
CA ILE L 36 -1.70 -57.11 -40.08
C ILE L 36 -2.72 -57.99 -40.79
N GLU L 37 -3.62 -58.63 -40.03
CA GLU L 37 -4.64 -59.46 -40.64
C GLU L 37 -5.55 -58.66 -41.56
N GLU L 38 -5.75 -57.37 -41.25
CA GLU L 38 -6.56 -56.51 -42.10
C GLU L 38 -5.77 -56.02 -43.30
N LYS L 39 -4.43 -55.96 -43.17
CA LYS L 39 -3.62 -55.60 -44.32
C LYS L 39 -3.69 -56.67 -45.40
N LYS L 40 -3.64 -57.94 -45.00
CA LYS L 40 -3.78 -59.03 -45.96
C LYS L 40 -5.15 -59.00 -46.62
N LYS L 41 -6.16 -58.48 -45.91
CA LYS L 41 -7.52 -58.47 -46.42
C LYS L 41 -7.67 -57.54 -47.63
N TYR L 42 -6.90 -56.45 -47.67
CA TYR L 42 -6.98 -55.52 -48.79
C TYR L 42 -5.84 -55.68 -49.77
N GLU L 43 -4.68 -56.15 -49.32
CA GLU L 43 -3.56 -56.36 -50.23
C GLU L 43 -3.84 -57.50 -51.19
N GLN L 44 -4.60 -58.52 -50.74
CA GLN L 44 -5.00 -59.61 -51.63
C GLN L 44 -5.98 -59.10 -52.68
N LYS L 45 -6.93 -58.25 -52.27
CA LYS L 45 -7.87 -57.68 -53.21
C LYS L 45 -7.19 -56.66 -54.12
N GLU L 46 -6.11 -56.04 -53.63
CA GLU L 46 -5.34 -55.11 -54.45
C GLU L 46 -4.44 -55.87 -55.41
N SER L 47 -4.03 -57.09 -55.03
CA SER L 47 -3.25 -57.93 -55.93
C SER L 47 -4.08 -58.37 -57.12
N GLN L 48 -5.38 -58.59 -56.91
CA GLN L 48 -6.27 -58.95 -58.00
C GLN L 48 -6.33 -57.82 -59.04
N ILE L 49 -6.41 -56.58 -58.56
CA ILE L 49 -6.46 -55.44 -59.48
C ILE L 49 -5.14 -55.30 -60.22
N HIS L 50 -4.02 -55.47 -59.53
CA HIS L 50 -2.71 -55.26 -60.16
C HIS L 50 -2.37 -56.41 -61.11
N LYS L 51 -2.79 -57.63 -60.79
CA LYS L 51 -2.58 -58.74 -61.71
C LYS L 51 -3.25 -58.46 -63.04
N PHE L 52 -4.44 -57.86 -63.01
CA PHE L 52 -5.13 -57.49 -64.24
C PHE L 52 -4.37 -56.41 -65.00
N ILE L 53 -3.83 -55.41 -64.28
CA ILE L 53 -3.14 -54.30 -64.93
C ILE L 53 -1.86 -54.77 -65.61
N ARG L 54 -1.15 -55.72 -64.99
CA ARG L 54 0.06 -56.23 -65.62
C ARG L 54 -0.23 -56.92 -66.94
N GLN L 55 -1.44 -57.47 -67.09
CA GLN L 55 -1.78 -58.21 -68.30
C GLN L 55 -2.37 -57.32 -69.38
N GLN L 56 -3.19 -56.33 -69.01
CA GLN L 56 -3.96 -55.57 -69.99
C GLN L 56 -3.75 -54.06 -69.95
N GLY L 57 -3.17 -53.51 -68.90
CA GLY L 57 -2.86 -52.09 -68.89
C GLY L 57 -3.89 -51.15 -68.28
N SER L 58 -4.75 -51.64 -67.40
CA SER L 58 -5.78 -50.85 -66.70
C SER L 58 -6.81 -50.19 -67.61
N ILE L 59 -6.63 -50.26 -68.92
CA ILE L 59 -7.63 -49.70 -69.85
C ILE L 59 -8.85 -50.62 -69.88
N PRO L 60 -8.71 -51.94 -70.04
CA PRO L 60 -9.90 -52.80 -69.90
C PRO L 60 -10.36 -52.81 -68.46
N LYS L 61 -11.69 -52.92 -68.29
CA LYS L 61 -12.25 -52.90 -66.95
C LYS L 61 -12.07 -54.24 -66.26
N HIS L 62 -11.61 -54.20 -65.01
CA HIS L 62 -11.58 -55.40 -64.19
C HIS L 62 -13.00 -55.88 -63.95
N PRO L 63 -13.27 -57.18 -64.08
CA PRO L 63 -14.65 -57.66 -63.93
C PRO L 63 -15.32 -57.28 -62.61
N GLN L 64 -14.54 -57.06 -61.55
CA GLN L 64 -15.08 -56.76 -60.23
C GLN L 64 -14.42 -55.53 -59.61
N GLU L 65 -13.93 -54.60 -60.42
CA GLU L 65 -13.17 -53.47 -59.89
C GLU L 65 -14.02 -52.60 -58.97
N ASP L 66 -15.23 -52.23 -59.41
CA ASP L 66 -16.07 -51.38 -58.57
C ASP L 66 -16.41 -52.06 -57.25
N GLY L 67 -16.56 -53.38 -57.25
CA GLY L 67 -16.81 -54.09 -55.99
C GLY L 67 -15.56 -54.16 -55.13
N LEU L 68 -14.40 -54.37 -55.76
CA LEU L 68 -13.15 -54.43 -55.02
C LEU L 68 -12.76 -53.06 -54.49
N ASP L 69 -13.00 -52.01 -55.29
CA ASP L 69 -12.69 -50.66 -54.84
C ASP L 69 -13.47 -50.31 -53.59
N LYS L 70 -14.72 -50.80 -53.49
CA LYS L 70 -15.53 -50.58 -52.31
C LYS L 70 -14.96 -51.33 -51.11
N GLU L 71 -14.47 -52.55 -51.34
CA GLU L 71 -13.96 -53.38 -50.25
C GLU L 71 -12.58 -52.94 -49.78
N ILE L 72 -11.73 -52.48 -50.70
CA ILE L 72 -10.39 -52.05 -50.33
C ILE L 72 -10.44 -50.77 -49.51
N LYS L 73 -11.20 -49.77 -49.99
CA LYS L 73 -11.34 -48.52 -49.26
C LYS L 73 -11.88 -48.75 -47.85
N GLU L 74 -12.83 -49.68 -47.71
CA GLU L 74 -13.38 -49.99 -46.40
C GLU L 74 -12.33 -50.59 -45.48
N SER L 75 -11.60 -51.60 -45.97
CA SER L 75 -10.56 -52.24 -45.16
C SER L 75 -9.40 -51.28 -44.90
N LEU L 76 -9.09 -50.41 -45.86
CA LEU L 76 -8.02 -49.45 -45.68
C LEU L 76 -8.40 -48.40 -44.65
N LEU L 77 -9.69 -48.13 -44.50
CA LEU L 77 -10.15 -47.11 -43.58
C LEU L 77 -10.10 -47.60 -42.13
N LYS L 78 -10.45 -48.87 -41.90
CA LYS L 78 -10.38 -49.43 -40.57
C LYS L 78 -8.96 -49.79 -40.17
N CYS L 79 -8.03 -49.80 -41.13
CA CYS L 79 -6.61 -49.91 -40.79
C CYS L 79 -6.12 -48.62 -40.16
N GLN L 80 -6.56 -47.48 -40.70
CA GLN L 80 -6.20 -46.19 -40.13
C GLN L 80 -6.75 -46.06 -38.71
N SER L 81 -7.95 -46.58 -38.47
CA SER L 81 -8.55 -46.51 -37.14
C SER L 81 -7.73 -47.31 -36.13
N LEU L 82 -7.32 -48.52 -36.51
CA LEU L 82 -6.49 -49.32 -35.62
C LEU L 82 -5.15 -48.64 -35.34
N GLN L 83 -4.55 -48.04 -36.37
CA GLN L 83 -3.25 -47.41 -36.22
C GLN L 83 -3.34 -46.15 -35.35
N ARG L 84 -4.45 -45.42 -35.45
CA ARG L 84 -4.63 -44.24 -34.60
C ARG L 84 -4.68 -44.65 -33.14
N GLU L 85 -5.36 -45.76 -32.84
CA GLU L 85 -5.44 -46.24 -31.47
C GLU L 85 -4.07 -46.61 -30.94
N LYS L 86 -3.24 -47.25 -31.78
CA LYS L 86 -1.88 -47.59 -31.35
C LYS L 86 -1.06 -46.33 -31.12
N CYS L 87 -1.25 -45.31 -31.94
CA CYS L 87 -0.55 -44.05 -31.72
C CYS L 87 -0.95 -43.46 -30.37
N VAL L 88 -2.25 -43.42 -30.09
CA VAL L 88 -2.74 -42.91 -28.82
C VAL L 88 -2.13 -43.71 -27.67
N LEU L 89 -2.19 -45.05 -27.75
CA LEU L 89 -1.60 -45.89 -26.71
C LEU L 89 -0.11 -45.63 -26.56
N ALA L 90 0.62 -45.51 -27.67
CA ALA L 90 2.05 -45.24 -27.59
C ALA L 90 2.30 -43.86 -26.98
N ASN L 91 1.40 -42.89 -27.26
CA ASN L 91 1.56 -41.55 -26.71
C ASN L 91 1.37 -41.54 -25.19
N THR L 92 0.44 -42.34 -24.66
CA THR L 92 0.23 -42.37 -23.22
C THR L 92 1.50 -42.83 -22.51
N ALA L 93 2.08 -43.94 -22.98
CA ALA L 93 3.30 -44.45 -22.36
C ALA L 93 4.41 -43.39 -22.38
N LEU L 94 4.57 -42.69 -23.50
CA LEU L 94 5.56 -41.61 -23.57
C LEU L 94 5.18 -40.48 -22.64
N PHE L 95 3.89 -40.15 -22.54
CA PHE L 95 3.44 -39.08 -21.67
C PHE L 95 3.69 -39.41 -20.21
N LEU L 96 3.35 -40.63 -19.79
CA LEU L 96 3.51 -41.03 -18.40
C LEU L 96 4.96 -40.95 -17.93
N ILE L 97 5.88 -41.52 -18.73
CA ILE L 97 7.29 -41.54 -18.33
C ILE L 97 7.89 -40.13 -18.38
N ALA L 98 7.52 -39.33 -19.38
CA ALA L 98 8.11 -38.00 -19.51
C ALA L 98 7.71 -37.09 -18.36
N ARG L 99 6.46 -37.21 -17.89
CA ARG L 99 6.03 -36.39 -16.79
C ARG L 99 6.75 -36.79 -15.50
N HIS L 100 6.95 -38.09 -15.31
CA HIS L 100 7.74 -38.56 -14.18
C HIS L 100 9.19 -38.10 -14.30
N LEU L 101 9.72 -38.10 -15.52
CA LEU L 101 11.11 -37.69 -15.73
C LEU L 101 11.28 -36.19 -15.49
N ASN L 102 10.31 -35.39 -15.92
CA ASN L 102 10.40 -33.94 -15.73
C ASN L 102 10.36 -33.58 -14.25
N LYS L 103 9.49 -34.26 -13.48
CA LYS L 103 9.41 -33.98 -12.05
C LYS L 103 10.71 -34.36 -11.36
N LEU L 104 11.33 -35.47 -11.77
CA LEU L 104 12.59 -35.88 -11.16
C LEU L 104 13.71 -34.91 -11.48
N GLU L 105 13.77 -34.42 -12.72
CA GLU L 105 14.82 -33.48 -13.11
C GLU L 105 14.67 -32.16 -12.37
N LYS L 106 13.44 -31.75 -12.05
CA LYS L 106 13.27 -30.57 -11.23
C LYS L 106 13.78 -30.83 -9.82
N ASN L 107 13.50 -32.02 -9.27
CA ASN L 107 14.00 -32.37 -7.95
C ASN L 107 15.52 -32.45 -7.93
N ILE L 108 16.11 -33.07 -8.96
CA ILE L 108 17.57 -33.14 -9.03
C ILE L 108 18.17 -31.74 -9.13
N ALA L 109 17.53 -30.86 -9.91
CA ALA L 109 18.00 -29.48 -10.01
C ALA L 109 17.91 -28.77 -8.66
N LEU L 110 16.80 -28.95 -7.94
CA LEU L 110 16.66 -28.34 -6.63
C LEU L 110 17.67 -28.91 -5.64
N LEU L 111 18.01 -30.19 -5.78
CA LEU L 111 19.02 -30.79 -4.92
C LEU L 111 20.42 -30.31 -5.31
N GLU L 112 20.64 -30.04 -6.58
CA GLU L 112 21.93 -29.52 -7.02
C GLU L 112 22.09 -28.05 -6.66
N GLU L 113 20.97 -27.31 -6.57
CA GLU L 113 21.03 -25.93 -6.14
C GLU L 113 21.47 -25.81 -4.68
N ASP L 114 21.34 -26.87 -3.92
CA ASP L 114 21.90 -26.95 -2.58
C ASP L 114 23.20 -27.76 -2.65
N GLY L 115 23.95 -27.72 -1.56
CA GLY L 115 25.12 -28.58 -1.50
C GLY L 115 24.80 -30.01 -1.20
N VAL L 116 23.51 -30.32 -1.12
CA VAL L 116 23.03 -31.65 -0.74
C VAL L 116 23.44 -32.68 -1.78
N LEU L 117 23.21 -32.38 -3.06
CA LEU L 117 23.54 -33.29 -4.15
C LEU L 117 24.65 -32.71 -5.01
N ALA L 118 25.69 -33.52 -5.24
CA ALA L 118 26.83 -33.09 -6.04
C ALA L 118 26.50 -33.18 -7.52
N PRO L 119 26.80 -32.15 -8.31
CA PRO L 119 26.59 -32.12 -9.77
C PRO L 119 27.69 -32.85 -10.54
#